data_7JJE
# 
_entry.id   7JJE 
# 
_audit_conform.dict_name       mmcif_pdbx.dic 
_audit_conform.dict_version    5.380 
_audit_conform.dict_location   http://mmcif.pdb.org/dictionaries/ascii/mmcif_pdbx.dic 
# 
loop_
_database_2.database_id 
_database_2.database_code 
_database_2.pdbx_database_accession 
_database_2.pdbx_DOI 
PDB   7JJE         pdb_00007jje 10.2210/pdb7jje/pdb 
WWPDB D_1000250944 ?            ?                   
# 
_pdbx_database_status.status_code                     REL 
_pdbx_database_status.status_code_sf                  REL 
_pdbx_database_status.status_code_mr                  ? 
_pdbx_database_status.entry_id                        7JJE 
_pdbx_database_status.recvd_initial_deposition_date   2020-07-25 
_pdbx_database_status.SG_entry                        N 
_pdbx_database_status.deposit_site                    RCSB 
_pdbx_database_status.process_site                    RCSB 
_pdbx_database_status.status_code_cs                  ? 
_pdbx_database_status.status_code_nmr_data            ? 
_pdbx_database_status.methods_development_category    ? 
_pdbx_database_status.pdb_format_compatible           Y 
# 
loop_
_audit_author.name 
_audit_author.pdbx_ordinal 
_audit_author.identifier_ORCID 
'Pallan, P.S.' 1 ?                   
'Egli, M.'     2 ?                   
'Harp, J.M.'   3 0000-0002-9116-5606 
# 
_citation.abstract                  ? 
_citation.abstract_id_CAS           ? 
_citation.book_id_ISBN              ? 
_citation.book_publisher            ? 
_citation.book_publisher_city       ? 
_citation.book_title                ? 
_citation.coordinate_linkage        ? 
_citation.country                   US 
_citation.database_id_Medline       ? 
_citation.details                   ? 
_citation.id                        primary 
_citation.journal_abbrev            Biochemistry 
_citation.journal_id_ASTM           BICHAW 
_citation.journal_id_CSD            0033 
_citation.journal_id_ISSN           0006-2960 
_citation.journal_full              ? 
_citation.journal_issue             ? 
_citation.journal_volume            59 
_citation.language                  ? 
_citation.page_first                4627 
_citation.page_last                 4637 
_citation.title                     
'Incorporating a Thiophosphate Modification into a Common RNA Tetraloop Motif Causes an Unanticipated Stability Boost.' 
_citation.year                      2020 
_citation.database_id_CSD           ? 
_citation.pdbx_database_id_DOI      10.1021/acs.biochem.0c00685 
_citation.pdbx_database_id_PubMed   33275419 
_citation.unpublished_flag          ? 
# 
loop_
_citation_author.citation_id 
_citation_author.name 
_citation_author.ordinal 
_citation_author.identifier_ORCID 
primary 'Pallan, P.S.'   1 ?                   
primary 'Lybrand, T.P.'  2 0000-0002-2248-104X 
primary 'Schlegel, M.K.' 3 0000-0002-0127-608X 
primary 'Harp, J.M.'     4 ?                   
primary 'Jahns, H.'      5 ?                   
primary 'Manoharan, M.'  6 0000-0002-7931-1172 
primary 'Egli, M.'       7 0000-0003-4145-356X 
# 
_cell.angle_alpha                  90.000 
_cell.angle_alpha_esd              ? 
_cell.angle_beta                   90.000 
_cell.angle_beta_esd               ? 
_cell.angle_gamma                  90.000 
_cell.angle_gamma_esd              ? 
_cell.entry_id                     7JJE 
_cell.details                      ? 
_cell.formula_units_Z              ? 
_cell.length_a                     29.581 
_cell.length_a_esd                 ? 
_cell.length_b                     29.581 
_cell.length_b_esd                 ? 
_cell.length_c                     76.653 
_cell.length_c_esd                 ? 
_cell.volume                       ? 
_cell.volume_esd                   ? 
_cell.Z_PDB                        4 
_cell.reciprocal_angle_alpha       ? 
_cell.reciprocal_angle_beta        ? 
_cell.reciprocal_angle_gamma       ? 
_cell.reciprocal_angle_alpha_esd   ? 
_cell.reciprocal_angle_beta_esd    ? 
_cell.reciprocal_angle_gamma_esd   ? 
_cell.reciprocal_length_a          ? 
_cell.reciprocal_length_b          ? 
_cell.reciprocal_length_c          ? 
_cell.reciprocal_length_a_esd      ? 
_cell.reciprocal_length_b_esd      ? 
_cell.reciprocal_length_c_esd      ? 
_cell.pdbx_unique_axis             ? 
# 
_symmetry.entry_id                         7JJE 
_symmetry.cell_setting                     ? 
_symmetry.Int_Tables_number                78 
_symmetry.space_group_name_Hall            ? 
_symmetry.space_group_name_H-M             'P 43' 
_symmetry.pdbx_full_space_group_name_H-M   ? 
# 
loop_
_entity.id 
_entity.type 
_entity.src_method 
_entity.pdbx_description 
_entity.formula_weight 
_entity.pdbx_number_of_molecules 
_entity.pdbx_ec 
_entity.pdbx_mutation 
_entity.pdbx_fragment 
_entity.details 
1 polymer syn 'RNA (27-MER)' 8778.401 1  ? ? ? ? 
2 water   nat water          18.015   98 ? ? ? ? 
# 
_entity_poly.entity_id                      1 
_entity_poly.type                           polyribonucleotide 
_entity_poly.nstd_linkage                   no 
_entity_poly.nstd_monomer                   yes 
_entity_poly.pdbx_seq_one_letter_code       'UGCUCCUAGUACGA(2SG)AGGACCGGAGUG' 
_entity_poly.pdbx_seq_one_letter_code_can   UGCUCCUAGUACGAXAGGACCGGAGUG 
_entity_poly.pdbx_strand_id                 A 
_entity_poly.pdbx_target_identifier         ? 
# 
loop_
_entity_poly_seq.entity_id 
_entity_poly_seq.num 
_entity_poly_seq.mon_id 
_entity_poly_seq.hetero 
1 1  U   n 
1 2  G   n 
1 3  C   n 
1 4  U   n 
1 5  C   n 
1 6  C   n 
1 7  U   n 
1 8  A   n 
1 9  G   n 
1 10 U   n 
1 11 A   n 
1 12 C   n 
1 13 G   n 
1 14 A   n 
1 15 2SG n 
1 16 A   n 
1 17 G   n 
1 18 G   n 
1 19 A   n 
1 20 C   n 
1 21 C   n 
1 22 G   n 
1 23 G   n 
1 24 A   n 
1 25 G   n 
1 26 U   n 
1 27 G   n 
# 
_pdbx_entity_src_syn.entity_id              1 
_pdbx_entity_src_syn.pdbx_src_id            1 
_pdbx_entity_src_syn.pdbx_alt_source_flag   sample 
_pdbx_entity_src_syn.pdbx_beg_seq_num       1 
_pdbx_entity_src_syn.pdbx_end_seq_num       27 
_pdbx_entity_src_syn.organism_scientific    'synthetic construct' 
_pdbx_entity_src_syn.organism_common_name   ? 
_pdbx_entity_src_syn.ncbi_taxonomy_id       32630 
_pdbx_entity_src_syn.details                ? 
# 
_struct_ref.id                         1 
_struct_ref.db_name                    PDB 
_struct_ref.db_code                    7JJE 
_struct_ref.pdbx_db_accession          7JJE 
_struct_ref.pdbx_db_isoform            ? 
_struct_ref.entity_id                  1 
_struct_ref.pdbx_seq_one_letter_code   ? 
_struct_ref.pdbx_align_begin           1 
# 
_struct_ref_seq.align_id                      1 
_struct_ref_seq.ref_id                        1 
_struct_ref_seq.pdbx_PDB_id_code              7JJE 
_struct_ref_seq.pdbx_strand_id                A 
_struct_ref_seq.seq_align_beg                 1 
_struct_ref_seq.pdbx_seq_align_beg_ins_code   ? 
_struct_ref_seq.seq_align_end                 27 
_struct_ref_seq.pdbx_seq_align_end_ins_code   ? 
_struct_ref_seq.pdbx_db_accession             7JJE 
_struct_ref_seq.db_align_beg                  2647 
_struct_ref_seq.pdbx_db_align_beg_ins_code    ? 
_struct_ref_seq.db_align_end                  2673 
_struct_ref_seq.pdbx_db_align_end_ins_code    ? 
_struct_ref_seq.pdbx_auth_seq_align_beg       2647 
_struct_ref_seq.pdbx_auth_seq_align_end       2673 
# 
loop_
_chem_comp.id 
_chem_comp.type 
_chem_comp.mon_nstd_flag 
_chem_comp.name 
_chem_comp.pdbx_synonyms 
_chem_comp.formula 
_chem_comp.formula_weight 
2SG 'RNA linking' n 'guanosine phosphorodithioate' ? 'C10 H16 N5 O6 P S2' 397.368 
A   'RNA linking' y "ADENOSINE-5'-MONOPHOSPHATE"   ? 'C10 H14 N5 O7 P'    347.221 
C   'RNA linking' y "CYTIDINE-5'-MONOPHOSPHATE"    ? 'C9 H14 N3 O8 P'     323.197 
G   'RNA linking' y "GUANOSINE-5'-MONOPHOSPHATE"   ? 'C10 H14 N5 O8 P'    363.221 
HOH non-polymer   . WATER                          ? 'H2 O'               18.015  
U   'RNA linking' y "URIDINE-5'-MONOPHOSPHATE"     ? 'C9 H13 N2 O9 P'     324.181 
# 
_exptl.absorpt_coefficient_mu     ? 
_exptl.absorpt_correction_T_max   ? 
_exptl.absorpt_correction_T_min   ? 
_exptl.absorpt_correction_type    ? 
_exptl.absorpt_process_details    ? 
_exptl.entry_id                   7JJE 
_exptl.crystals_number            1 
_exptl.details                    ? 
_exptl.method                     'X-RAY DIFFRACTION' 
_exptl.method_details             ? 
# 
_exptl_crystal.colour                      ? 
_exptl_crystal.density_diffrn              ? 
_exptl_crystal.density_Matthews            1.91 
_exptl_crystal.density_method              ? 
_exptl_crystal.density_percent_sol         35.61 
_exptl_crystal.description                 ? 
_exptl_crystal.F_000                       ? 
_exptl_crystal.id                          1 
_exptl_crystal.preparation                 ? 
_exptl_crystal.size_max                    ? 
_exptl_crystal.size_mid                    ? 
_exptl_crystal.size_min                    ? 
_exptl_crystal.size_rad                    ? 
_exptl_crystal.colour_lustre               ? 
_exptl_crystal.colour_modifier             ? 
_exptl_crystal.colour_primary              ? 
_exptl_crystal.density_meas                ? 
_exptl_crystal.density_meas_esd            ? 
_exptl_crystal.density_meas_gt             ? 
_exptl_crystal.density_meas_lt             ? 
_exptl_crystal.density_meas_temp           ? 
_exptl_crystal.density_meas_temp_esd       ? 
_exptl_crystal.density_meas_temp_gt        ? 
_exptl_crystal.density_meas_temp_lt        ? 
_exptl_crystal.pdbx_crystal_image_url      ? 
_exptl_crystal.pdbx_crystal_image_format   ? 
_exptl_crystal.pdbx_mosaicity              ? 
_exptl_crystal.pdbx_mosaicity_esd          ? 
# 
_exptl_crystal_grow.apparatus       ? 
_exptl_crystal_grow.atmosphere      ? 
_exptl_crystal_grow.crystal_id      1 
_exptl_crystal_grow.details         ? 
_exptl_crystal_grow.method          'VAPOR DIFFUSION, HANGING DROP' 
_exptl_crystal_grow.method_ref      ? 
_exptl_crystal_grow.pH              ? 
_exptl_crystal_grow.pressure        ? 
_exptl_crystal_grow.pressure_esd    ? 
_exptl_crystal_grow.seeding         ? 
_exptl_crystal_grow.seeding_ref     ? 
_exptl_crystal_grow.temp            291 
_exptl_crystal_grow.temp_details    ? 
_exptl_crystal_grow.temp_esd        ? 
_exptl_crystal_grow.time            ? 
_exptl_crystal_grow.pdbx_details    
;Crystallization set-ups were made by mixing 4 uL of 350 uM RNA solution  [1 mM
Na 2 EDTA (pH 8.0) and 10 mM Tris-HCl (pH 8.0)] with 2 uL of a crystallization buffer composed of 3.0 M ammonium sulfate,
10 mM magnesium chloride, 10 mM manganese chloride, and 50 mM potassium 3-(N-morpholino) propanesulfonic acid (MOPS), pH 7.0 at 18 C.
;
_exptl_crystal_grow.pdbx_pH_range   7-8 
# 
_diffrn.ambient_environment              ? 
_diffrn.ambient_temp                     100 
_diffrn.ambient_temp_details             ? 
_diffrn.ambient_temp_esd                 ? 
_diffrn.crystal_id                       1 
_diffrn.crystal_support                  ? 
_diffrn.crystal_treatment                ? 
_diffrn.details                          ? 
_diffrn.id                               1 
_diffrn.ambient_pressure                 ? 
_diffrn.ambient_pressure_esd             ? 
_diffrn.ambient_pressure_gt              ? 
_diffrn.ambient_pressure_lt              ? 
_diffrn.ambient_temp_gt                  ? 
_diffrn.ambient_temp_lt                  ? 
_diffrn.pdbx_serial_crystal_experiment   N 
# 
_diffrn_detector.details                      ? 
_diffrn_detector.detector                     CCD 
_diffrn_detector.diffrn_id                    1 
_diffrn_detector.type                         'MARMOSAIC 300 mm CCD' 
_diffrn_detector.area_resol_mean              ? 
_diffrn_detector.dtime                        ? 
_diffrn_detector.pdbx_frames_total            ? 
_diffrn_detector.pdbx_collection_time_total   ? 
_diffrn_detector.pdbx_collection_date         2018-04-10 
_diffrn_detector.pdbx_frequency               ? 
# 
_diffrn_radiation.collimation                      ? 
_diffrn_radiation.diffrn_id                        1 
_diffrn_radiation.filter_edge                      ? 
_diffrn_radiation.inhomogeneity                    ? 
_diffrn_radiation.monochromator                    'C(111)' 
_diffrn_radiation.polarisn_norm                    ? 
_diffrn_radiation.polarisn_ratio                   ? 
_diffrn_radiation.probe                            ? 
_diffrn_radiation.type                             ? 
_diffrn_radiation.xray_symbol                      ? 
_diffrn_radiation.wavelength_id                    1 
_diffrn_radiation.pdbx_monochromatic_or_laue_m_l   M 
_diffrn_radiation.pdbx_wavelength_list             ? 
_diffrn_radiation.pdbx_wavelength                  ? 
_diffrn_radiation.pdbx_diffrn_protocol             'SINGLE WAVELENGTH' 
_diffrn_radiation.pdbx_analyzer                    ? 
_diffrn_radiation.pdbx_scattering_type             x-ray 
# 
_diffrn_radiation_wavelength.id           1 
_diffrn_radiation_wavelength.wavelength   0.97857 
_diffrn_radiation_wavelength.wt           1.0 
# 
_diffrn_source.current                     ? 
_diffrn_source.details                     ? 
_diffrn_source.diffrn_id                   1 
_diffrn_source.power                       ? 
_diffrn_source.size                        ? 
_diffrn_source.source                      SYNCHROTRON 
_diffrn_source.target                      ? 
_diffrn_source.type                        'APS BEAMLINE 21-ID-G' 
_diffrn_source.voltage                     ? 
_diffrn_source.take-off_angle              ? 
_diffrn_source.pdbx_wavelength_list        0.97857 
_diffrn_source.pdbx_wavelength             ? 
_diffrn_source.pdbx_synchrotron_beamline   21-ID-G 
_diffrn_source.pdbx_synchrotron_site       APS 
# 
_reflns.B_iso_Wilson_estimate            ? 
_reflns.entry_id                         7JJE 
_reflns.data_reduction_details           ? 
_reflns.data_reduction_method            ? 
_reflns.d_resolution_high                1.25 
_reflns.d_resolution_low                 30 
_reflns.details                          ? 
_reflns.limit_h_max                      ? 
_reflns.limit_h_min                      ? 
_reflns.limit_k_max                      ? 
_reflns.limit_k_min                      ? 
_reflns.limit_l_max                      ? 
_reflns.limit_l_min                      ? 
_reflns.number_all                       ? 
_reflns.number_obs                       18152 
_reflns.observed_criterion               ? 
_reflns.observed_criterion_F_max         ? 
_reflns.observed_criterion_F_min         ? 
_reflns.observed_criterion_I_max         ? 
_reflns.observed_criterion_I_min         ? 
_reflns.observed_criterion_sigma_F       ? 
_reflns.observed_criterion_sigma_I       ? 
_reflns.percent_possible_obs             99.5 
_reflns.R_free_details                   ? 
_reflns.Rmerge_F_all                     ? 
_reflns.Rmerge_F_obs                     ? 
_reflns.Friedel_coverage                 ? 
_reflns.number_gt                        ? 
_reflns.threshold_expression             ? 
_reflns.pdbx_redundancy                  6.0 
_reflns.pdbx_Rmerge_I_obs                0.065 
_reflns.pdbx_Rmerge_I_all                ? 
_reflns.pdbx_Rsym_value                  ? 
_reflns.pdbx_netI_over_av_sigmaI         ? 
_reflns.pdbx_netI_over_sigmaI            40.06 
_reflns.pdbx_res_netI_over_av_sigmaI_2   ? 
_reflns.pdbx_res_netI_over_sigmaI_2      ? 
_reflns.pdbx_chi_squared                 ? 
_reflns.pdbx_scaling_rejects             ? 
_reflns.pdbx_d_res_high_opt              ? 
_reflns.pdbx_d_res_low_opt               ? 
_reflns.pdbx_d_res_opt_method            ? 
_reflns.phase_calculation_details        ? 
_reflns.pdbx_Rrim_I_all                  ? 
_reflns.pdbx_Rpim_I_all                  0.028 
_reflns.pdbx_d_opt                       ? 
_reflns.pdbx_number_measured_all         ? 
_reflns.pdbx_diffrn_id                   1 
_reflns.pdbx_ordinal                     1 
_reflns.pdbx_CC_half                     ? 
_reflns.pdbx_CC_star                     ? 
_reflns.pdbx_R_split                     ? 
# 
_reflns_shell.d_res_high                  1.25 
_reflns_shell.d_res_low                   1.29 
_reflns_shell.meanI_over_sigI_all         ? 
_reflns_shell.meanI_over_sigI_obs         2.76 
_reflns_shell.number_measured_all         ? 
_reflns_shell.number_measured_obs         ? 
_reflns_shell.number_possible             ? 
_reflns_shell.number_unique_all           ? 
_reflns_shell.number_unique_obs           1812 
_reflns_shell.percent_possible_all        99.3 
_reflns_shell.percent_possible_obs        ? 
_reflns_shell.Rmerge_F_all                ? 
_reflns_shell.Rmerge_F_obs                ? 
_reflns_shell.Rmerge_I_all                ? 
_reflns_shell.Rmerge_I_obs                0.51 
_reflns_shell.meanI_over_sigI_gt          ? 
_reflns_shell.meanI_over_uI_all           ? 
_reflns_shell.meanI_over_uI_gt            ? 
_reflns_shell.number_measured_gt          ? 
_reflns_shell.number_unique_gt            ? 
_reflns_shell.percent_possible_gt         ? 
_reflns_shell.Rmerge_F_gt                 ? 
_reflns_shell.Rmerge_I_gt                 ? 
_reflns_shell.pdbx_redundancy             5.3 
_reflns_shell.pdbx_Rsym_value             ? 
_reflns_shell.pdbx_chi_squared            ? 
_reflns_shell.pdbx_netI_over_sigmaI_all   ? 
_reflns_shell.pdbx_netI_over_sigmaI_obs   ? 
_reflns_shell.pdbx_Rrim_I_all             ? 
_reflns_shell.pdbx_Rpim_I_all             0.239 
_reflns_shell.pdbx_rejects                ? 
_reflns_shell.pdbx_ordinal                1 
_reflns_shell.pdbx_diffrn_id              1 
_reflns_shell.pdbx_CC_half                ? 
_reflns_shell.pdbx_CC_star                ? 
_reflns_shell.pdbx_R_split                ? 
# 
_refine.aniso_B[1][1]                            -1.6300 
_refine.aniso_B[1][2]                            -0.0000 
_refine.aniso_B[1][3]                            -0.0000 
_refine.aniso_B[2][2]                            -1.6300 
_refine.aniso_B[2][3]                            -0.0000 
_refine.aniso_B[3][3]                            3.2600 
_refine.B_iso_max                                57.960 
_refine.B_iso_mean                               15.6410 
_refine.B_iso_min                                6.690 
_refine.correlation_coeff_Fo_to_Fc               0.9850 
_refine.correlation_coeff_Fo_to_Fc_free          0.9750 
_refine.details                                  ? 
_refine.diff_density_max                         ? 
_refine.diff_density_max_esd                     ? 
_refine.diff_density_min                         ? 
_refine.diff_density_min_esd                     ? 
_refine.diff_density_rms                         ? 
_refine.diff_density_rms_esd                     ? 
_refine.entry_id                                 7JJE 
_refine.pdbx_refine_id                           'X-RAY DIFFRACTION' 
_refine.ls_abs_structure_details                 ? 
_refine.ls_abs_structure_Flack                   ? 
_refine.ls_abs_structure_Flack_esd               ? 
_refine.ls_abs_structure_Rogers                  ? 
_refine.ls_abs_structure_Rogers_esd              ? 
_refine.ls_d_res_high                            1.2500 
_refine.ls_d_res_low                             27.6000 
_refine.ls_extinction_coef                       ? 
_refine.ls_extinction_coef_esd                   ? 
_refine.ls_extinction_expression                 ? 
_refine.ls_extinction_method                     ? 
_refine.ls_goodness_of_fit_all                   ? 
_refine.ls_goodness_of_fit_all_esd               ? 
_refine.ls_goodness_of_fit_obs                   ? 
_refine.ls_goodness_of_fit_obs_esd               ? 
_refine.ls_hydrogen_treatment                    ? 
_refine.ls_matrix_type                           ? 
_refine.ls_number_constraints                    ? 
_refine.ls_number_parameters                     ? 
_refine.ls_number_reflns_all                     ? 
_refine.ls_number_reflns_obs                     17225 
_refine.ls_number_reflns_R_free                  901 
_refine.ls_number_reflns_R_work                  ? 
_refine.ls_number_restraints                     ? 
_refine.ls_percent_reflns_obs                    99.4700 
_refine.ls_percent_reflns_R_free                 5.0000 
_refine.ls_R_factor_all                          ? 
_refine.ls_R_factor_obs                          0.1122 
_refine.ls_R_factor_R_free                       0.1478 
_refine.ls_R_factor_R_free_error                 ? 
_refine.ls_R_factor_R_free_error_details         ? 
_refine.ls_R_factor_R_work                       0.1103 
_refine.ls_R_Fsqd_factor_obs                     ? 
_refine.ls_R_I_factor_obs                        ? 
_refine.ls_redundancy_reflns_all                 ? 
_refine.ls_redundancy_reflns_obs                 ? 
_refine.ls_restrained_S_all                      ? 
_refine.ls_restrained_S_obs                      ? 
_refine.ls_shift_over_esd_max                    ? 
_refine.ls_shift_over_esd_mean                   ? 
_refine.ls_structure_factor_coef                 ? 
_refine.ls_weighting_details                     ? 
_refine.ls_weighting_scheme                      ? 
_refine.ls_wR_factor_all                         ? 
_refine.ls_wR_factor_obs                         ? 
_refine.ls_wR_factor_R_free                      ? 
_refine.ls_wR_factor_R_work                      ? 
_refine.occupancy_max                            ? 
_refine.occupancy_min                            ? 
_refine.solvent_model_details                    MASK 
_refine.solvent_model_param_bsol                 ? 
_refine.solvent_model_param_ksol                 ? 
_refine.pdbx_R_complete                          ? 
_refine.ls_R_factor_gt                           ? 
_refine.ls_goodness_of_fit_gt                    ? 
_refine.ls_goodness_of_fit_ref                   ? 
_refine.ls_shift_over_su_max                     ? 
_refine.ls_shift_over_su_max_lt                  ? 
_refine.ls_shift_over_su_mean                    ? 
_refine.ls_shift_over_su_mean_lt                 ? 
_refine.pdbx_ls_sigma_I                          ? 
_refine.pdbx_ls_sigma_F                          0.000 
_refine.pdbx_ls_sigma_Fsqd                       ? 
_refine.pdbx_data_cutoff_high_absF               ? 
_refine.pdbx_data_cutoff_high_rms_absF           ? 
_refine.pdbx_data_cutoff_low_absF                ? 
_refine.pdbx_isotropic_thermal_model             ? 
_refine.pdbx_ls_cross_valid_method               THROUGHOUT 
_refine.pdbx_method_to_determine_struct          'MOLECULAR REPLACEMENT' 
_refine.pdbx_starting_model                      'PDB ID: 3S7C' 
_refine.pdbx_stereochemistry_target_values       'MAXIMUM LIKELIHOOD' 
_refine.pdbx_R_Free_selection_details            RANDOM 
_refine.pdbx_stereochem_target_val_spec_case     ? 
_refine.pdbx_overall_ESU_R                       0.0080 
_refine.pdbx_overall_ESU_R_Free                  0.0080 
_refine.pdbx_solvent_vdw_probe_radii             1.2000 
_refine.pdbx_solvent_ion_probe_radii             0.8000 
_refine.pdbx_solvent_shrinkage_radii             0.8000 
_refine.pdbx_real_space_R                        ? 
_refine.pdbx_density_correlation                 ? 
_refine.pdbx_pd_number_of_powder_patterns        ? 
_refine.pdbx_pd_number_of_points                 ? 
_refine.pdbx_pd_meas_number_of_points            ? 
_refine.pdbx_pd_proc_ls_prof_R_factor            ? 
_refine.pdbx_pd_proc_ls_prof_wR_factor           ? 
_refine.pdbx_pd_Marquardt_correlation_coeff      ? 
_refine.pdbx_pd_Fsqrd_R_factor                   ? 
_refine.pdbx_pd_ls_matrix_band_width             ? 
_refine.pdbx_overall_phase_error                 ? 
_refine.pdbx_overall_SU_R_free_Cruickshank_DPI   ? 
_refine.pdbx_overall_SU_R_free_Blow_DPI          ? 
_refine.pdbx_overall_SU_R_Blow_DPI               ? 
_refine.pdbx_TLS_residual_ADP_flag               ? 
_refine.pdbx_diffrn_id                           1 
_refine.overall_SU_B                             0.6840 
_refine.overall_SU_ML                            0.0150 
_refine.overall_SU_R_Cruickshank_DPI             ? 
_refine.overall_SU_R_free                        ? 
_refine.overall_FOM_free_R_set                   ? 
_refine.overall_FOM_work_R_set                   ? 
_refine.pdbx_average_fsc_overall                 ? 
_refine.pdbx_average_fsc_work                    ? 
_refine.pdbx_average_fsc_free                    ? 
# 
_refine_hist.pdbx_refine_id                   'X-RAY DIFFRACTION' 
_refine_hist.cycle_id                         final 
_refine_hist.details                          ? 
_refine_hist.d_res_high                       1.2500 
_refine_hist.d_res_low                        27.6000 
_refine_hist.number_atoms_solvent             98 
_refine_hist.number_atoms_total               677 
_refine_hist.number_reflns_all                ? 
_refine_hist.number_reflns_obs                ? 
_refine_hist.number_reflns_R_free             ? 
_refine_hist.number_reflns_R_work             ? 
_refine_hist.R_factor_all                     ? 
_refine_hist.R_factor_obs                     ? 
_refine_hist.R_factor_R_free                  ? 
_refine_hist.R_factor_R_work                  ? 
_refine_hist.pdbx_number_residues_total       27 
_refine_hist.pdbx_B_iso_mean_ligand           ? 
_refine_hist.pdbx_B_iso_mean_solvent          26.48 
_refine_hist.pdbx_number_atoms_protein        0 
_refine_hist.pdbx_number_atoms_nucleic_acid   579 
_refine_hist.pdbx_number_atoms_ligand         0 
_refine_hist.pdbx_number_atoms_lipid          ? 
_refine_hist.pdbx_number_atoms_carb           ? 
_refine_hist.pdbx_pseudo_atom_details         ? 
# 
loop_
_refine_ls_restr.pdbx_refine_id 
_refine_ls_restr.criterion 
_refine_ls_restr.dev_ideal 
_refine_ls_restr.dev_ideal_target 
_refine_ls_restr.number 
_refine_ls_restr.rejects 
_refine_ls_restr.type 
_refine_ls_restr.weight 
_refine_ls_restr.pdbx_restraint_function 
'X-RAY DIFFRACTION' ? 0.011 0.011 701  ? r_bond_refined_d     ? ? 
'X-RAY DIFFRACTION' ? 0.000 0.020 286  ? r_bond_other_d       ? ? 
'X-RAY DIFFRACTION' ? 1.745 1.331 1092 ? r_angle_refined_deg  ? ? 
'X-RAY DIFFRACTION' ? 1.670 3.000 694  ? r_angle_other_deg    ? ? 
'X-RAY DIFFRACTION' ? 0.109 0.200 118  ? r_chiral_restr       ? ? 
'X-RAY DIFFRACTION' ? 0.028 0.020 352  ? r_gen_planes_refined ? ? 
'X-RAY DIFFRACTION' ? 0.004 0.020 155  ? r_gen_planes_other   ? ? 
'X-RAY DIFFRACTION' ? 6.432 3.000 987  ? r_rigid_bond_restr   ? ? 
# 
_refine_ls_shell.pdbx_refine_id                   'X-RAY DIFFRACTION' 
_refine_ls_shell.d_res_high                       1.2500 
_refine_ls_shell.d_res_low                        1.2820 
_refine_ls_shell.number_reflns_all                1332 
_refine_ls_shell.number_reflns_obs                ? 
_refine_ls_shell.number_reflns_R_free             81 
_refine_ls_shell.number_reflns_R_work             1251 
_refine_ls_shell.percent_reflns_obs               97.0800 
_refine_ls_shell.percent_reflns_R_free            ? 
_refine_ls_shell.R_factor_all                     ? 
_refine_ls_shell.R_factor_obs                     ? 
_refine_ls_shell.R_factor_R_free                  0.2470 
_refine_ls_shell.R_factor_R_free_error            0.0000 
_refine_ls_shell.R_factor_R_work                  0.1400 
_refine_ls_shell.redundancy_reflns_all            ? 
_refine_ls_shell.redundancy_reflns_obs            ? 
_refine_ls_shell.wR_factor_all                    ? 
_refine_ls_shell.wR_factor_obs                    ? 
_refine_ls_shell.wR_factor_R_free                 ? 
_refine_ls_shell.wR_factor_R_work                 ? 
_refine_ls_shell.pdbx_R_complete                  ? 
_refine_ls_shell.pdbx_total_number_of_bins_used   20 
_refine_ls_shell.pdbx_phase_error                 ? 
_refine_ls_shell.pdbx_fsc_work                    ? 
_refine_ls_shell.pdbx_fsc_free                    ? 
# 
_struct.entry_id                     7JJE 
_struct.title                        'Sarcin-ricin loop with guanosine dithiophosphate residue.' 
_struct.pdbx_model_details           ? 
_struct.pdbx_formula_weight          ? 
_struct.pdbx_formula_weight_method   ? 
_struct.pdbx_model_type_details      ? 
_struct.pdbx_CASP_flag               N 
# 
_struct_keywords.entry_id        7JJE 
_struct_keywords.text            'Sarcin-ricin loop, RNA crystal structure, RNA tetraloops, RNA' 
_struct_keywords.pdbx_keywords   RNA 
# 
loop_
_struct_asym.id 
_struct_asym.pdbx_blank_PDB_chainid_flag 
_struct_asym.pdbx_modified 
_struct_asym.entity_id 
_struct_asym.details 
A N N 1 ? 
B N N 2 ? 
# 
loop_
_struct_conn.id 
_struct_conn.conn_type_id 
_struct_conn.pdbx_leaving_atom_flag 
_struct_conn.pdbx_PDB_id 
_struct_conn.ptnr1_label_asym_id 
_struct_conn.ptnr1_label_comp_id 
_struct_conn.ptnr1_label_seq_id 
_struct_conn.ptnr1_label_atom_id 
_struct_conn.pdbx_ptnr1_label_alt_id 
_struct_conn.pdbx_ptnr1_PDB_ins_code 
_struct_conn.pdbx_ptnr1_standard_comp_id 
_struct_conn.ptnr1_symmetry 
_struct_conn.ptnr2_label_asym_id 
_struct_conn.ptnr2_label_comp_id 
_struct_conn.ptnr2_label_seq_id 
_struct_conn.ptnr2_label_atom_id 
_struct_conn.pdbx_ptnr2_label_alt_id 
_struct_conn.pdbx_ptnr2_PDB_ins_code 
_struct_conn.ptnr1_auth_asym_id 
_struct_conn.ptnr1_auth_comp_id 
_struct_conn.ptnr1_auth_seq_id 
_struct_conn.ptnr2_auth_asym_id 
_struct_conn.ptnr2_auth_comp_id 
_struct_conn.ptnr2_auth_seq_id 
_struct_conn.ptnr2_symmetry 
_struct_conn.pdbx_ptnr3_label_atom_id 
_struct_conn.pdbx_ptnr3_label_seq_id 
_struct_conn.pdbx_ptnr3_label_comp_id 
_struct_conn.pdbx_ptnr3_label_asym_id 
_struct_conn.pdbx_ptnr3_label_alt_id 
_struct_conn.pdbx_ptnr3_PDB_ins_code 
_struct_conn.details 
_struct_conn.pdbx_dist_value 
_struct_conn.pdbx_value_order 
_struct_conn.pdbx_role 
covale1  covale both ? A A   14 "O3'" ? ? ? 1_555 A 2SG 15 P  ? ? A A   2660 A 2SG 2661 1_555 ? ? ? ? ? ? ?                    
1.524 ? ? 
covale2  covale both ? A 2SG 15 "O3'" ? ? ? 1_555 A A   16 P  ? ? A 2SG 2661 A A   2662 1_555 ? ? ? ? ? ? ?                    
1.641 ? ? 
hydrog1  hydrog ?    ? A G   2  N1    A ? ? 1_555 A U   26 O2 ? ? A G   2648 A U   2672 1_555 ? ? ? ? ? ? TYPE_28_PAIR         ? ? 
? 
hydrog2  hydrog ?    ? A G   2  N1    B ? ? 1_555 A U   26 O2 ? ? A G   2648 A U   2672 1_555 ? ? ? ? ? ? TYPE_28_PAIR         ? ? 
? 
hydrog3  hydrog ?    ? A G   2  O6    A ? ? 1_555 A U   26 N3 ? ? A G   2648 A U   2672 1_555 ? ? ? ? ? ? TYPE_28_PAIR         ? ? 
? 
hydrog4  hydrog ?    ? A G   2  O6    B ? ? 1_555 A U   26 N3 ? ? A G   2648 A U   2672 1_555 ? ? ? ? ? ? TYPE_28_PAIR         ? ? 
? 
hydrog5  hydrog ?    ? A C   3  N3    A ? ? 1_555 A G   25 N1 ? ? A C   2649 A G   2671 1_555 ? ? ? ? ? ? WATSON-CRICK         ? ? 
? 
hydrog6  hydrog ?    ? A C   3  N3    B ? ? 1_555 A G   25 N1 ? ? A C   2649 A G   2671 1_555 ? ? ? ? ? ? WATSON-CRICK         ? ? 
? 
hydrog7  hydrog ?    ? A C   3  N4    A ? ? 1_555 A G   25 O6 ? ? A C   2649 A G   2671 1_555 ? ? ? ? ? ? WATSON-CRICK         ? ? 
? 
hydrog8  hydrog ?    ? A C   3  N4    B ? ? 1_555 A G   25 O6 ? ? A C   2649 A G   2671 1_555 ? ? ? ? ? ? WATSON-CRICK         ? ? 
? 
hydrog9  hydrog ?    ? A C   3  O2    A ? ? 1_555 A G   25 N2 ? ? A C   2649 A G   2671 1_555 ? ? ? ? ? ? WATSON-CRICK         ? ? 
? 
hydrog10 hydrog ?    ? A C   3  O2    B ? ? 1_555 A G   25 N2 ? ? A C   2649 A G   2671 1_555 ? ? ? ? ? ? WATSON-CRICK         ? ? 
? 
hydrog11 hydrog ?    ? A U   4  N3    ? ? ? 1_555 A A   24 N1 ? ? A U   2650 A A   2670 1_555 ? ? ? ? ? ? WATSON-CRICK         ? ? 
? 
hydrog12 hydrog ?    ? A U   4  O4    ? ? ? 1_555 A A   24 N6 ? ? A U   2650 A A   2670 1_555 ? ? ? ? ? ? WATSON-CRICK         ? ? 
? 
hydrog13 hydrog ?    ? A C   5  N3    ? ? ? 1_555 A G   23 N1 ? ? A C   2651 A G   2669 1_555 ? ? ? ? ? ? WATSON-CRICK         ? ? 
? 
hydrog14 hydrog ?    ? A C   5  N4    ? ? ? 1_555 A G   23 O6 ? ? A C   2651 A G   2669 1_555 ? ? ? ? ? ? WATSON-CRICK         ? ? 
? 
hydrog15 hydrog ?    ? A C   5  O2    ? ? ? 1_555 A G   23 N2 ? ? A C   2651 A G   2669 1_555 ? ? ? ? ? ? WATSON-CRICK         ? ? 
? 
hydrog16 hydrog ?    ? A C   6  N3    ? ? ? 1_555 A G   22 N1 ? ? A C   2652 A G   2668 1_555 ? ? ? ? ? ? WATSON-CRICK         ? ? 
? 
hydrog17 hydrog ?    ? A C   6  N4    ? ? ? 1_555 A G   22 O6 ? ? A C   2652 A G   2668 1_555 ? ? ? ? ? ? WATSON-CRICK         ? ? 
? 
hydrog18 hydrog ?    ? A C   6  O2    ? ? ? 1_555 A G   22 N2 ? ? A C   2652 A G   2668 1_555 ? ? ? ? ? ? WATSON-CRICK         ? ? 
? 
hydrog19 hydrog ?    ? A U   7  O2    ? ? ? 1_555 A C   21 N4 ? ? A U   2653 A C   2667 1_555 ? ? ? ? ? ? 'U-C MISPAIR'        ? ? 
? 
hydrog20 hydrog ?    ? A U   10 N3    ? ? ? 1_555 A A   19 N7 ? ? A U   2656 A A   2665 1_555 ? ? ? ? ? ? 'REVERSED HOOGSTEEN' ? ? 
? 
hydrog21 hydrog ?    ? A U   10 O2    ? ? ? 1_555 A A   19 N6 ? ? A U   2656 A A   2665 1_555 ? ? ? ? ? ? 'REVERSED HOOGSTEEN' ? ? 
? 
hydrog22 hydrog ?    ? A A   11 N6    ? ? ? 1_555 A G   18 N3 ? ? A A   2657 A G   2664 1_555 ? ? ? ? ? ? TYPE_11_PAIR         ? ? 
? 
hydrog23 hydrog ?    ? A A   11 N7    ? ? ? 1_555 A G   18 N2 ? ? A A   2657 A G   2664 1_555 ? ? ? ? ? ? TYPE_11_PAIR         ? ? 
? 
hydrog24 hydrog ?    ? A C   12 N3    ? ? ? 1_555 A G   17 N1 ? ? A C   2658 A G   2663 1_555 ? ? ? ? ? ? WATSON-CRICK         ? ? 
? 
hydrog25 hydrog ?    ? A C   12 N4    ? ? ? 1_555 A G   17 O6 ? ? A C   2658 A G   2663 1_555 ? ? ? ? ? ? WATSON-CRICK         ? ? 
? 
hydrog26 hydrog ?    ? A C   12 O2    ? ? ? 1_555 A G   17 N2 ? ? A C   2658 A G   2663 1_555 ? ? ? ? ? ? WATSON-CRICK         ? ? 
? 
hydrog27 hydrog ?    ? A G   13 N2    ? ? ? 1_555 A A   16 N7 ? ? A G   2659 A A   2662 1_555 ? ? ? ? ? ? 'G-A MISPAIR'        ? ? 
? 
# 
loop_
_struct_conn_type.id 
_struct_conn_type.criteria 
_struct_conn_type.reference 
covale ? ? 
hydrog ? ? 
# 
_atom_sites.entry_id                    7JJE 
_atom_sites.Cartn_transf_matrix[1][1]   ? 
_atom_sites.Cartn_transf_matrix[1][2]   ? 
_atom_sites.Cartn_transf_matrix[1][3]   ? 
_atom_sites.Cartn_transf_matrix[2][1]   ? 
_atom_sites.Cartn_transf_matrix[2][2]   ? 
_atom_sites.Cartn_transf_matrix[2][3]   ? 
_atom_sites.Cartn_transf_matrix[3][1]   ? 
_atom_sites.Cartn_transf_matrix[3][2]   ? 
_atom_sites.Cartn_transf_matrix[3][3]   ? 
_atom_sites.Cartn_transf_vector[1]      ? 
_atom_sites.Cartn_transf_vector[2]      ? 
_atom_sites.Cartn_transf_vector[3]      ? 
_atom_sites.fract_transf_matrix[1][1]   -0.01979054 
_atom_sites.fract_transf_matrix[1][2]   -0.02679474 
_atom_sites.fract_transf_matrix[1][3]   0.00575801 
_atom_sites.fract_transf_matrix[2][1]   -0.02725954 
_atom_sites.fract_transf_matrix[2][2]   0.01851075 
_atom_sites.fract_transf_matrix[2][3]   -0.00755301 
_atom_sites.fract_transf_matrix[3][1]   0.00109361 
_atom_sites.fract_transf_matrix[3][2]   -0.00349832 
_atom_sites.fract_transf_matrix[3][3]   -0.01252054 
_atom_sites.fract_transf_vector[1]      -0.160890 
_atom_sites.fract_transf_vector[2]      0.146749 
_atom_sites.fract_transf_vector[3]      -0.004079 
_atom_sites.solution_primary            ? 
_atom_sites.solution_secondary          ? 
_atom_sites.solution_hydrogens          ? 
_atom_sites.special_details             ? 
# 
loop_
_atom_type.symbol 
C 
N 
O 
P 
S 
# 
loop_
_atom_site.group_PDB 
_atom_site.id 
_atom_site.type_symbol 
_atom_site.label_atom_id 
_atom_site.label_alt_id 
_atom_site.label_comp_id 
_atom_site.label_asym_id 
_atom_site.label_entity_id 
_atom_site.label_seq_id 
_atom_site.pdbx_PDB_ins_code 
_atom_site.Cartn_x 
_atom_site.Cartn_y 
_atom_site.Cartn_z 
_atom_site.occupancy 
_atom_site.B_iso_or_equiv 
_atom_site.pdbx_formal_charge 
_atom_site.auth_seq_id 
_atom_site.auth_comp_id 
_atom_site.auth_asym_id 
_atom_site.auth_atom_id 
_atom_site.pdbx_PDB_model_num 
ATOM   1   O "O5'" . U   A 1 1  ? 16.700  -9.717  -3.050  1.00 32.31 ? 2647 U   A "O5'" 1 
ATOM   2   C "C5'" . U   A 1 1  ? 16.617  -9.178  -1.710  1.00 28.07 ? 2647 U   A "C5'" 1 
ATOM   3   C "C4'" . U   A 1 1  ? 16.351  -7.676  -1.719  1.00 30.12 ? 2647 U   A "C4'" 1 
ATOM   4   O "O4'" . U   A 1 1  ? 17.580  -6.926  -1.973  1.00 27.52 ? 2647 U   A "O4'" 1 
ATOM   5   C "C3'" . U   A 1 1  ? 15.332  -7.155  -2.735  1.00 30.35 ? 2647 U   A "C3'" 1 
ATOM   6   O "O3'" . U   A 1 1  ? 14.559  -6.087  -2.194  1.00 31.70 ? 2647 U   A "O3'" 1 
ATOM   7   C "C2'" . U   A 1 1  ? 16.221  -6.535  -3.805  1.00 24.42 ? 2647 U   A "C2'" 1 
ATOM   8   O "O2'" . U   A 1 1  ? 15.529  -5.594  -4.606  1.00 26.87 ? 2647 U   A "O2'" 1 
ATOM   9   C "C1'" . U   A 1 1  ? 17.328  -5.930  -2.950  1.00 27.05 ? 2647 U   A "C1'" 1 
ATOM   10  N N1    . U   A 1 1  ? 18.535  -5.754  -3.759  1.00 20.11 ? 2647 U   A N1    1 
ATOM   11  C C2    . U   A 1 1  ? 18.712  -4.552  -4.427  1.00 20.62 ? 2647 U   A C2    1 
ATOM   12  O O2    . U   A 1 1  ? 17.956  -3.602  -4.302  1.00 24.17 ? 2647 U   A O2    1 
ATOM   13  N N3    . U   A 1 1  ? 19.807  -4.509  -5.250  1.00 21.59 ? 2647 U   A N3    1 
ATOM   14  C C4    . U   A 1 1  ? 20.750  -5.502  -5.439  1.00 20.56 ? 2647 U   A C4    1 
ATOM   15  O O4    . U   A 1 1  ? 21.697  -5.302  -6.204  1.00 29.00 ? 2647 U   A O4    1 
ATOM   16  C C5    . U   A 1 1  ? 20.481  -6.718  -4.733  1.00 24.19 ? 2647 U   A C5    1 
ATOM   17  C C6    . U   A 1 1  ? 19.401  -6.801  -3.945  1.00 18.87 ? 2647 U   A C6    1 
ATOM   18  P P     A G   A 1 2  ? 12.979  -6.278  -1.885  0.50 25.43 ? 2648 G   A P     1 
ATOM   19  P P     B G   A 1 2  ? 12.963  -6.055  -2.337  0.50 22.60 ? 2648 G   A P     1 
ATOM   20  O OP1   A G   A 1 2  ? 12.588  -7.665  -2.260  0.50 37.66 ? 2648 G   A OP1   1 
ATOM   21  O OP1   B G   A 1 2  ? 12.513  -7.214  -3.170  0.50 24.23 ? 2648 G   A OP1   1 
ATOM   22  O OP2   A G   A 1 2  ? 12.244  -5.120  -2.469  0.50 31.09 ? 2648 G   A OP2   1 
ATOM   23  O OP2   B G   A 1 2  ? 12.549  -4.672  -2.696  0.50 27.63 ? 2648 G   A OP2   1 
ATOM   24  O "O5'" A G   A 1 2  ? 12.895  -6.132  -0.297  0.50 18.41 ? 2648 G   A "O5'" 1 
ATOM   25  O "O5'" B G   A 1 2  ? 12.507  -6.300  -0.832  0.30 15.38 ? 2648 G   A "O5'" 1 
ATOM   26  C "C5'" A G   A 1 2  ? 12.707  -7.283  0.589   0.50 18.43 ? 2648 G   A "C5'" 1 
ATOM   27  C "C5'" B G   A 1 2  ? 12.852  -7.528  -0.162  0.30 16.97 ? 2648 G   A "C5'" 1 
ATOM   28  C "C4'" A G   A 1 2  ? 13.282  -7.073  1.995   0.50 17.94 ? 2648 G   A "C4'" 1 
ATOM   29  C "C4'" B G   A 1 2  ? 12.981  -7.273  1.320   0.30 22.35 ? 2648 G   A "C4'" 1 
ATOM   30  O "O4'" A G   A 1 2  ? 14.426  -6.190  1.936   0.50 21.39 ? 2648 G   A "O4'" 1 
ATOM   31  O "O4'" B G   A 1 2  ? 14.243  -6.603  1.579   0.50 28.43 ? 2648 G   A "O4'" 1 
ATOM   32  C "C3'" A G   A 1 2  ? 12.366  -6.474  3.068   0.50 21.08 ? 2648 G   A "C3'" 1 
ATOM   33  C "C3'" B G   A 1 2  ? 11.948  -6.343  1.945   0.50 18.87 ? 2648 G   A "C3'" 1 
ATOM   34  O "O3'" A G   A 1 2  ? 11.743  -7.411  3.940   0.50 19.17 ? 2648 G   A "O3'" 1 
ATOM   35  O "O3'" B G   A 1 2  ? 10.753  -6.963  2.379   0.50 15.81 ? 2648 G   A "O3'" 1 
ATOM   36  C "C2'" A G   A 1 2  ? 13.333  -5.793  4.025   0.50 20.67 ? 2648 G   A "C2'" 1 
ATOM   37  C "C2'" B G   A 1 2  ? 12.673  -5.873  3.191   0.50 22.99 ? 2648 G   A "C2'" 1 
ATOM   38  O "O2'" A G   A 1 2  ? 13.851  -6.657  5.022   0.50 24.47 ? 2648 G   A "O2'" 1 
ATOM   39  O "O2'" B G   A 1 2  ? 12.632  -6.815  4.230   0.50 18.13 ? 2648 G   A "O2'" 1 
ATOM   40  C "C1'" A G   A 1 2  ? 14.470  -5.382  3.095   0.50 20.71 ? 2648 G   A "C1'" 1 
ATOM   41  C "C1'" B G   A 1 2  ? 14.082  -5.681  2.645   0.50 23.56 ? 2648 G   A "C1'" 1 
ATOM   42  N N9    A G   A 1 2  ? 14.463  -3.983  2.682   0.50 17.14 ? 2648 G   A N9    1 
ATOM   43  N N9    B G   A 1 2  ? 14.242  -4.325  2.133   0.50 26.37 ? 2648 G   A N9    1 
ATOM   44  C C8    A G   A 1 2  ? 14.424  -3.492  1.399   0.50 17.16 ? 2648 G   A C8    1 
ATOM   45  C C8    B G   A 1 2  ? 14.148  -3.888  0.835   0.50 23.50 ? 2648 G   A C8    1 
ATOM   46  N N7    A G   A 1 2  ? 14.536  -2.192  1.345   0.50 15.98 ? 2648 G   A N7    1 
ATOM   47  N N7    B G   A 1 2  ? 14.300  -2.596  0.718   0.50 22.67 ? 2648 G   A N7    1 
ATOM   48  C C5    A G   A 1 2  ? 14.672  -1.804  2.671   0.50 16.73 ? 2648 G   A C5    1 
ATOM   49  C C5    B G   A 1 2  ? 14.470  -2.153  2.022   0.50 18.20 ? 2648 G   A C5    1 
ATOM   50  C C6    A G   A 1 2  ? 14.821  -0.515  3.241   0.50 17.44 ? 2648 G   A C6    1 
ATOM   51  C C6    B G   A 1 2  ? 14.677  -0.847  2.530   0.50 19.16 ? 2648 G   A C6    1 
ATOM   52  O O6    A G   A 1 2  ? 14.912  0.575   2.665   0.50 13.51 ? 2648 G   A O6    1 
ATOM   53  O O6    B G   A 1 2  ? 14.763  0.216   1.910   0.50 26.79 ? 2648 G   A O6    1 
ATOM   54  N N1    A G   A 1 2  ? 14.936  -0.579  4.629   0.50 14.64 ? 2648 G   A N1    1 
ATOM   55  N N1    B G   A 1 2  ? 14.792  -0.850  3.915   0.50 19.72 ? 2648 G   A N1    1 
ATOM   56  C C2    A G   A 1 2  ? 14.898  -1.735  5.373   0.50 15.47 ? 2648 G   A C2    1 
ATOM   57  C C2    B G   A 1 2  ? 14.725  -1.968  4.709   0.50 25.10 ? 2648 G   A C2    1 
ATOM   58  N N2    A G   A 1 2  ? 15.021  -1.592  6.701   0.50 15.17 ? 2648 G   A N2    1 
ATOM   59  N N2    B G   A 1 2  ? 14.861  -1.768  6.024   0.50 17.09 ? 2648 G   A N2    1 
ATOM   60  N N3    A G   A 1 2  ? 14.736  -2.939  4.853   0.50 15.12 ? 2648 G   A N3    1 
ATOM   61  N N3    B G   A 1 2  ? 14.529  -3.188  4.249   0.50 21.56 ? 2648 G   A N3    1 
ATOM   62  C C4    A G   A 1 2  ? 14.650  -2.902  3.506   0.50 15.74 ? 2648 G   A C4    1 
ATOM   63  C C4    B G   A 1 2  ? 14.421  -3.208  2.907   0.50 20.87 ? 2648 G   A C4    1 
ATOM   64  P P     A C   A 1 3  ? 10.288  -7.134  4.479   0.50 17.55 ? 2649 C   A P     1 
ATOM   65  P P     B C   A 1 3  ? 9.386   -6.168  2.336   0.50 16.55 ? 2649 C   A P     1 
ATOM   66  O OP1   A C   A 1 3  ? 9.839   -8.354  5.207   0.50 19.27 ? 2649 C   A OP1   1 
ATOM   67  O OP1   B C   A 1 3  ? 8.299   -7.177  2.455   0.50 18.53 ? 2649 C   A OP1   1 
ATOM   68  O OP2   A C   A 1 3  ? 9.493   -6.646  3.341   0.50 21.08 ? 2649 C   A OP2   1 
ATOM   69  O OP2   B C   A 1 3  ? 9.423   -5.310  1.163   0.50 16.84 ? 2649 C   A OP2   1 
ATOM   70  O "O5'" A C   A 1 3  ? 10.479  -5.978  5.561   0.50 14.79 ? 2649 C   A "O5'" 1 
ATOM   71  O "O5'" B C   A 1 3  ? 9.474   -5.245  3.628   0.50 17.48 ? 2649 C   A "O5'" 1 
ATOM   72  C "C5'" A C   A 1 3  ? 10.824  -6.310  6.922   0.50 17.48 ? 2649 C   A "C5'" 1 
ATOM   73  C "C5'" B C   A 1 3  ? 9.726   -5.819  4.913   0.50 19.73 ? 2649 C   A "C5'" 1 
ATOM   74  C "C4'" A C   A 1 3  ? 10.903  -5.061  7.760   0.50 13.43 ? 2649 C   A "C4'" 1 
ATOM   75  C "C4'" B C   A 1 3  ? 10.026  -4.733  5.911   0.50 20.41 ? 2649 C   A "C4'" 1 
ATOM   76  O "O4'" A C   A 1 3  ? 11.867  -4.152  7.173   0.50 14.29 ? 2649 C   A "O4'" 1 
ATOM   77  O "O4'" B C   A 1 3  ? 11.263  -4.068  5.564   0.50 16.03 ? 2649 C   A "O4'" 1 
ATOM   78  C "C3'" A C   A 1 3  ? 9.634   -4.239  7.772   0.50 13.94 ? 2649 C   A "C3'" 1 
ATOM   79  C "C3'" B C   A 1 3  ? 9.017   -3.603  5.984   0.50 15.13 ? 2649 C   A "C3'" 1 
ATOM   80  O "O3'" A C   A 1 3  ? 8.650   -4.823  8.601   0.50 13.15 ? 2649 C   A "O3'" 1 
ATOM   81  O "O3'" B C   A 1 3  ? 7.978   -3.968  6.858   0.50 16.10 ? 2649 C   A "O3'" 1 
ATOM   82  C "C2'" A C   A 1 3  ? 10.152  -2.864  8.185   0.50 14.80 ? 2649 C   A "C2'" 1 
ATOM   83  C "C2'" B C   A 1 3  ? 9.849   -2.500  6.610   0.50 16.46 ? 2649 C   A "C2'" 1 
ATOM   84  O "O2'" A C   A 1 3  ? 10.374  -2.647  9.566   0.50 15.74 ? 2649 C   A "O2'" 1 
ATOM   85  O "O2'" B C   A 1 3  ? 10.133  -2.698  7.983   0.50 20.70 ? 2649 C   A "O2'" 1 
ATOM   86  C "C1'" A C   A 1 3  ? 11.493  -2.809  7.451   0.50 15.67 ? 2649 C   A "C1'" 1 
ATOM   87  C "C1'" B C   A 1 3  ? 11.156  -2.681  5.856   0.50 15.53 ? 2649 C   A "C1'" 1 
ATOM   88  N N1    A C   A 1 3  ? 11.479  -2.072  6.176   0.50 14.49 ? 2649 C   A N1    1 
ATOM   89  N N1    B C   A 1 3  ? 11.236  -1.917  4.605   0.50 14.06 ? 2649 C   A N1    1 
ATOM   90  C C2    A C   A 1 3  ? 11.654  -0.684  6.186   0.50 15.02 ? 2649 C   A C2    1 
ATOM   91  C C2    B C   A 1 3  ? 11.600  -0.567  4.671   0.50 14.15 ? 2649 C   A C2    1 
ATOM   92  O O2    A C   A 1 3  ? 11.775  -0.104  7.269   0.50 17.15 ? 2649 C   A O2    1 
ATOM   93  O O2    B C   A 1 3  ? 11.784  -0.046  5.784   0.50 15.19 ? 2649 C   A O2    1 
ATOM   94  N N3    A C   A 1 3  ? 11.676  -0.013  5.011   0.50 14.22 ? 2649 C   A N3    1 
ATOM   95  N N3    B C   A 1 3  ? 11.730  0.137   3.524   0.50 13.30 ? 2649 C   A N3    1 
ATOM   96  C C4    A C   A 1 3  ? 11.545  -0.679  3.861   0.50 15.85 ? 2649 C   A C4    1 
ATOM   97  C C4    B C   A 1 3  ? 11.508  -0.455  2.348   0.50 13.43 ? 2649 C   A C4    1 
ATOM   98  N N4    A C   A 1 3  ? 11.560  0.022   2.726   0.50 18.83 ? 2649 C   A N4    1 
ATOM   99  N N4    B C   A 1 3  ? 11.659  0.278   1.245   0.50 13.06 ? 2649 C   A N4    1 
ATOM   100 C C5    A C   A 1 3  ? 11.340  -2.087  3.826   0.50 17.43 ? 2649 C   A C5    1 
ATOM   101 C C5    B C   A 1 3  ? 11.121  -1.825  2.253   0.50 12.90 ? 2649 C   A C5    1 
ATOM   102 C C6    A C   A 1 3  ? 11.330  -2.740  4.994   0.50 14.98 ? 2649 C   A C6    1 
ATOM   103 C C6    B C   A 1 3  ? 10.993  -2.510  3.396   0.50 12.76 ? 2649 C   A C6    1 
ATOM   104 P P     A U   A 1 4  ? 7.148   -4.325  8.501   0.50 15.53 ? 2650 U   A P     1 
ATOM   105 P P     B U   A 1 4  ? 6.522   -3.410  6.598   0.50 17.47 ? 2650 U   A P     1 
ATOM   106 O OP1   A U   A 1 4  ? 6.418   -5.043  9.589   0.50 13.36 ? 2650 U   A OP1   1 
ATOM   107 O OP1   B U   A 1 4  ? 5.557   -4.165  7.462   0.50 17.95 ? 2650 U   A OP1   1 
ATOM   108 O OP2   A U   A 1 4  ? 6.699   -4.435  7.082   0.10 6.69  ? 2650 U   A OP2   1 
ATOM   109 O OP2   B U   A 1 4  ? 6.340   -3.185  5.152   0.50 21.07 ? 2650 U   A OP2   1 
ATOM   110 O "O5'" A U   A 1 4  ? 7.316   -2.770  8.871   0.50 18.99 ? 2650 U   A "O5'" 1 
ATOM   111 O "O5'" B U   A 1 4  ? 6.559   -1.927  7.145   0.50 16.33 ? 2650 U   A "O5'" 1 
ATOM   112 C "C5'" A U   A 1 4  ? 6.510   -1.699  8.285   0.50 17.96 ? 2650 U   A "C5'" 1 
ATOM   113 C "C5'" B U   A 1 4  ? 6.592   -1.702  8.516   0.50 16.22 ? 2650 U   A "C5'" 1 
ATOM   114 C "C4'" . U   A 1 4  ? 6.931   -0.266  8.691   1.00 17.50 ? 2650 U   A "C4'" 1 
ATOM   115 O "O4'" . U   A 1 4  ? 8.165   0.080   7.996   1.00 16.01 ? 2650 U   A "O4'" 1 
ATOM   116 C "C3'" . U   A 1 4  ? 5.976   0.766   8.127   1.00 16.00 ? 2650 U   A "C3'" 1 
ATOM   117 O "O3'" . U   A 1 4  ? 4.892   0.929   8.992   1.00 19.46 ? 2650 U   A "O3'" 1 
ATOM   118 C "C2'" . U   A 1 4  ? 6.844   2.004   8.121   1.00 14.86 ? 2650 U   A "C2'" 1 
ATOM   119 O "O2'" . U   A 1 4  ? 7.122   2.505   9.413   1.00 21.73 ? 2650 U   A "O2'" 1 
ATOM   120 C "C1'" . U   A 1 4  ? 8.123   1.430   7.564   1.00 15.81 ? 2650 U   A "C1'" 1 
ATOM   121 N N1    . U   A 1 4  ? 8.246   1.482   6.102   1.00 14.69 ? 2650 U   A N1    1 
ATOM   122 C C2    . U   A 1 4  ? 8.580   2.689   5.517   1.00 13.77 ? 2650 U   A C2    1 
ATOM   123 O O2    . U   A 1 4  ? 8.634   3.729   6.145   1.00 16.73 ? 2650 U   A O2    1 
ATOM   124 N N3    . U   A 1 4  ? 8.802   2.637   4.164   1.00 13.45 ? 2650 U   A N3    1 
ATOM   125 C C4    . U   A 1 4  ? 8.775   1.512   3.361   1.00 13.46 ? 2650 U   A C4    1 
ATOM   126 O O4    . U   A 1 4  ? 9.021   1.614   2.156   1.00 15.88 ? 2650 U   A O4    1 
ATOM   127 C C5    . U   A 1 4  ? 8.367   0.314   4.032   1.00 12.27 ? 2650 U   A C5    1 
ATOM   128 C C6    . U   A 1 4  ? 8.176   0.327   5.355   1.00 14.05 ? 2650 U   A C6    1 
ATOM   129 P P     . C   A 1 5  ? 3.464   1.241   8.453   1.00 18.50 ? 2651 C   A P     1 
ATOM   130 O OP1   . C   A 1 5  ? 2.523   1.128   9.607   1.00 23.51 ? 2651 C   A OP1   1 
ATOM   131 O OP2   . C   A 1 5  ? 3.196   0.415   7.253   1.00 20.04 ? 2651 C   A OP2   1 
ATOM   132 O "O5'" . C   A 1 5  ? 3.591   2.745   7.937   1.00 13.90 ? 2651 C   A "O5'" 1 
ATOM   133 C "C5'" . C   A 1 5  ? 3.828   3.837   8.831   1.00 14.69 ? 2651 C   A "C5'" 1 
ATOM   134 C "C4'" . C   A 1 5  ? 4.179   5.070   8.047   1.00 12.97 ? 2651 C   A "C4'" 1 
ATOM   135 O "O4'" . C   A 1 5  ? 5.381   4.774   7.319   1.00 13.61 ? 2651 C   A "O4'" 1 
ATOM   136 C "C3'" . C   A 1 5  ? 3.217   5.538   6.960   1.00 13.50 ? 2651 C   A "C3'" 1 
ATOM   137 O "O3'" . C   A 1 5  ? 2.109   6.279   7.464   1.00 15.15 ? 2651 C   A "O3'" 1 
ATOM   138 C "C2'" . C   A 1 5  ? 4.134   6.349   6.046   1.00 12.68 ? 2651 C   A "C2'" 1 
ATOM   139 O "O2'" . C   A 1 5  ? 4.382   7.596   6.644   1.00 14.91 ? 2651 C   A "O2'" 1 
ATOM   140 C "C1'" . C   A 1 5  ? 5.405   5.511   6.104   1.00 14.22 ? 2651 C   A "C1'" 1 
ATOM   141 N N1    . C   A 1 5  ? 5.527   4.579   4.966   1.00 12.84 ? 2651 C   A N1    1 
ATOM   142 C C2    . C   A 1 5  ? 5.874   5.140   3.749   1.00 12.77 ? 2651 C   A C2    1 
ATOM   143 O O2    . C   A 1 5  ? 6.112   6.348   3.710   1.00 12.75 ? 2651 C   A O2    1 
ATOM   144 N N3    . C   A 1 5  ? 6.018   4.339   2.665   1.00 12.63 ? 2651 C   A N3    1 
ATOM   145 C C4    . C   A 1 5  ? 5.759   3.038   2.758   1.00 12.87 ? 2651 C   A C4    1 
ATOM   146 N N4    . C   A 1 5  ? 5.904   2.290   1.655   1.00 12.89 ? 2651 C   A N4    1 
ATOM   147 C C5    . C   A 1 5  ? 5.306   2.451   3.976   1.00 13.70 ? 2651 C   A C5    1 
ATOM   148 C C6    . C   A 1 5  ? 5.220   3.251   5.052   1.00 12.14 ? 2651 C   A C6    1 
ATOM   149 P P     . C   A 1 6  ? 0.724   6.303   6.694   1.00 14.41 ? 2652 C   A P     1 
ATOM   150 O OP1   . C   A 1 6  ? -0.191  6.968   7.636   1.00 15.39 ? 2652 C   A OP1   1 
ATOM   151 O OP2   . C   A 1 6  ? 0.416   4.970   6.182   1.00 16.31 ? 2652 C   A OP2   1 
ATOM   152 O "O5'" . C   A 1 6  ? 1.078   7.236   5.477   1.00 13.07 ? 2652 C   A "O5'" 1 
ATOM   153 C "C5'" . C   A 1 6  ? 1.266   8.643   5.671   1.00 13.72 ? 2652 C   A "C5'" 1 
ATOM   154 C "C4'" . C   A 1 6  ? 1.550   9.278   4.320   1.00 12.96 ? 2652 C   A "C4'" 1 
ATOM   155 O "O4'" . C   A 1 6  ? 2.724   8.658   3.703   1.00 12.92 ? 2652 C   A "O4'" 1 
ATOM   156 C "C3'" . C   A 1 6  ? 0.473   9.135   3.249   1.00 11.52 ? 2652 C   A "C3'" 1 
ATOM   157 O "O3'" . C   A 1 6  ? -0.579  10.014  3.501   1.00 12.10 ? 2652 C   A "O3'" 1 
ATOM   158 C "C2'" . C   A 1 6  ? 1.249   9.426   1.980   1.00 11.54 ? 2652 C   A "C2'" 1 
ATOM   159 O "O2'" . C   A 1 6  ? 1.467   10.830  1.903   1.00 13.18 ? 2652 C   A "O2'" 1 
ATOM   160 C "C1'" . C   A 1 6  ? 2.572   8.734   2.289   1.00 12.00 ? 2652 C   A "C1'" 1 
ATOM   161 N N1    . C   A 1 6  ? 2.697   7.392   1.762   1.00 10.65 ? 2652 C   A N1    1 
ATOM   162 C C2    . C   A 1 6  ? 3.032   7.260   0.423   1.00 11.13 ? 2652 C   A C2    1 
ATOM   163 O O2    . C   A 1 6  ? 3.130   8.287   -0.273  1.00 12.02 ? 2652 C   A O2    1 
ATOM   164 N N3    . C   A 1 6  ? 3.228   6.027   -0.092  1.00 10.88 ? 2652 C   A N3    1 
ATOM   165 C C4    . C   A 1 6  ? 3.089   4.954   0.680   1.00 10.19 ? 2652 C   A C4    1 
ATOM   166 N N4    . C   A 1 6  ? 3.361   3.768   0.148   1.00 11.19 ? 2652 C   A N4    1 
ATOM   167 C C5    . C   A 1 6  ? 2.699   5.055   2.042   1.00 11.22 ? 2652 C   A C5    1 
ATOM   168 C C6    . C   A 1 6  ? 2.538   6.286   2.546   1.00 9.93  ? 2652 C   A C6    1 
ATOM   169 P P     . U   A 1 7  ? -2.069  9.594   3.082   1.00 12.58 ? 2653 U   A P     1 
ATOM   170 O OP1   . U   A 1 7  ? -2.854  10.779  3.436   1.00 14.07 ? 2653 U   A OP1   1 
ATOM   171 O OP2   . U   A 1 7  ? -2.390  8.313   3.688   1.00 13.87 ? 2653 U   A OP2   1 
ATOM   172 O "O5'" . U   A 1 7  ? -2.013  9.377   1.510   1.00 12.66 ? 2653 U   A "O5'" 1 
ATOM   173 C "C5'" . U   A 1 7  ? -1.742  10.432  0.577   1.00 11.09 ? 2653 U   A "C5'" 1 
ATOM   174 C "C4'" . U   A 1 7  ? -1.540  9.878   -0.809  1.00 11.15 ? 2653 U   A "C4'" 1 
ATOM   175 O "O4'" . U   A 1 7  ? -0.367  9.039   -0.844  1.00 10.64 ? 2653 U   A "O4'" 1 
ATOM   176 C "C3'" . U   A 1 7  ? -2.650  8.960   -1.303  1.00 10.78 ? 2653 U   A "C3'" 1 
ATOM   177 O "O3'" . U   A 1 7  ? -3.761  9.703   -1.745  1.00 11.89 ? 2653 U   A "O3'" 1 
ATOM   178 C "C2'" . U   A 1 7  ? -1.951  8.141   -2.390  1.00 10.45 ? 2653 U   A "C2'" 1 
ATOM   179 O "O2'" . U   A 1 7  ? -1.773  8.841   -3.593  1.00 13.63 ? 2653 U   A "O2'" 1 
ATOM   180 C "C1'" . U   A 1 7  ? -0.581  7.946   -1.758  1.00 9.93  ? 2653 U   A "C1'" 1 
ATOM   181 N N1    . U   A 1 7  ? -0.448  6.669   -1.027  1.00 10.98 ? 2653 U   A N1    1 
ATOM   182 C C2    . U   A 1 7  ? 0.110   5.610   -1.705  1.00 11.15 ? 2653 U   A C2    1 
ATOM   183 O O2    . U   A 1 7  ? 0.443   5.681   -2.865  1.00 13.18 ? 2653 U   A O2    1 
ATOM   184 N N3    . U   A 1 7  ? 0.231   4.454   -0.973  1.00 12.76 ? 2653 U   A N3    1 
ATOM   185 C C4    . U   A 1 7  ? -0.148  4.254   0.337   1.00 10.84 ? 2653 U   A C4    1 
ATOM   186 O O4    . U   A 1 7  ? -0.026  3.146   0.837   1.00 13.79 ? 2653 U   A O4    1 
ATOM   187 C C5    . U   A 1 7  ? -0.745  5.398   0.965   1.00 10.83 ? 2653 U   A C5    1 
ATOM   188 C C6    . U   A 1 7  ? -0.884  6.534   0.270   1.00 10.53 ? 2653 U   A C6    1 
ATOM   189 P P     . A   A 1 8  ? -5.259  9.127   -1.814  1.00 14.82 ? 2654 A   A P     1 
ATOM   190 O OP1   . A   A 1 8  ? -5.236  7.851   -2.603  1.00 16.50 ? 2654 A   A OP1   1 
ATOM   191 O OP2   . A   A 1 8  ? -6.145  10.256  -2.237  1.00 15.64 ? 2654 A   A OP2   1 
ATOM   192 O "O5'" . A   A 1 8  ? -5.509  8.758   -0.299  1.00 14.75 ? 2654 A   A "O5'" 1 
ATOM   193 C "C5'" . A   A 1 8  ? -6.826  8.336   0.132   1.00 13.00 ? 2654 A   A "C5'" 1 
ATOM   194 C "C4'" . A   A 1 8  ? -6.752  7.187   1.104   1.00 11.94 ? 2654 A   A "C4'" 1 
ATOM   195 O "O4'" . A   A 1 8  ? -6.344  5.954   0.430   1.00 12.70 ? 2654 A   A "O4'" 1 
ATOM   196 C "C3'" . A   A 1 8  ? -5.794  7.351   2.263   1.00 12.52 ? 2654 A   A "C3'" 1 
ATOM   197 O "O3'" . A   A 1 8  ? -6.305  6.713   3.416   1.00 16.00 ? 2654 A   A "O3'" 1 
ATOM   198 C "C2'" . A   A 1 8  ? -4.574  6.586   1.767   1.00 11.50 ? 2654 A   A "C2'" 1 
ATOM   199 O "O2'" . A   A 1 8  ? -3.750  6.182   2.828   1.00 13.16 ? 2654 A   A "O2'" 1 
ATOM   200 C "C1'" . A   A 1 8  ? -5.240  5.388   1.093   1.00 12.99 ? 2654 A   A "C1'" 1 
ATOM   201 N N9    . A   A 1 8  ? -4.380  4.734   0.114   1.00 11.21 ? 2654 A   A N9    1 
ATOM   202 C C8    . A   A 1 8  ? -4.011  5.242   -1.106  1.00 11.25 ? 2654 A   A C8    1 
ATOM   203 N N7    . A   A 1 8  ? -3.234  4.442   -1.794  1.00 10.89 ? 2654 A   A N7    1 
ATOM   204 C C5    . A   A 1 8  ? -3.065  3.348   -0.960  1.00 10.41 ? 2654 A   A C5    1 
ATOM   205 C C6    . A   A 1 8  ? -2.373  2.154   -1.127  1.00 11.93 ? 2654 A   A C6    1 
ATOM   206 N N6    . A   A 1 8  ? -1.606  1.902   -2.176  1.00 13.37 ? 2654 A   A N6    1 
ATOM   207 N N1    . A   A 1 8  ? -2.405  1.264   -0.119  1.00 12.70 ? 2654 A   A N1    1 
ATOM   208 C C2    . A   A 1 8  ? -3.110  1.558   0.977   1.00 13.72 ? 2654 A   A C2    1 
ATOM   209 N N3    . A   A 1 8  ? -3.832  2.642   1.241   1.00 13.37 ? 2654 A   A N3    1 
ATOM   210 C C4    . A   A 1 8  ? -3.782  3.504   0.208   1.00 11.21 ? 2654 A   A C4    1 
ATOM   211 P P     . G   A 1 9  ? -7.236  7.477   4.499   1.00 16.28 ? 2655 G   A P     1 
ATOM   212 O OP1   . G   A 1 9  ? -8.051  8.438   3.770   1.00 20.45 ? 2655 G   A OP1   1 
ATOM   213 O OP2   . G   A 1 9  ? -6.407  7.942   5.600   1.00 18.36 ? 2655 G   A OP2   1 
ATOM   214 O "O5'" . G   A 1 9  ? -7.999  6.222   5.131   1.00 18.73 ? 2655 G   A "O5'" 1 
ATOM   215 C "C5'" . G   A 1 9  ? -9.248  5.712   4.707   1.00 17.77 ? 2655 G   A "C5'" 1 
ATOM   216 C "C4'" . G   A 1 9  ? -9.052  4.750   3.576   1.00 16.25 ? 2655 G   A "C4'" 1 
ATOM   217 O "O4'" . G   A 1 9  ? -8.322  3.535   3.999   1.00 17.13 ? 2655 G   A "O4'" 1 
ATOM   218 C "C3'" . G   A 1 9  ? -10.402 4.230   3.102   1.00 17.90 ? 2655 G   A "C3'" 1 
ATOM   219 O "O3'" . G   A 1 9  ? -10.331 3.913   1.715   1.00 14.66 ? 2655 G   A "O3'" 1 
ATOM   220 C "C2'" . G   A 1 9  ? -10.533 2.978   3.945   1.00 15.13 ? 2655 G   A "C2'" 1 
ATOM   221 O "O2'" . G   A 1 9  ? -11.612 2.161   3.565   1.00 19.37 ? 2655 G   A "O2'" 1 
ATOM   222 C "C1'" . G   A 1 9  ? -9.152  2.417   3.722   1.00 16.68 ? 2655 G   A "C1'" 1 
ATOM   223 N N9    . G   A 1 9  ? -8.784  1.294   4.566   1.00 17.96 ? 2655 G   A N9    1 
ATOM   224 C C8    . G   A 1 9  ? -9.189  0.982   5.842   1.00 17.99 ? 2655 G   A C8    1 
ATOM   225 N N7    . G   A 1 9  ? -8.618  -0.097  6.307   1.00 21.46 ? 2655 G   A N7    1 
ATOM   226 C C5    . G   A 1 9  ? -7.802  -0.529  5.267   1.00 18.62 ? 2655 G   A C5    1 
ATOM   227 C C6    . G   A 1 9  ? -6.930  -1.649  5.179   1.00 16.41 ? 2655 G   A C6    1 
ATOM   228 O O6    . G   A 1 9  ? -6.700  -2.514  6.029   1.00 20.95 ? 2655 G   A O6    1 
ATOM   229 N N1    . G   A 1 9  ? -6.276  -1.690  3.954   1.00 17.94 ? 2655 G   A N1    1 
ATOM   230 C C2    . G   A 1 9  ? -6.431  -0.774  2.944   1.00 14.44 ? 2655 G   A C2    1 
ATOM   231 N N2    . G   A 1 9  ? -5.705  -0.982  1.829   1.00 14.22 ? 2655 G   A N2    1 
ATOM   232 N N3    . G   A 1 9  ? -7.235  0.269   3.014   1.00 14.10 ? 2655 G   A N3    1 
ATOM   233 C C4    . G   A 1 9  ? -7.901  0.317   4.187   1.00 15.75 ? 2655 G   A C4    1 
ATOM   234 P P     . U   A 1 10 ? -11.613 3.647   0.861   1.00 14.95 ? 2656 U   A P     1 
ATOM   235 O OP1   . U   A 1 10 ? -12.772 4.353   1.460   1.00 16.93 ? 2656 U   A OP1   1 
ATOM   236 O OP2   . U   A 1 10 ? -11.673 2.198   0.544   1.00 15.74 ? 2656 U   A OP2   1 
ATOM   237 O "O5'" . U   A 1 10 ? -11.198 4.353   -0.496  1.00 15.74 ? 2656 U   A "O5'" 1 
ATOM   238 C "C5'" . U   A 1 10 ? -11.173 5.766   -0.643  1.00 14.57 ? 2656 U   A "C5'" 1 
ATOM   239 C "C4'" . U   A 1 10 ? -10.178 6.139   -1.723  1.00 16.25 ? 2656 U   A "C4'" 1 
ATOM   240 O "O4'" . U   A 1 10 ? -8.805  6.015   -1.246  1.00 15.09 ? 2656 U   A "O4'" 1 
ATOM   241 C "C3'" . U   A 1 10 ? -10.229 5.257   -2.949  1.00 13.59 ? 2656 U   A "C3'" 1 
ATOM   242 O "O3'" . U   A 1 10 ? -11.113 5.737   -3.942  1.00 14.69 ? 2656 U   A "O3'" 1 
ATOM   243 C "C2'" . U   A 1 10 ? -8.832  5.406   -3.531  1.00 14.83 ? 2656 U   A "C2'" 1 
ATOM   244 O "O2'" . U   A 1 10 ? -8.679  6.569   -4.335  1.00 15.56 ? 2656 U   A "O2'" 1 
ATOM   245 C "C1'" . U   A 1 10 ? -7.986  5.432   -2.256  1.00 16.11 ? 2656 U   A "C1'" 1 
ATOM   246 N N1    . U   A 1 10 ? -7.513  4.119   -1.764  1.00 13.53 ? 2656 U   A N1    1 
ATOM   247 C C2    . U   A 1 10 ? -6.632  3.407   -2.572  1.00 12.93 ? 2656 U   A C2    1 
ATOM   248 O O2    . U   A 1 10 ? -6.268  3.799   -3.662  1.00 13.14 ? 2656 U   A O2    1 
ATOM   249 N N3    . U   A 1 10 ? -6.174  2.233   -2.033  1.00 13.77 ? 2656 U   A N3    1 
ATOM   250 C C4    . U   A 1 10 ? -6.477  1.704   -0.807  1.00 14.63 ? 2656 U   A C4    1 
ATOM   251 O O4    . U   A 1 10 ? -5.964  0.633   -0.471  1.00 15.08 ? 2656 U   A O4    1 
ATOM   252 C C5    . U   A 1 10 ? -7.366  2.513   -0.010  1.00 13.99 ? 2656 U   A C5    1 
ATOM   253 C C6    . U   A 1 10 ? -7.838  3.665   -0.506  1.00 13.05 ? 2656 U   A C6    1 
ATOM   254 P P     . A   A 1 11 ? -12.101 4.736   -4.739  1.00 16.04 ? 2657 A   A P     1 
ATOM   255 O OP1   . A   A 1 11 ? -12.938 5.575   -5.618  1.00 19.07 ? 2657 A   A OP1   1 
ATOM   256 O OP2   . A   A 1 11 ? -12.770 3.834   -3.770  1.00 15.44 ? 2657 A   A OP2   1 
ATOM   257 O "O5'" . A   A 1 11 ? -11.118 3.838   -5.614  1.00 13.97 ? 2657 A   A "O5'" 1 
ATOM   258 C "C5'" . A   A 1 11 ? -10.485 4.480   -6.717  1.00 15.81 ? 2657 A   A "C5'" 1 
ATOM   259 C "C4'" . A   A 1 11 ? -9.587  3.524   -7.441  1.00 12.92 ? 2657 A   A "C4'" 1 
ATOM   260 O "O4'" . A   A 1 11 ? -8.570  3.089   -6.530  1.00 13.66 ? 2657 A   A "O4'" 1 
ATOM   261 C "C3'" . A   A 1 11 ? -10.224 2.207   -7.838  1.00 12.20 ? 2657 A   A "C3'" 1 
ATOM   262 O "O3'" . A   A 1 11 ? -11.003 2.349   -9.014  1.00 15.99 ? 2657 A   A "O3'" 1 
ATOM   263 C "C2'" . A   A 1 11 ? -9.014  1.323   -8.045  1.00 13.62 ? 2657 A   A "C2'" 1 
ATOM   264 O "O2'" . A   A 1 11 ? -8.333  1.626   -9.236  1.00 17.83 ? 2657 A   A "O2'" 1 
ATOM   265 C "C1'" . A   A 1 11 ? -8.155  1.765   -6.878  1.00 12.09 ? 2657 A   A "C1'" 1 
ATOM   266 N N9    . A   A 1 11 ? -8.236  0.911   -5.686  1.00 12.03 ? 2657 A   A N9    1 
ATOM   267 C C8    . A   A 1 11 ? -8.730  1.249   -4.453  1.00 12.78 ? 2657 A   A C8    1 
ATOM   268 N N7    . A   A 1 11 ? -8.575  0.317   -3.542  1.00 11.94 ? 2657 A   A N7    1 
ATOM   269 C C5    . A   A 1 11 ? -7.951  -0.714  -4.227  1.00 12.58 ? 2657 A   A C5    1 
ATOM   270 C C6    . A   A 1 11 ? -7.519  -1.994  -3.836  1.00 12.93 ? 2657 A   A C6    1 
ATOM   271 N N6    . A   A 1 11 ? -7.683  -2.502  -2.610  1.00 12.17 ? 2657 A   A N6    1 
ATOM   272 N N1    . A   A 1 11 ? -6.952  -2.775  -4.779  1.00 12.71 ? 2657 A   A N1    1 
ATOM   273 C C2    . A   A 1 11 ? -6.827  -2.299  -6.018  1.00 11.57 ? 2657 A   A C2    1 
ATOM   274 N N3    . A   A 1 11 ? -7.153  -1.102  -6.496  1.00 12.37 ? 2657 A   A N3    1 
ATOM   275 C C4    . A   A 1 11 ? -7.734  -0.359  -5.548  1.00 12.38 ? 2657 A   A C4    1 
ATOM   276 P P     . C   A 1 12 ? -12.348 1.523   -9.188  1.00 16.30 ? 2658 C   A P     1 
ATOM   277 O OP1   . C   A 1 12 ? -12.861 1.797   -10.563 1.00 18.28 ? 2658 C   A OP1   1 
ATOM   278 O OP2   . C   A 1 12 ? -13.230 1.809   -8.087  1.00 18.18 ? 2658 C   A OP2   1 
ATOM   279 O "O5'" . C   A 1 12 ? -11.950 0.001   -8.921  1.00 14.53 ? 2658 C   A "O5'" 1 
ATOM   280 C "C5'" . C   A 1 12 ? -11.141 -0.701  -9.848  1.00 14.17 ? 2658 C   A "C5'" 1 
ATOM   281 C "C4'" . C   A 1 12 ? -10.814 -2.036  -9.262  1.00 12.22 ? 2658 C   A "C4'" 1 
ATOM   282 O "O4'" . C   A 1 12 ? -9.977  -1.868  -8.081  1.00 12.36 ? 2658 C   A "O4'" 1 
ATOM   283 C "C3'" . C   A 1 12 ? -11.977 -2.852  -8.742  1.00 12.19 ? 2658 C   A "C3'" 1 
ATOM   284 O "O3'" . C   A 1 12 ? -12.661 -3.540  -9.779  1.00 13.71 ? 2658 C   A "O3'" 1 
ATOM   285 C "C2'" . C   A 1 12 ? -11.274 -3.826  -7.798  1.00 11.93 ? 2658 C   A "C2'" 1 
ATOM   286 O "O2'" . C   A 1 12 ? -10.632 -4.904  -8.430  1.00 13.28 ? 2658 C   A "O2'" 1 
ATOM   287 C "C1'" . C   A 1 12 ? -10.240 -2.904  -7.151  1.00 12.45 ? 2658 C   A "C1'" 1 
ATOM   288 N N1    . C   A 1 12 ? -10.717 -2.335  -5.886  1.00 11.70 ? 2658 C   A N1    1 
ATOM   289 C C2    . C   A 1 12 ? -10.710 -3.171  -4.758  1.00 10.74 ? 2658 C   A C2    1 
ATOM   290 O O2    . C   A 1 12 ? -10.244 -4.321  -4.866  1.00 12.41 ? 2658 C   A O2    1 
ATOM   291 N N3    . C   A 1 12 ? -11.204 -2.705  -3.585  1.00 11.49 ? 2658 C   A N3    1 
ATOM   292 C C4    . C   A 1 12 ? -11.719 -1.473  -3.523  1.00 11.34 ? 2658 C   A C4    1 
ATOM   293 N N4    . C   A 1 12 ? -12.189 -1.054  -2.353  1.00 12.68 ? 2658 C   A N4    1 
ATOM   294 C C5    . C   A 1 12 ? -11.783 -0.624  -4.668  1.00 11.41 ? 2658 C   A C5    1 
ATOM   295 C C6    . C   A 1 12 ? -11.264 -1.088  -5.815  1.00 11.07 ? 2658 C   A C6    1 
ATOM   296 P P     . G   A 1 13 ? -14.238 -3.753  -9.709  1.00 13.35 ? 2659 G   A P     1 
ATOM   297 O OP1   . G   A 1 13 ? -14.598 -4.430  -10.993 1.00 15.22 ? 2659 G   A OP1   1 
ATOM   298 O OP2   . G   A 1 13 ? -14.937 -2.521  -9.302  1.00 14.77 ? 2659 G   A OP2   1 
ATOM   299 O "O5'" . G   A 1 13 ? -14.405 -4.777  -8.494  1.00 14.13 ? 2659 G   A "O5'" 1 
ATOM   300 C "C5'" . G   A 1 13 ? -13.999 -6.159  -8.619  1.00 14.52 ? 2659 G   A "C5'" 1 
ATOM   301 C "C4'" . G   A 1 13 ? -14.163 -6.855  -7.286  1.00 12.29 ? 2659 G   A "C4'" 1 
ATOM   302 O "O4'" . G   A 1 13 ? -13.289 -6.262  -6.328  1.00 13.33 ? 2659 G   A "O4'" 1 
ATOM   303 C "C3'" . G   A 1 13 ? -15.540 -6.712  -6.659  1.00 14.80 ? 2659 G   A "C3'" 1 
ATOM   304 O "O3'" . G   A 1 13 ? -16.473 -7.622  -7.231  1.00 15.06 ? 2659 G   A "O3'" 1 
ATOM   305 C "C2'" . G   A 1 13 ? -15.218 -7.046  -5.216  1.00 12.97 ? 2659 G   A "C2'" 1 
ATOM   306 O "O2'" . G   A 1 13 ? -15.070 -8.441  -5.024  1.00 13.63 ? 2659 G   A "O2'" 1 
ATOM   307 C "C1'" . G   A 1 13 ? -13.846 -6.358  -5.044  1.00 12.98 ? 2659 G   A "C1'" 1 
ATOM   308 N N9    . G   A 1 13 ? -13.999 -5.014  -4.487  1.00 12.45 ? 2659 G   A N9    1 
ATOM   309 C C8    . G   A 1 13 ? -14.161 -3.825  -5.157  1.00 13.38 ? 2659 G   A C8    1 
ATOM   310 N N7    . G   A 1 13 ? -14.581 -2.856  -4.384  1.00 14.22 ? 2659 G   A N7    1 
ATOM   311 C C5    . G   A 1 13 ? -14.701 -3.451  -3.134  1.00 11.52 ? 2659 G   A C5    1 
ATOM   312 C C6    . G   A 1 13 ? -15.115 -2.916  -1.898  1.00 12.31 ? 2659 G   A C6    1 
ATOM   313 O O6    . G   A 1 13 ? -15.513 -1.783  -1.662  1.00 13.70 ? 2659 G   A O6    1 
ATOM   314 N N1    . G   A 1 13 ? -15.201 -3.903  -0.912  1.00 12.44 ? 2659 G   A N1    1 
ATOM   315 C C2    . G   A 1 13 ? -14.908 -5.233  -1.101  1.00 10.40 ? 2659 G   A C2    1 
ATOM   316 N N2    . G   A 1 13 ? -15.002 -6.038  -0.022  1.00 12.66 ? 2659 G   A N2    1 
ATOM   317 N N3    . G   A 1 13 ? -14.398 -5.708  -2.215  1.00 11.31 ? 2659 G   A N3    1 
ATOM   318 C C4    . G   A 1 13 ? -14.384 -4.787  -3.198  1.00 13.13 ? 2659 G   A C4    1 
ATOM   319 P P     . A   A 1 14 ? -17.864 -7.095  -7.832  1.00 15.26 ? 2660 A   A P     1 
ATOM   320 O OP1   . A   A 1 14 ? -18.549 -8.245  -8.449  1.00 15.89 ? 2660 A   A OP1   1 
ATOM   321 O OP2   . A   A 1 14 ? -17.627 -5.861  -8.667  1.00 16.87 ? 2660 A   A OP2   1 
ATOM   322 O "O5'" . A   A 1 14 ? -18.657 -6.656  -6.528  1.00 15.23 ? 2660 A   A "O5'" 1 
ATOM   323 C "C5'" . A   A 1 14 ? -19.898 -5.911  -6.609  1.00 17.00 ? 2660 A   A "C5'" 1 
ATOM   324 C "C4'" . A   A 1 14 ? -20.916 -6.372  -5.598  1.00 14.90 ? 2660 A   A "C4'" 1 
ATOM   325 O "O4'" . A   A 1 14 ? -21.175 -7.766  -5.833  1.00 14.02 ? 2660 A   A "O4'" 1 
ATOM   326 C "C3'" . A   A 1 14 ? -20.465 -6.316  -4.141  1.00 13.94 ? 2660 A   A "C3'" 1 
ATOM   327 O "O3'" . A   A 1 14 ? -20.675 -5.009  -3.599  1.00 16.72 ? 2660 A   A "O3'" 1 
ATOM   328 C "C2'" . A   A 1 14 ? -21.327 -7.394  -3.506  1.00 14.03 ? 2660 A   A "C2'" 1 
ATOM   329 O "O2'" . A   A 1 14 ? -22.632 -6.896  -3.357  1.00 15.46 ? 2660 A   A "O2'" 1 
ATOM   330 C "C1'" . A   A 1 14 ? -21.349 -8.445  -4.601  1.00 15.56 ? 2660 A   A "C1'" 1 
ATOM   331 N N9    . A   A 1 14 ? -20.340 -9.505  -4.498  1.00 15.59 ? 2660 A   A N9    1 
ATOM   332 C C8    . A   A 1 14 ? -19.239 -9.762  -5.282  1.00 13.44 ? 2660 A   A C8    1 
ATOM   333 N N7    . A   A 1 14 ? -18.647 -10.895 -5.001  1.00 17.16 ? 2660 A   A N7    1 
ATOM   334 C C5    . A   A 1 14 ? -19.426 -11.438 -3.990  1.00 14.81 ? 2660 A   A C5    1 
ATOM   335 C C6    . A   A 1 14 ? -19.339 -12.639 -3.266  1.00 16.37 ? 2660 A   A C6    1 
ATOM   336 N N6    . A   A 1 14 ? -18.416 -13.570 -3.483  1.00 16.02 ? 2660 A   A N6    1 
ATOM   337 N N1    . A   A 1 14 ? -20.276 -12.870 -2.326  1.00 15.10 ? 2660 A   A N1    1 
ATOM   338 C C2    . A   A 1 14 ? -21.221 -11.947 -2.120  1.00 15.80 ? 2660 A   A C2    1 
ATOM   339 N N3    . A   A 1 14 ? -21.414 -10.794 -2.742  1.00 16.68 ? 2660 A   A N3    1 
ATOM   340 C C4    . A   A 1 14 ? -20.452 -10.579 -3.651  1.00 14.80 ? 2660 A   A C4    1 
HETATM 341 P P     . 2SG A 1 15 ? -19.614 -4.269  -2.794  1.00 13.96 ? 2661 2SG A P     1 
HETATM 342 S SP1   . 2SG A 1 15 ? -20.277 -2.405  -2.657  1.00 16.99 ? 2661 2SG A SP1   1 
HETATM 343 S SP2   . 2SG A 1 15 ? -17.779 -4.574  -3.356  1.00 13.17 ? 2661 2SG A SP2   1 
HETATM 344 O "O5'" . 2SG A 1 15 ? -19.976 -5.012  -1.406  1.00 16.95 ? 2661 2SG A "O5'" 1 
HETATM 345 C "C5'" . 2SG A 1 15 ? -18.953 -5.363  -0.463  1.00 15.09 ? 2661 2SG A "C5'" 1 
HETATM 346 C "C4'" . 2SG A 1 15 ? -19.461 -6.589  0.298   1.00 12.02 ? 2661 2SG A "C4'" 1 
HETATM 347 C "C3'" . 2SG A 1 15 ? -18.496 -7.191  1.235   1.00 13.16 ? 2661 2SG A "C3'" 1 
HETATM 348 O "O3'" . 2SG A 1 15 ? -18.614 -6.667  2.541   1.00 13.74 ? 2661 2SG A "O3'" 1 
HETATM 349 C "C2'" . 2SG A 1 15 ? -18.807 -8.686  1.220   1.00 12.44 ? 2661 2SG A "C2'" 1 
HETATM 350 O "O2'" . 2SG A 1 15 ? -19.982 -8.902  2.022   1.00 12.07 ? 2661 2SG A "O2'" 1 
HETATM 351 C "C1'" . 2SG A 1 15 ? -19.160 -8.825  -0.248  1.00 13.68 ? 2661 2SG A "C1'" 1 
HETATM 352 O "O4'" . 2SG A 1 15 ? -19.745 -7.639  -0.628  1.00 13.54 ? 2661 2SG A "O4'" 1 
HETATM 353 N N9    . 2SG A 1 15 ? -18.046 -9.141  -1.185  1.00 12.95 ? 2661 2SG A N9    1 
HETATM 354 C C4    . 2SG A 1 15 ? -17.457 -10.350 -1.265  1.00 11.89 ? 2661 2SG A C4    1 
HETATM 355 C C5    . 2SG A 1 15 ? -16.516 -10.269 -2.309  1.00 11.27 ? 2661 2SG A C5    1 
HETATM 356 N N7    . 2SG A 1 15 ? -16.626 -9.012  -2.833  1.00 11.25 ? 2661 2SG A N7    1 
HETATM 357 C C8    . 2SG A 1 15 ? -17.545 -8.328  -2.143  1.00 14.63 ? 2661 2SG A C8    1 
HETATM 358 N N3    . 2SG A 1 15 ? -17.617 -11.428 -0.469  1.00 11.68 ? 2661 2SG A N3    1 
HETATM 359 C C2    . 2SG A 1 15 ? -16.891 -12.513 -0.819  1.00 12.59 ? 2661 2SG A C2    1 
HETATM 360 N N2    . 2SG A 1 15 ? -16.917 -13.645 -0.087  1.00 12.33 ? 2661 2SG A N2    1 
HETATM 361 N N1    . 2SG A 1 15 ? -15.953 -12.463 -1.811  1.00 13.15 ? 2661 2SG A N1    1 
HETATM 362 C C6    . 2SG A 1 15 ? -15.783 -11.408 -2.626  1.00 12.49 ? 2661 2SG A C6    1 
HETATM 363 O O6    . 2SG A 1 15 ? -14.978 -11.468 -3.579  1.00 14.20 ? 2661 2SG A O6    1 
ATOM   364 P P     . A   A 1 16 ? -17.241 -6.410  3.401   1.00 13.41 ? 2662 A   A P     1 
ATOM   365 O OP1   . A   A 1 16 ? -17.667 -5.828  4.697   1.00 14.39 ? 2662 A   A OP1   1 
ATOM   366 O OP2   . A   A 1 16 ? -16.230 -5.644  2.584   1.00 12.50 ? 2662 A   A OP2   1 
ATOM   367 O "O5'" . A   A 1 16 ? -16.674 -7.888  3.564   1.00 12.60 ? 2662 A   A "O5'" 1 
ATOM   368 C "C5'" . A   A 1 16 ? -17.267 -8.859  4.426   1.00 12.58 ? 2662 A   A "C5'" 1 
ATOM   369 C "C4'" . A   A 1 16 ? -16.461 -10.132 4.348   1.00 12.58 ? 2662 A   A "C4'" 1 
ATOM   370 O "O4'" . A   A 1 16 ? -16.582 -10.692 3.024   1.00 11.92 ? 2662 A   A "O4'" 1 
ATOM   371 C "C3'" . A   A 1 16 ? -14.958 -9.959  4.536   1.00 12.43 ? 2662 A   A "C3'" 1 
ATOM   372 O "O3'" . A   A 1 16 ? -14.697 -9.854  5.901   1.00 14.39 ? 2662 A   A "O3'" 1 
ATOM   373 C "C2'" . A   A 1 16 ? -14.400 -11.183 3.810   1.00 12.34 ? 2662 A   A "C2'" 1 
ATOM   374 O "O2'" . A   A 1 16 ? -14.482 -12.314 4.652   1.00 14.19 ? 2662 A   A "O2'" 1 
ATOM   375 C "C1'" . A   A 1 16 ? -15.380 -11.308 2.644   1.00 11.63 ? 2662 A   A "C1'" 1 
ATOM   376 N N9    . A   A 1 16 ? -14.830 -10.597 1.486   1.00 11.94 ? 2662 A   A N9    1 
ATOM   377 C C8    . A   A 1 16 ? -14.988 -9.262  1.193   1.00 12.41 ? 2662 A   A C8    1 
ATOM   378 N N7    . A   A 1 16 ? -14.320 -8.868  0.134   1.00 12.33 ? 2662 A   A N7    1 
ATOM   379 C C5    . A   A 1 16 ? -13.684 -10.020 -0.299  1.00 11.58 ? 2662 A   A C5    1 
ATOM   380 C C6    . A   A 1 16 ? -12.879 -10.275 -1.400  1.00 14.36 ? 2662 A   A C6    1 
ATOM   381 N N6    . A   A 1 16 ? -12.501 -9.328  -2.254  1.00 14.57 ? 2662 A   A N6    1 
ATOM   382 N N1    . A   A 1 16 ? -12.377 -11.519 -1.537  1.00 12.61 ? 2662 A   A N1    1 
ATOM   383 C C2    . A   A 1 16 ? -12.780 -12.468 -0.691  1.00 12.75 ? 2662 A   A C2    1 
ATOM   384 N N3    . A   A 1 16 ? -13.546 -12.355 0.380   1.00 11.87 ? 2662 A   A N3    1 
ATOM   385 C C4    . A   A 1 16 ? -13.985 -11.093 0.521   1.00 9.85  ? 2662 A   A C4    1 
ATOM   386 P P     . G   A 1 17 ? -13.577 -8.854  6.423   1.00 14.84 ? 2663 G   A P     1 
ATOM   387 O OP1   . G   A 1 17 ? -13.551 -8.994  7.899   1.00 19.68 ? 2663 G   A OP1   1 
ATOM   388 O OP2   . G   A 1 17 ? -13.797 -7.501  5.879   1.00 15.28 ? 2663 G   A OP2   1 
ATOM   389 O "O5'" . G   A 1 17 ? -12.265 -9.530  5.843   1.00 14.63 ? 2663 G   A "O5'" 1 
ATOM   390 C "C5'" . G   A 1 17 ? -11.181 -8.701  5.391   1.00 14.61 ? 2663 G   A "C5'" 1 
ATOM   391 C "C4'" . G   A 1 17 ? -10.741 -9.124  4.023   1.00 13.41 ? 2663 G   A "C4'" 1 
ATOM   392 O "O4'" . G   A 1 17 ? -11.809 -8.969  3.034   1.00 12.80 ? 2663 G   A "O4'" 1 
ATOM   393 C "C3'" . G   A 1 17 ? -9.592  -8.303  3.479   1.00 12.95 ? 2663 G   A "C3'" 1 
ATOM   394 O "O3'" . G   A 1 17 ? -8.347  -8.660  4.038   1.00 14.44 ? 2663 G   A "O3'" 1 
ATOM   395 C "C2'" . G   A 1 17 ? -9.743  -8.543  1.991   1.00 13.79 ? 2663 G   A "C2'" 1 
ATOM   396 O "O2'" . G   A 1 17 ? -9.111  -9.735  1.576   1.00 14.13 ? 2663 G   A "O2'" 1 
ATOM   397 C "C1'" . G   A 1 17 ? -11.267 -8.434  1.837   1.00 13.15 ? 2663 G   A "C1'" 1 
ATOM   398 N N9    . G   A 1 17 ? -11.720 -7.058  1.676   1.00 13.37 ? 2663 G   A N9    1 
ATOM   399 C C8    . G   A 1 17 ? -12.323 -6.232  2.589   1.00 12.78 ? 2663 G   A C8    1 
ATOM   400 N N7    . G   A 1 17 ? -12.501 -5.023  2.134   1.00 11.77 ? 2663 G   A N7    1 
ATOM   401 C C5    . G   A 1 17 ? -11.966 -5.048  0.858   1.00 11.27 ? 2663 G   A C5    1 
ATOM   402 C C6    . G   A 1 17 ? -11.873 -4.035  -0.119  1.00 11.43 ? 2663 G   A C6    1 
ATOM   403 O O6    . G   A 1 17 ? -12.254 -2.870  -0.048  1.00 13.14 ? 2663 G   A O6    1 
ATOM   404 N N1    . G   A 1 17 ? -11.303 -4.509  -1.294  1.00 11.62 ? 2663 G   A N1    1 
ATOM   405 C C2    . G   A 1 17 ? -10.871 -5.793  -1.498  1.00 12.73 ? 2663 G   A C2    1 
ATOM   406 N N2    . G   A 1 17 ? -10.349 -6.086  -2.696  1.00 14.73 ? 2663 G   A N2    1 
ATOM   407 N N3    . G   A 1 17 ? -10.961 -6.744  -0.591  1.00 13.13 ? 2663 G   A N3    1 
ATOM   408 C C4    . G   A 1 17 ? -11.503 -6.302  0.554   1.00 11.64 ? 2663 G   A C4    1 
ATOM   409 P P     . G   A 1 18 ? -7.283  -7.531  4.536   1.00 14.76 ? 2664 G   A P     1 
ATOM   410 O OP1   . G   A 1 18 ? -6.133  -8.213  5.032   1.00 15.35 ? 2664 G   A OP1   1 
ATOM   411 O OP2   . G   A 1 18 ? -7.962  -6.614  5.442   1.00 16.47 ? 2664 G   A OP2   1 
ATOM   412 O "O5'" . G   A 1 18 ? -7.053  -6.690  3.201   1.00 15.08 ? 2664 G   A "O5'" 1 
ATOM   413 C "C5'" . G   A 1 18 ? -6.364  -7.245  2.088   1.00 14.79 ? 2664 G   A "C5'" 1 
ATOM   414 C "C4'" . G   A 1 18 ? -6.394  -6.268  0.930   1.00 12.23 ? 2664 G   A "C4'" 1 
ATOM   415 O "O4'" . G   A 1 18 ? -7.768  -5.911  0.662   1.00 12.45 ? 2664 G   A "O4'" 1 
ATOM   416 C "C3'" . G   A 1 18 ? -5.751  -4.915  1.179   1.00 12.65 ? 2664 G   A "C3'" 1 
ATOM   417 O "O3'" . G   A 1 18 ? -4.330  -4.991  1.066   1.00 13.18 ? 2664 G   A "O3'" 1 
ATOM   418 C "C2'" . G   A 1 18 ? -6.418  -4.067  0.107   1.00 12.63 ? 2664 G   A "C2'" 1 
ATOM   419 O "O2'" . G   A 1 18 ? -5.972  -4.413  -1.185  1.00 13.38 ? 2664 G   A "O2'" 1 
ATOM   420 C "C1'" . G   A 1 18 ? -7.856  -4.555  0.227   1.00 10.06 ? 2664 G   A "C1'" 1 
ATOM   421 N N9    . G   A 1 18 ? -8.634  -3.817  1.206   1.00 11.76 ? 2664 G   A N9    1 
ATOM   422 C C8    . G   A 1 18 ? -8.958  -4.242  2.469   1.00 12.84 ? 2664 G   A C8    1 
ATOM   423 N N7    . G   A 1 18 ? -9.670  -3.371  3.135   1.00 14.24 ? 2664 G   A N7    1 
ATOM   424 C C5    . G   A 1 18 ? -9.740  -2.269  2.296   1.00 12.58 ? 2664 G   A C5    1 
ATOM   425 C C6    . G   A 1 18 ? -10.421 -1.034  2.462   1.00 15.42 ? 2664 G   A C6    1 
ATOM   426 O O6    . G   A 1 18 ? -11.058 -0.638  3.447   1.00 17.06 ? 2664 G   A O6    1 
ATOM   427 N N1    . G   A 1 18 ? -10.327 -0.237  1.329   1.00 12.75 ? 2664 G   A N1    1 
ATOM   428 C C2    . G   A 1 18 ? -9.652  -0.568  0.188   1.00 12.14 ? 2664 G   A C2    1 
ATOM   429 N N2    . G   A 1 18 ? -9.669  0.358   -0.797  1.00 13.15 ? 2664 G   A N2    1 
ATOM   430 N N3    . G   A 1 18 ? -9.049  -1.737  0.000   1.00 11.72 ? 2664 G   A N3    1 
ATOM   431 C C4    . G   A 1 18 ? -9.155  -2.543  1.078   1.00 11.81 ? 2664 G   A C4    1 
ATOM   432 P P     . A   A 1 19 ? -3.428  -3.914  1.774   1.00 12.87 ? 2665 A   A P     1 
ATOM   433 O OP1   . A   A 1 19 ? -2.046  -4.456  1.829   1.00 14.09 ? 2665 A   A OP1   1 
ATOM   434 O OP2   . A   A 1 19 ? -4.058  -3.445  3.000   1.00 14.19 ? 2665 A   A OP2   1 
ATOM   435 O "O5'" . A   A 1 19 ? -3.524  -2.653  0.806   1.00 12.64 ? 2665 A   A "O5'" 1 
ATOM   436 C "C5'" . A   A 1 19 ? -2.450  -2.201  -0.075  1.00 11.79 ? 2665 A   A "C5'" 1 
ATOM   437 C "C4'" . A   A 1 19 ? -2.331  -3.045  -1.325  1.00 13.94 ? 2665 A   A "C4'" 1 
ATOM   438 O "O4'" . A   A 1 19 ? -3.618  -3.177  -2.013  1.00 13.62 ? 2665 A   A "O4'" 1 
ATOM   439 C "C3'" . A   A 1 19 ? -1.404  -2.442  -2.378  1.00 13.93 ? 2665 A   A "C3'" 1 
ATOM   440 O "O3'" . A   A 1 19 ? -0.016  -2.630  -2.093  1.00 13.60 ? 2665 A   A "O3'" 1 
ATOM   441 C "C2'" . A   A 1 19 ? -1.924  -3.069  -3.652  1.00 12.65 ? 2665 A   A "C2'" 1 
ATOM   442 O "O2'" . A   A 1 19 ? -1.525  -4.410  -3.757  1.00 14.63 ? 2665 A   A "O2'" 1 
ATOM   443 C "C1'" . A   A 1 19 ? -3.437  -2.946  -3.429  1.00 13.62 ? 2665 A   A "C1'" 1 
ATOM   444 N N9    . A   A 1 19 ? -3.901  -1.603  -3.790  1.00 14.99 ? 2665 A   A N9    1 
ATOM   445 C C8    . A   A 1 19 ? -4.403  -0.662  -2.930  1.00 13.59 ? 2665 A   A C8    1 
ATOM   446 N N7    . A   A 1 19 ? -4.682  0.480   -3.507  1.00 12.53 ? 2665 A   A N7    1 
ATOM   447 C C5    . A   A 1 19 ? -4.390  0.264   -4.841  1.00 13.46 ? 2665 A   A C5    1 
ATOM   448 C C6    . A   A 1 19 ? -4.532  1.075   -5.981  1.00 13.28 ? 2665 A   A C6    1 
ATOM   449 N N6    . A   A 1 19 ? -4.939  2.346   -5.932  1.00 13.51 ? 2665 A   A N6    1 
ATOM   450 N N1    . A   A 1 19 ? -4.183  0.549   -7.177  1.00 13.90 ? 2665 A   A N1    1 
ATOM   451 C C2    . A   A 1 19 ? -3.768  -0.721  -7.220  1.00 12.30 ? 2665 A   A C2    1 
ATOM   452 N N3    . A   A 1 19 ? -3.586  -1.581  -6.217  1.00 12.15 ? 2665 A   A N3    1 
ATOM   453 C C4    . A   A 1 19 ? -3.929  -1.023  -5.039  1.00 12.53 ? 2665 A   A C4    1 
ATOM   454 P P     . C   A 1 20 ? 1.061   -1.558  -2.546  1.00 13.31 ? 2666 C   A P     1 
ATOM   455 O OP1   . C   A 1 20 ? 2.317   -1.919  -1.856  1.00 14.19 ? 2666 C   A OP1   1 
ATOM   456 O OP2   . C   A 1 20 ? 0.485   -0.199  -2.390  1.00 12.29 ? 2666 C   A OP2   1 
ATOM   457 O "O5'" . C   A 1 20 ? 1.225   -1.829  -4.088  1.00 12.45 ? 2666 C   A "O5'" 1 
ATOM   458 C "C5'" . C   A 1 20 ? 1.519   -3.129  -4.606  1.00 13.14 ? 2666 C   A "C5'" 1 
ATOM   459 C "C4'" . C   A 1 20 ? 1.370   -3.118  -6.110  1.00 13.78 ? 2666 C   A "C4'" 1 
ATOM   460 O "O4'" . C   A 1 20 ? 0.031   -2.694  -6.462  1.00 13.24 ? 2666 C   A "O4'" 1 
ATOM   461 C "C3'" . C   A 1 20 ? 2.254   -2.184  -6.924  1.00 14.34 ? 2666 C   A "C3'" 1 
ATOM   462 O "O3'" . C   A 1 20 ? 3.539   -2.741  -7.122  1.00 15.34 ? 2666 C   A "O3'" 1 
ATOM   463 C "C2'" . C   A 1 20 ? 1.475   -2.089  -8.229  1.00 14.69 ? 2666 C   A "C2'" 1 
ATOM   464 O "O2'" . C   A 1 20 ? 1.587   -3.323  -8.955  1.00 17.06 ? 2666 C   A "O2'" 1 
ATOM   465 C "C1'" . C   A 1 20 ? 0.066   -1.971  -7.677  1.00 13.50 ? 2666 C   A "C1'" 1 
ATOM   466 N N1    . C   A 1 20 ? -0.357  -0.592  -7.443  1.00 12.16 ? 2666 C   A N1    1 
ATOM   467 C C2    . C   A 1 20 ? -0.606  0.192   -8.560  1.00 12.18 ? 2666 C   A C2    1 
ATOM   468 O O2    . C   A 1 20 ? -0.472  -0.318  -9.682  1.00 14.45 ? 2666 C   A O2    1 
ATOM   469 N N3    . C   A 1 20 ? -1.063  1.456   -8.405  1.00 12.99 ? 2666 C   A N3    1 
ATOM   470 C C4    . C   A 1 20 ? -1.294  1.930   -7.179  1.00 13.25 ? 2666 C   A C4    1 
ATOM   471 N N4    . C   A 1 20 ? -1.754  3.196   -7.070  1.00 13.75 ? 2666 C   A N4    1 
ATOM   472 C C5    . C   A 1 20 ? -0.988  1.158   -6.008  1.00 12.53 ? 2666 C   A C5    1 
ATOM   473 C C6    . C   A 1 20 ? -0.579  -0.101  -6.191  1.00 11.74 ? 2666 C   A C6    1 
ATOM   474 P P     . C   A 1 21 ? 4.841   -1.903  -6.803  1.00 16.83 ? 2667 C   A P     1 
ATOM   475 O OP1   . C   A 1 21 ? 5.982   -2.849  -7.092  1.00 20.45 ? 2667 C   A OP1   1 
ATOM   476 O OP2   . C   A 1 21 ? 4.716   -1.291  -5.471  1.00 17.15 ? 2667 C   A OP2   1 
ATOM   477 O "O5'" . C   A 1 21 ? 4.859   -0.746  -7.897  1.00 16.64 ? 2667 C   A "O5'" 1 
ATOM   478 C "C5'" . C   A 1 21 ? 5.097   -1.032  -9.282  1.00 15.38 ? 2667 C   A "C5'" 1 
ATOM   479 C "C4'" . C   A 1 21 ? 4.597   0.141   -10.086 1.00 17.21 ? 2667 C   A "C4'" 1 
ATOM   480 O "O4'" . C   A 1 21 ? 3.191   0.374   -9.780  1.00 16.51 ? 2667 C   A "O4'" 1 
ATOM   481 C "C3'" . C   A 1 21 ? 5.246   1.473   -9.753  1.00 17.47 ? 2667 C   A "C3'" 1 
ATOM   482 O "O3'" . C   A 1 21 ? 6.466   1.567   -10.442 1.00 18.38 ? 2667 C   A "O3'" 1 
ATOM   483 C "C2'" . C   A 1 21 ? 4.221   2.437   -10.308 1.00 18.88 ? 2667 C   A "C2'" 1 
ATOM   484 O "O2'" . C   A 1 21 ? 4.378   2.549   -11.706 1.00 18.20 ? 2667 C   A "O2'" 1 
ATOM   485 C "C1'" . C   A 1 21 ? 2.921   1.761   -9.864  1.00 18.32 ? 2667 C   A "C1'" 1 
ATOM   486 N N1    . C   A 1 21 ? 2.453   2.243   -8.545  1.00 16.14 ? 2667 C   A N1    1 
ATOM   487 C C2    . C   A 1 21 ? 1.949   3.542   -8.497  1.00 15.55 ? 2667 C   A C2    1 
ATOM   488 O O2    . C   A 1 21 ? 1.809   4.164   -9.562  1.00 16.64 ? 2667 C   A O2    1 
ATOM   489 N N3    . C   A 1 21 ? 1.549   4.055   -7.314  1.00 15.49 ? 2667 C   A N3    1 
ATOM   490 C C4    . C   A 1 21 ? 1.694   3.345   -6.195  1.00 12.03 ? 2667 C   A C4    1 
ATOM   491 N N4    . C   A 1 21 ? 1.284   3.891   -5.058  1.00 14.29 ? 2667 C   A N4    1 
ATOM   492 C C5    . C   A 1 21 ? 2.259   2.034   -6.201  1.00 13.41 ? 2667 C   A C5    1 
ATOM   493 C C6    . C   A 1 21 ? 2.646   1.537   -7.389  1.00 13.06 ? 2667 C   A C6    1 
ATOM   494 P P     . G   A 1 22 ? 7.718   2.181   -9.738  1.00 16.90 ? 2668 G   A P     1 
ATOM   495 O OP1   . G   A 1 22 ? 8.777   2.333   -10.763 1.00 17.55 ? 2668 G   A OP1   1 
ATOM   496 O OP2   . G   A 1 22 ? 7.945   1.457   -8.517  1.00 17.90 ? 2668 G   A OP2   1 
ATOM   497 O "O5'" . G   A 1 22 ? 7.263   3.641   -9.292  1.00 15.24 ? 2668 G   A "O5'" 1 
ATOM   498 C "C5'" . G   A 1 22 ? 7.041   4.661   -10.276 1.00 16.07 ? 2668 G   A "C5'" 1 
ATOM   499 C "C4'" . G   A 1 22 ? 6.488   5.900   -9.611  1.00 17.08 ? 2668 G   A "C4'" 1 
ATOM   500 O "O4'" . G   A 1 22 ? 5.169   5.606   -9.061  1.00 14.71 ? 2668 G   A "O4'" 1 
ATOM   501 C "C3'" . G   A 1 22 ? 7.248   6.462   -8.416  1.00 14.80 ? 2668 G   A "C3'" 1 
ATOM   502 O "O3'" . G   A 1 22 ? 8.473   7.159   -8.733  1.00 19.13 ? 2668 G   A "O3'" 1 
ATOM   503 C "C2'" . G   A 1 22 ? 6.155   7.335   -7.797  1.00 14.37 ? 2668 G   A "C2'" 1 
ATOM   504 O "O2'" . G   A 1 22 ? 5.928   8.536   -8.521  1.00 16.73 ? 2668 G   A "O2'" 1 
ATOM   505 C "C1'" . G   A 1 22 ? 4.962   6.382   -7.881  1.00 14.24 ? 2668 G   A "C1'" 1 
ATOM   506 N N9    . G   A 1 22 ? 4.893   5.486   -6.733  1.00 11.60 ? 2668 G   A N9    1 
ATOM   507 C C8    . G   A 1 22 ? 5.235   4.151   -6.703  1.00 12.16 ? 2668 G   A C8    1 
ATOM   508 N N7    . G   A 1 22 ? 5.124   3.621   -5.512  1.00 12.51 ? 2668 G   A N7    1 
ATOM   509 C C5    . G   A 1 22 ? 4.609   4.649   -4.726  1.00 12.00 ? 2668 G   A C5    1 
ATOM   510 C C6    . G   A 1 22 ? 4.234   4.655   -3.361  1.00 11.84 ? 2668 G   A C6    1 
ATOM   511 O O6    . G   A 1 22 ? 4.274   3.716   -2.560  1.00 11.59 ? 2668 G   A O6    1 
ATOM   512 N N1    . G   A 1 22 ? 3.844   5.925   -2.941  1.00 11.60 ? 2668 G   A N1    1 
ATOM   513 C C2    . G   A 1 22 ? 3.735   7.023   -3.756  1.00 11.47 ? 2668 G   A C2    1 
ATOM   514 N N2    . G   A 1 22 ? 3.348   8.156   -3.164  1.00 12.01 ? 2668 G   A N2    1 
ATOM   515 N N3    . G   A 1 22 ? 4.065   7.028   -5.041  1.00 11.72 ? 2668 G   A N3    1 
ATOM   516 C C4    . G   A 1 22 ? 4.438   5.800   -5.468  1.00 10.89 ? 2668 G   A C4    1 
ATOM   517 P P     . G   A 1 23 ? 9.745   7.159   -7.694  1.00 19.33 ? 2669 G   A P     1 
ATOM   518 O OP1   . G   A 1 23 ? 10.864  7.870   -8.403  1.00 23.16 ? 2669 G   A OP1   1 
ATOM   519 O OP2   . G   A 1 23 ? 9.983   5.783   -7.154  1.00 21.20 ? 2669 G   A OP2   1 
ATOM   520 O "O5'" . G   A 1 23 ? 9.228   8.040   -6.474  1.00 19.50 ? 2669 G   A "O5'" 1 
ATOM   521 C "C5'" . G   A 1 23 ? 8.845   9.400   -6.644  1.00 19.50 ? 2669 G   A "C5'" 1 
ATOM   522 C "C4'" . G   A 1 23 ? 8.180   9.889   -5.393  1.00 14.65 ? 2669 G   A "C4'" 1 
ATOM   523 O "O4'" . G   A 1 23 ? 7.053   9.036   -5.085  1.00 13.84 ? 2669 G   A "O4'" 1 
ATOM   524 C "C3'" . G   A 1 23 ? 8.996   9.873   -4.107  1.00 15.56 ? 2669 G   A "C3'" 1 
ATOM   525 O "O3'" . G   A 1 23 ? 9.816   11.004  -4.041  1.00 17.39 ? 2669 G   A "O3'" 1 
ATOM   526 C "C2'" . G   A 1 23 ? 7.893   9.948   -3.072  1.00 14.92 ? 2669 G   A "C2'" 1 
ATOM   527 O "O2'" . G   A 1 23 ? 7.217   11.210  -3.042  1.00 15.10 ? 2669 G   A "O2'" 1 
ATOM   528 C "C1'" . G   A 1 23 ? 6.949   8.930   -3.688  1.00 12.45 ? 2669 G   A "C1'" 1 
ATOM   529 N N9    . G   A 1 23 ? 7.182   7.555   -3.272  1.00 13.39 ? 2669 G   A N9    1 
ATOM   530 C C8    . G   A 1 23 ? 7.566   6.471   -4.024  1.00 14.31 ? 2669 G   A C8    1 
ATOM   531 N N7    . G   A 1 23 ? 7.603   5.363   -3.335  1.00 12.49 ? 2669 G   A N7    1 
ATOM   532 C C5    . G   A 1 23 ? 7.205   5.734   -2.058  1.00 11.56 ? 2669 G   A C5    1 
ATOM   533 C C6    . G   A 1 23 ? 6.956   4.940   -0.903  1.00 11.38 ? 2669 G   A C6    1 
ATOM   534 O O6    . G   A 1 23 ? 7.078   3.714   -0.761  1.00 13.98 ? 2669 G   A O6    1 
ATOM   535 N N1    . G   A 1 23 ? 6.539   5.723   0.173   1.00 12.95 ? 2669 G   A N1    1 
ATOM   536 C C2    . G   A 1 23 ? 6.354   7.083   0.133   1.00 11.19 ? 2669 G   A C2    1 
ATOM   537 N N2    . G   A 1 23 ? 5.979   7.679   1.291   1.00 13.33 ? 2669 G   A N2    1 
ATOM   538 N N3    . G   A 1 23 ? 6.545   7.823   -0.949  1.00 12.01 ? 2669 G   A N3    1 
ATOM   539 C C4    . G   A 1 23 ? 6.916   7.079   -2.011  1.00 11.34 ? 2669 G   A C4    1 
ATOM   540 P P     . A   A 1 24 ? 11.318  10.887  -3.444  1.00 20.59 ? 2670 A   A P     1 
ATOM   541 O OP1   . A   A 1 24 ? 12.011  12.143  -3.780  1.00 28.94 ? 2670 A   A OP1   1 
ATOM   542 O OP2   . A   A 1 24 ? 11.939  9.600   -3.838  1.00 22.34 ? 2670 A   A OP2   1 
ATOM   543 O "O5'" . A   A 1 24 ? 11.084  10.866  -1.875  1.00 20.52 ? 2670 A   A "O5'" 1 
ATOM   544 C "C5'" . A   A 1 24 ? 10.633  12.081  -1.261  1.00 16.39 ? 2670 A   A "C5'" 1 
ATOM   545 C "C4'" . A   A 1 24 ? 10.290  11.825  0.167   1.00 16.63 ? 2670 A   A "C4'" 1 
ATOM   546 O "O4'" . A   A 1 24 ? 9.210   10.858  0.233   1.00 16.57 ? 2670 A   A "O4'" 1 
ATOM   547 C "C3'" . A   A 1 24 ? 11.383  11.163  0.991   1.00 18.05 ? 2670 A   A "C3'" 1 
ATOM   548 O "O3'" . A   A 1 24 ? 12.394  12.030  1.448   1.00 20.48 ? 2670 A   A "O3'" 1 
ATOM   549 C "C2'" . A   A 1 24 ? 10.570  10.632  2.153   1.00 16.57 ? 2670 A   A "C2'" 1 
ATOM   550 O "O2'" . A   A 1 24 ? 10.131  11.688  2.989   1.00 17.18 ? 2670 A   A "O2'" 1 
ATOM   551 C "C1'" . A   A 1 24 ? 9.377   10.049  1.390   1.00 15.15 ? 2670 A   A "C1'" 1 
ATOM   552 N N9    . A   A 1 24 ? 9.596   8.675   0.923   1.00 16.44 ? 2670 A   A N9    1 
ATOM   553 C C8    . A   A 1 24 ? 9.883   8.213   -0.339  1.00 17.15 ? 2670 A   A C8    1 
ATOM   554 N N7    . A   A 1 24 ? 10.018  6.911   -0.406  1.00 15.89 ? 2670 A   A N7    1 
ATOM   555 C C5    . A   A 1 24 ? 9.715   6.480   0.876   1.00 15.17 ? 2670 A   A C5    1 
ATOM   556 C C6    . A   A 1 24 ? 9.621   5.208   1.440   1.00 13.48 ? 2670 A   A C6    1 
ATOM   557 N N6    . A   A 1 24 ? 9.854   4.079   0.765   1.00 16.25 ? 2670 A   A N6    1 
ATOM   558 N N1    . A   A 1 24 ? 9.346   5.122   2.758   1.00 13.68 ? 2670 A   A N1    1 
ATOM   559 C C2    . A   A 1 24 ? 9.130   6.241   3.442   1.00 13.18 ? 2670 A   A C2    1 
ATOM   560 N N3    . A   A 1 24 ? 9.151   7.505   3.012   1.00 13.91 ? 2670 A   A N3    1 
ATOM   561 C C4    . A   A 1 24 ? 9.444   7.557   1.702   1.00 13.82 ? 2670 A   A C4    1 
ATOM   562 P P     . G   A 1 25 ? 13.844  11.439  1.884   1.00 22.70 ? 2671 G   A P     1 
ATOM   563 O OP1   . G   A 1 25 ? 14.654  12.607  2.290   1.00 27.12 ? 2671 G   A OP1   1 
ATOM   564 O OP2   . G   A 1 25 ? 14.362  10.550  0.815   1.00 26.54 ? 2671 G   A OP2   1 
ATOM   565 O "O5'" . G   A 1 25 ? 13.535  10.527  3.150   1.00 26.66 ? 2671 G   A "O5'" 1 
ATOM   566 C "C5'" . G   A 1 25 ? 13.342  11.086  4.453   1.00 22.47 ? 2671 G   A "C5'" 1 
ATOM   567 C "C4'" . G   A 1 25 ? 13.034  9.966   5.403   1.00 21.80 ? 2671 G   A "C4'" 1 
ATOM   568 O "O4'" . G   A 1 25 ? 12.041  9.097   4.811   1.00 24.32 ? 2671 G   A "O4'" 1 
ATOM   569 C "C3'" . G   A 1 25 ? 14.150  9.000   5.757   1.00 18.72 ? 2671 G   A "C3'" 1 
ATOM   570 O "O3'" . G   A 1 25 ? 15.055  9.616   6.651   1.00 19.04 ? 2671 G   A "O3'" 1 
ATOM   571 C "C2'" . G   A 1 25 ? 13.336  7.891   6.372   1.00 19.91 ? 2671 G   A "C2'" 1 
ATOM   572 O "O2'" . G   A 1 25 ? 12.859  8.305   7.640   1.00 21.02 ? 2671 G   A "O2'" 1 
ATOM   573 C "C1'" . G   A 1 25 ? 12.215  7.795   5.343   1.00 19.02 ? 2671 G   A "C1'" 1 
ATOM   574 N N9    . G   A 1 25 ? 12.437  6.861   4.248   1.00 20.82 ? 2671 G   A N9    1 
ATOM   575 C C8    . G   A 1 25 ? 12.786  7.116   2.943   1.00 19.80 ? 2671 G   A C8    1 
ATOM   576 N N7    . G   A 1 25 ? 12.799  6.043   2.202   1.00 20.75 ? 2671 G   A N7    1 
ATOM   577 C C5    . G   A 1 25 ? 12.573  5.007   3.098   1.00 19.84 ? 2671 G   A C5    1 
ATOM   578 C C6    . G   A 1 25 ? 12.438  3.612   2.876   1.00 20.64 ? 2671 G   A C6    1 
ATOM   579 O O6    . G   A 1 25 ? 12.617  2.975   1.829   1.00 22.82 ? 2671 G   A O6    1 
ATOM   580 N N1    . G   A 1 25 ? 12.163  2.936   4.057   1.00 19.87 ? 2671 G   A N1    1 
ATOM   581 C C2    . G   A 1 25 ? 11.958  3.525   5.278   1.00 17.23 ? 2671 G   A C2    1 
ATOM   582 N N2    . G   A 1 25 ? 11.689  2.700   6.296   1.00 19.91 ? 2671 G   A N2    1 
ATOM   583 N N3    . G   A 1 25 ? 12.014  4.829   5.485   1.00 18.41 ? 2671 G   A N3    1 
ATOM   584 C C4    . G   A 1 25 ? 12.344  5.500   4.365   1.00 20.32 ? 2671 G   A C4    1 
ATOM   585 P P     . U   A 1 26 ? 16.583  9.181   6.682   1.00 18.59 ? 2672 U   A P     1 
ATOM   586 O OP1   . U   A 1 26 ? 17.226  10.069  7.681   1.00 20.18 ? 2672 U   A OP1   1 
ATOM   587 O OP2   . U   A 1 26 ? 17.115  9.179   5.316   1.00 20.31 ? 2672 U   A OP2   1 
ATOM   588 O "O5'" . U   A 1 26 ? 16.580  7.686   7.224   1.00 16.54 ? 2672 U   A "O5'" 1 
ATOM   589 C "C5'" . U   A 1 26 ? 16.162  7.322   8.552   1.00 18.00 ? 2672 U   A "C5'" 1 
ATOM   590 C "C4'" . U   A 1 26 ? 16.038  5.820   8.647   1.00 17.30 ? 2672 U   A "C4'" 1 
ATOM   591 O "O4'" . U   A 1 26 ? 15.012  5.376   7.720   1.00 18.99 ? 2672 U   A "O4'" 1 
ATOM   592 C "C3'" . U   A 1 26 ? 17.255  5.000   8.232   1.00 17.89 ? 2672 U   A "C3'" 1 
ATOM   593 O "O3'" . U   A 1 26 ? 18.267  4.931   9.209   1.00 20.25 ? 2672 U   A "O3'" 1 
ATOM   594 C "C2'" . U   A 1 26 ? 16.627  3.644   7.970   1.00 18.51 ? 2672 U   A "C2'" 1 
ATOM   595 O "O2'" . U   A 1 26 ? 16.332  2.925   9.159   1.00 20.87 ? 2672 U   A "O2'" 1 
ATOM   596 C "C1'" . U   A 1 26 ? 15.346  4.068   7.255   1.00 18.23 ? 2672 U   A "C1'" 1 
ATOM   597 N N1    . U   A 1 26 ? 15.508  4.091   5.792   1.00 17.08 ? 2672 U   A N1    1 
ATOM   598 C C2    . U   A 1 26 ? 15.317  2.890   5.133   1.00 18.20 ? 2672 U   A C2    1 
ATOM   599 O O2    . U   A 1 26 ? 15.073  1.849   5.716   1.00 20.23 ? 2672 U   A O2    1 
ATOM   600 N N3    . U   A 1 26 ? 15.454  2.949   3.773   1.00 17.37 ? 2672 U   A N3    1 
ATOM   601 C C4    . U   A 1 26 ? 15.731  4.065   3.010   1.00 15.83 ? 2672 U   A C4    1 
ATOM   602 O O4    . U   A 1 26 ? 15.845  3.947   1.796   1.00 15.76 ? 2672 U   A O4    1 
ATOM   603 C C5    . U   A 1 26 ? 15.896  5.275   3.762   1.00 16.20 ? 2672 U   A C5    1 
ATOM   604 C C6    . U   A 1 26 ? 15.777  5.250   5.090   1.00 15.41 ? 2672 U   A C6    1 
ATOM   605 P P     . G   A 1 27 ? 19.803  4.605   8.773   1.00 19.85 ? 2673 G   A P     1 
ATOM   606 O OP1   . G   A 1 27 ? 20.617  4.716   9.986   1.00 22.21 ? 2673 G   A OP1   1 
ATOM   607 O OP2   . G   A 1 27 ? 20.193  5.435   7.613   1.00 23.60 ? 2673 G   A OP2   1 
ATOM   608 O "O5'" . G   A 1 27 ? 19.758  3.100   8.262   1.00 20.68 ? 2673 G   A "O5'" 1 
ATOM   609 C "C5'" . G   A 1 27 ? 19.480  2.063   9.205   1.00 17.94 ? 2673 G   A "C5'" 1 
ATOM   610 C "C4'" . G   A 1 27 ? 19.516  0.729   8.550   1.00 15.73 ? 2673 G   A "C4'" 1 
ATOM   611 O "O4'" . G   A 1 27 ? 18.428  0.644   7.610   1.00 16.67 ? 2673 G   A "O4'" 1 
ATOM   612 C "C3'" . G   A 1 27 ? 20.727  0.411   7.676   1.00 15.40 ? 2673 G   A "C3'" 1 
ATOM   613 O "O3'" . G   A 1 27 ? 21.888  0.070   8.420   1.00 19.55 ? 2673 G   A "O3'" 1 
ATOM   614 C "C2'" . G   A 1 27 ? 20.208  -0.738  6.824   1.00 17.29 ? 2673 G   A "C2'" 1 
ATOM   615 O "O2'" . G   A 1 27 ? 20.275  -1.992  7.464   1.00 21.31 ? 2673 G   A "O2'" 1 
ATOM   616 C "C1'" . G   A 1 27 ? 18.751  -0.311  6.603   1.00 16.53 ? 2673 G   A "C1'" 1 
ATOM   617 N N9    . G   A 1 27 ? 18.562  0.300   5.287   1.00 12.65 ? 2673 G   A N9    1 
ATOM   618 C C8    . G   A 1 27 ? 18.667  1.627   4.944   1.00 13.64 ? 2673 G   A C8    1 
ATOM   619 N N7    . G   A 1 27 ? 18.486  1.837   3.673   1.00 14.68 ? 2673 G   A N7    1 
ATOM   620 C C5    . G   A 1 27 ? 18.230  0.580   3.149   1.00 14.55 ? 2673 G   A C5    1 
ATOM   621 C C6    . G   A 1 27 ? 17.987  0.185   1.820   1.00 17.08 ? 2673 G   A C6    1 
ATOM   622 O O6    . G   A 1 27 ? 17.981  0.886   0.807   1.00 14.95 ? 2673 G   A O6    1 
ATOM   623 N N1    . G   A 1 27 ? 17.821  -1.199  1.716   1.00 16.60 ? 2673 G   A N1    1 
ATOM   624 C C2    . G   A 1 27 ? 17.873  -2.085  2.773   1.00 14.11 ? 2673 G   A C2    1 
ATOM   625 N N2    . G   A 1 27 ? 17.675  -3.392  2.486   1.00 16.91 ? 2673 G   A N2    1 
ATOM   626 N N3    . G   A 1 27 ? 18.093  -1.715  4.025   1.00 15.52 ? 2673 G   A N3    1 
ATOM   627 C C4    . G   A 1 27 ? 18.295  -0.381  4.131   1.00 16.38 ? 2673 G   A C4    1 
HETATM 628 O O     . HOH B 2 .  ? 10.613  -0.452  9.897   1.00 38.75 ? 2701 HOH A O     1 
HETATM 629 O O     . HOH B 2 .  ? 15.010  1.766   0.027   1.00 25.59 ? 2702 HOH A O     1 
HETATM 630 O O     . HOH B 2 .  ? -0.610  2.861   7.134   0.50 31.77 ? 2703 HOH A O     1 
HETATM 631 O O     . HOH B 2 .  ? 4.761   -2.167  -3.058  1.00 22.74 ? 2704 HOH A O     1 
HETATM 632 O O     . HOH B 2 .  ? -3.520  8.604   -5.496  1.00 16.56 ? 2705 HOH A O     1 
HETATM 633 O O     . HOH B 2 .  ? -2.766  7.976   6.247   1.00 30.18 ? 2706 HOH A O     1 
HETATM 634 O O     . HOH B 2 .  ? -15.929 -1.135  -11.308 1.00 24.44 ? 2707 HOH A O     1 
HETATM 635 O O     . HOH B 2 .  ? -13.813 -1.755  1.762   1.00 21.02 ? 2708 HOH A O     1 
HETATM 636 O O     . HOH B 2 .  ? -10.125 -6.881  -6.732  0.50 17.55 ? 2709 HOH A O     1 
HETATM 637 O O     . HOH B 2 .  ? -8.528  -9.196  -0.970  1.00 40.55 ? 2710 HOH A O     1 
HETATM 638 O O     . HOH B 2 .  ? 11.140  3.554   -10.516 1.00 26.63 ? 2711 HOH A O     1 
HETATM 639 O O     . HOH B 2 .  ? 13.637  5.855   -0.332  1.00 33.20 ? 2712 HOH A O     1 
HETATM 640 O O     . HOH B 2 .  ? -0.581  2.498   3.380   1.00 23.53 ? 2713 HOH A O     1 
HETATM 641 O O     . HOH B 2 .  ? -17.361 -3.248  -8.122  1.00 20.45 ? 2714 HOH A O     1 
HETATM 642 O O     . HOH B 2 .  ? -12.840 1.809   -2.003  1.00 18.03 ? 2715 HOH A O     1 
HETATM 643 O O     . HOH B 2 .  ? -15.191 -0.282  -7.813  1.00 24.34 ? 2716 HOH A O     1 
HETATM 644 O O     . HOH B 2 .  ? -11.755 -1.919  5.727   1.00 34.76 ? 2717 HOH A O     1 
HETATM 645 O O     . HOH B 2 .  ? -17.912 -1.325  -0.487  0.50 24.02 ? 2718 HOH A O     1 
HETATM 646 O O     . HOH B 2 .  ? -16.330 -3.137  1.550   1.00 15.16 ? 2719 HOH A O     1 
HETATM 647 O O     . HOH B 2 .  ? -12.542 -9.397  -5.488  0.50 19.34 ? 2720 HOH A O     1 
HETATM 648 O O     . HOH B 2 .  ? 6.171   1.346   -1.816  1.00 19.84 ? 2721 HOH A O     1 
HETATM 649 O O     . HOH B 2 .  ? -15.771 -0.418  -4.825  1.00 26.28 ? 2722 HOH A O     1 
HETATM 650 O O     . HOH B 2 .  ? 2.389   6.701   -10.446 1.00 29.35 ? 2723 HOH A O     1 
HETATM 651 O O     . HOH B 2 .  ? -5.838  -4.933  7.012   1.00 42.39 ? 2724 HOH A O     1 
HETATM 652 O O     . HOH B 2 .  ? -14.163 2.117   -5.412  1.00 19.23 ? 2725 HOH A O     1 
HETATM 653 O O     . HOH B 2 .  ? -11.863 -12.999 4.082   1.00 12.16 ? 2726 HOH A O     1 
HETATM 654 O O     . HOH B 2 .  ? -9.978  -4.725  5.637   1.00 28.16 ? 2727 HOH A O     1 
HETATM 655 O O     . HOH B 2 .  ? -5.277  2.562   3.602   1.00 17.84 ? 2728 HOH A O     1 
HETATM 656 O O     . HOH B 2 .  ? -21.114 -9.294  -8.412  1.00 30.25 ? 2729 HOH A O     1 
HETATM 657 O O     . HOH B 2 .  ? -10.127 7.963   1.989   1.00 22.03 ? 2730 HOH A O     1 
HETATM 658 O O     . HOH B 2 .  ? -14.954 4.655   -2.264  1.00 37.26 ? 2731 HOH A O     1 
HETATM 659 O O     . HOH B 2 .  ? -9.346  10.753  4.593   1.00 22.29 ? 2732 HOH A O     1 
HETATM 660 O O     . HOH B 2 .  ? 15.493  0.294   8.817   1.00 24.97 ? 2733 HOH A O     1 
HETATM 661 O O     . HOH B 2 .  ? -23.979 -9.938  -2.079  1.00 21.00 ? 2734 HOH A O     1 
HETATM 662 O O     . HOH B 2 .  ? 0.500   6.601   -6.901  1.00 26.84 ? 2735 HOH A O     1 
HETATM 663 O O     . HOH B 2 .  ? -1.841  4.108   -4.183  1.00 16.09 ? 2736 HOH A O     1 
HETATM 664 O O     . HOH B 2 .  ? 11.187  6.149   8.213   1.00 26.90 ? 2737 HOH A O     1 
HETATM 665 O O     . HOH B 2 .  ? 3.604   1.767   12.108  1.00 27.23 ? 2738 HOH A O     1 
HETATM 666 O O     . HOH B 2 .  ? -11.413 -11.906 -4.136  0.50 19.50 ? 2739 HOH A O     1 
HETATM 667 O O     . HOH B 2 .  ? 8.707   6.012   7.774   1.00 24.22 ? 2740 HOH A O     1 
HETATM 668 O O     . HOH B 2 .  ? 1.277   12.892  3.796   1.00 21.13 ? 2741 HOH A O     1 
HETATM 669 O O     . HOH B 2 .  ? 8.332   9.134   5.149   1.00 20.76 ? 2742 HOH A O     1 
HETATM 670 O O     . HOH B 2 .  ? 5.313   -0.457  1.596   1.00 28.46 ? 2743 HOH A O     1 
HETATM 671 O O     . HOH B 2 .  ? 1.539   2.407   -2.592  1.00 12.63 ? 2744 HOH A O     1 
HETATM 672 O O     . HOH B 2 .  ? 8.219   0.174   -0.135  1.00 24.63 ? 2745 HOH A O     1 
HETATM 673 O O     . HOH B 2 .  ? 8.781   2.893   -4.064  1.00 23.01 ? 2746 HOH A O     1 
HETATM 674 O O     . HOH B 2 .  ? -12.352 -5.202  6.712   1.00 26.94 ? 2747 HOH A O     1 
HETATM 675 O O     . HOH B 2 .  ? -5.307  3.820   -8.338  1.00 20.98 ? 2748 HOH A O     1 
HETATM 676 O O     . HOH B 2 .  ? 6.102   1.053   -4.641  1.00 17.33 ? 2749 HOH A O     1 
HETATM 677 O O     . HOH B 2 .  ? -13.747 0.014   -12.607 1.00 23.75 ? 2750 HOH A O     1 
HETATM 678 O O     . HOH B 2 .  ? 3.618   0.474   -1.002  1.00 18.66 ? 2751 HOH A O     1 
HETATM 679 O O     . HOH B 2 .  ? -15.812 -4.156  -13.568 1.00 28.43 ? 2752 HOH A O     1 
HETATM 680 O O     . HOH B 2 .  ? -16.598 -13.986 -5.661  1.00 23.67 ? 2753 HOH A O     1 
HETATM 681 O O     . HOH B 2 .  ? 2.380   8.343   -6.976  1.00 15.85 ? 2754 HOH A O     1 
HETATM 682 O O     . HOH B 2 .  ? -10.090 -8.622  -4.048  1.00 30.57 ? 2755 HOH A O     1 
HETATM 683 O O     . HOH B 2 .  ? -6.272  -5.578  -4.685  1.00 47.62 ? 2756 HOH A O     1 
HETATM 684 O O     . HOH B 2 .  ? -3.412  -8.223  4.069   1.00 34.14 ? 2757 HOH A O     1 
HETATM 685 O O     . HOH B 2 .  ? -13.618 -3.315  4.180   1.00 39.63 ? 2758 HOH A O     1 
HETATM 686 O O     . HOH B 2 .  ? 1.684   2.762   4.813   1.00 21.73 ? 2759 HOH A O     1 
HETATM 687 O O     . HOH B 2 .  ? -13.864 0.921   1.970   1.00 34.51 ? 2760 HOH A O     1 
HETATM 688 O O     . HOH B 2 .  ? -7.086  -1.451  -9.397  1.00 22.26 ? 2761 HOH A O     1 
HETATM 689 O O     . HOH B 2 .  ? 13.641  10.556  9.338   1.00 30.36 ? 2762 HOH A O     1 
HETATM 690 O O     . HOH B 2 .  ? -12.276 -4.510  -12.776 1.00 17.23 ? 2763 HOH A O     1 
HETATM 691 O O     . HOH B 2 .  ? -13.961 4.638   -8.318  1.00 30.73 ? 2764 HOH A O     1 
HETATM 692 O O     . HOH B 2 .  ? 19.320  5.357   4.813   1.00 33.55 ? 2765 HOH A O     1 
HETATM 693 O O     . HOH B 2 .  ? -16.043 -10.801 -6.481  1.00 21.02 ? 2766 HOH A O     1 
HETATM 694 O O     . HOH B 2 .  ? -1.832  13.566  3.086   1.00 27.03 ? 2767 HOH A O     1 
HETATM 695 O O     . HOH B 2 .  ? 16.312  8.539   2.499   1.00 31.83 ? 2768 HOH A O     1 
HETATM 696 O O     . HOH B 2 .  ? -4.857  12.514  -0.722  1.00 30.01 ? 2769 HOH A O     1 
HETATM 697 O O     . HOH B 2 .  ? -13.708 4.559   4.316   1.00 27.91 ? 2770 HOH A O     1 
HETATM 698 O O     . HOH B 2 .  ? -4.870  6.405   -5.221  0.50 14.96 ? 2771 HOH A O     1 
HETATM 699 O O     . HOH B 2 .  ? 0.302   0.125   0.601   1.00 19.73 ? 2772 HOH A O     1 
HETATM 700 O O     . HOH B 2 .  ? -23.444 -8.024  -7.810  1.00 30.70 ? 2773 HOH A O     1 
HETATM 701 O O     . HOH B 2 .  ? 2.577   1.400   1.853   1.00 19.43 ? 2774 HOH A O     1 
HETATM 702 O O     . HOH B 2 .  ? -4.384  4.687   5.393   1.00 29.53 ? 2775 HOH A O     1 
HETATM 703 O O     . HOH B 2 .  ? -8.783  4.242   -10.757 1.00 35.05 ? 2776 HOH A O     1 
HETATM 704 O O     . HOH B 2 .  ? -2.736  11.851  -3.716  1.00 14.05 ? 2777 HOH A O     1 
HETATM 705 O O     . HOH B 2 .  ? -19.304 -16.450 -2.793  1.00 26.31 ? 2778 HOH A O     1 
HETATM 706 O O     . HOH B 2 .  ? -0.602  12.046  5.842   1.00 26.90 ? 2779 HOH A O     1 
HETATM 707 O O     . HOH B 2 .  ? 0.473   -5.710  -1.763  1.00 27.64 ? 2780 HOH A O     1 
HETATM 708 O O     . HOH B 2 .  ? -6.786  2.930   6.661   1.00 57.96 ? 2781 HOH A O     1 
HETATM 709 O O     . HOH B 2 .  ? -23.709 -3.976  -2.940  0.50 22.60 ? 2782 HOH A O     1 
HETATM 710 O O     . HOH B 2 .  ? 10.835  3.281   -2.140  1.00 43.64 ? 2783 HOH A O     1 
HETATM 711 O O     . HOH B 2 .  ? -22.439 -3.357  -0.264  1.00 25.42 ? 2784 HOH A O     1 
HETATM 712 O O     . HOH B 2 .  ? 22.359  4.045   5.738   1.00 27.51 ? 2785 HOH A O     1 
HETATM 713 O O     . HOH B 2 .  ? 9.993   2.617   10.972  1.00 26.52 ? 2786 HOH A O     1 
HETATM 714 O O     . HOH B 2 .  ? -6.609  10.103  -5.471  1.00 23.97 ? 2787 HOH A O     1 
HETATM 715 O O     . HOH B 2 .  ? -9.165  -7.796  8.287   1.00 48.55 ? 2788 HOH A O     1 
HETATM 716 O O     . HOH B 2 .  ? -4.376  0.707   5.366   1.00 25.48 ? 2789 HOH A O     1 
HETATM 717 O O     . HOH B 2 .  ? -12.254 7.291   3.063   1.00 23.06 ? 2790 HOH A O     1 
HETATM 718 O O     . HOH B 2 .  ? -11.446 -12.837 6.968   1.00 15.76 ? 2791 HOH A O     1 
HETATM 719 O O     . HOH B 2 .  ? 3.262   -2.239  10.729  1.00 35.15 ? 2792 HOH A O     1 
HETATM 720 O O     . HOH B 2 .  ? -17.976 -2.192  -5.534  1.00 26.10 ? 2793 HOH A O     1 
HETATM 721 O O     . HOH B 2 .  ? 18.744  6.570   1.585   1.00 26.96 ? 2794 HOH A O     1 
HETATM 722 O O     . HOH B 2 .  ? 16.409  0.044   -3.489  1.00 31.85 ? 2795 HOH A O     1 
HETATM 723 O O     . HOH B 2 .  ? 4.886   -5.197  -3.555  1.00 34.58 ? 2796 HOH A O     1 
HETATM 724 O O     . HOH B 2 .  ? 21.929  4.864   3.073   0.50 20.19 ? 2797 HOH A O     1 
HETATM 725 O O     . HOH B 2 .  ? -20.819 -17.991 -5.418  1.00 25.40 ? 2798 HOH A O     1 
# 
loop_
_atom_site_anisotrop.id 
_atom_site_anisotrop.type_symbol 
_atom_site_anisotrop.pdbx_label_atom_id 
_atom_site_anisotrop.pdbx_label_alt_id 
_atom_site_anisotrop.pdbx_label_comp_id 
_atom_site_anisotrop.pdbx_label_asym_id 
_atom_site_anisotrop.pdbx_label_seq_id 
_atom_site_anisotrop.pdbx_PDB_ins_code 
_atom_site_anisotrop.U[1][1] 
_atom_site_anisotrop.U[2][2] 
_atom_site_anisotrop.U[3][3] 
_atom_site_anisotrop.U[1][2] 
_atom_site_anisotrop.U[1][3] 
_atom_site_anisotrop.U[2][3] 
_atom_site_anisotrop.pdbx_auth_seq_id 
_atom_site_anisotrop.pdbx_auth_comp_id 
_atom_site_anisotrop.pdbx_auth_asym_id 
_atom_site_anisotrop.pdbx_auth_atom_id 
1   O "O5'" . U   A 1  ? 0.4780 0.3570 0.3923 0.0533  0.0825  0.0139  2647 U   A "O5'" 
2   C "C5'" . U   A 1  ? 0.3526 0.4051 0.3088 -0.0928 0.0236  -0.0063 2647 U   A "C5'" 
3   C "C4'" . U   A 1  ? 0.3488 0.3678 0.4278 -0.0591 0.0056  0.1232  2647 U   A "C4'" 
4   O "O4'" . U   A 1  ? 0.3107 0.4720 0.2629 -0.0796 -0.0280 0.0286  2647 U   A "O4'" 
5   C "C3'" . U   A 1  ? 0.3468 0.3871 0.4192 0.0502  0.0150  0.0221  2647 U   A "C3'" 
6   O "O3'" . U   A 1  ? 0.3170 0.4096 0.4779 -0.0126 -0.0135 -0.1428 2647 U   A "O3'" 
7   C "C2'" . U   A 1  ? 0.1788 0.3208 0.4278 0.0520  -0.0696 0.0003  2647 U   A "C2'" 
8   O "O2'" . U   A 1  ? 0.2109 0.3336 0.4765 -0.0055 -0.0951 0.0884  2647 U   A "O2'" 
9   C "C1'" . U   A 1  ? 0.2604 0.4544 0.3128 0.0129  -0.0243 0.0005  2647 U   A "C1'" 
10  N N1    . U   A 1  ? 0.2743 0.2432 0.2463 0.0069  -0.0184 -0.0651 2647 U   A N1    
11  C C2    . U   A 1  ? 0.2334 0.2771 0.2727 -0.0356 -0.0021 -0.0389 2647 U   A C2    
12  O O2    . U   A 1  ? 0.2381 0.3336 0.3466 -0.0722 -0.0674 -0.0071 2647 U   A O2    
13  N N3    . U   A 1  ? 0.2637 0.3002 0.2562 -0.0442 -0.0227 -0.0878 2647 U   A N3    
14  C C4    . U   A 1  ? 0.1666 0.3247 0.2897 -0.0246 -0.0906 -0.0753 2647 U   A C4    
15  O O4    . U   A 1  ? 0.2598 0.5000 0.3418 -0.0048 0.0083  -0.1211 2647 U   A O4    
16  C C5    . U   A 1  ? 0.2803 0.4010 0.2375 -0.0103 -0.0092 -0.0431 2647 U   A C5    
17  C C6    . U   A 1  ? 0.2475 0.2090 0.2604 0.0038  -0.0260 -0.0252 2647 U   A C6    
18  P P     A G   A 2  ? 0.3005 0.3075 0.3580 0.0358  -0.0104 -0.0248 2648 G   A P     
19  P P     B G   A 2  ? 0.3304 0.2673 0.2610 0.0285  0.0381  -0.0427 2648 G   A P     
20  O OP1   A G   A 2  ? 0.4280 0.3639 0.6388 -0.0788 -0.0171 -0.0374 2648 G   A OP1   
21  O OP1   B G   A 2  ? 0.2187 0.3883 0.3136 -0.0344 0.0181  -0.1388 2648 G   A OP1   
22  O OP2   A G   A 2  ? 0.4485 0.2635 0.4691 0.1154  0.1128  0.0292  2648 G   A OP2   
23  O OP2   B G   A 2  ? 0.4354 0.2008 0.4133 -0.0511 0.1363  0.0675  2648 G   A OP2   
24  O "O5'" A G   A 2  ? 0.2252 0.1769 0.2974 0.0192  0.0228  0.0093  2648 G   A "O5'" 
25  O "O5'" B G   A 2  ? 0.2292 0.2426 0.1123 0.0857  0.0039  -0.0958 2648 G   A "O5'" 
26  C "C5'" A G   A 2  ? 0.1875 0.1791 0.3337 0.0136  -0.0697 0.0600  2648 G   A "C5'" 
27  C "C5'" B G   A 2  ? 0.1744 0.2874 0.1828 0.1528  0.0898  -0.0262 2648 G   A "C5'" 
28  C "C4'" A G   A 2  ? 0.2071 0.0987 0.3758 0.0343  0.0219  -0.0323 2648 G   A "C4'" 
29  C "C4'" B G   A 2  ? 0.3243 0.3176 0.2069 0.0792  0.0723  -0.0909 2648 G   A "C4'" 
30  O "O4'" A G   A 2  ? 0.2550 0.1338 0.4238 0.0081  0.0755  -0.0146 2648 G   A "O4'" 
31  O "O4'" B G   A 2  ? 0.4159 0.2799 0.3844 -0.0195 0.1303  -0.0217 2648 G   A "O4'" 
32  C "C3'" A G   A 2  ? 0.1961 0.1914 0.4133 -0.0711 0.0739  -0.0463 2648 G   A "C3'" 
33  C "C3'" B G   A 2  ? 0.2090 0.2728 0.2350 0.0215  0.0320  -0.0775 2648 G   A "C3'" 
34  O "O3'" A G   A 2  ? 0.2366 0.1592 0.3324 0.0362  0.0236  -0.0223 2648 G   A "O3'" 
35  O "O3'" B G   A 2  ? 0.2154 0.1771 0.2080 -0.0143 0.0068  -0.0112 2648 G   A "O3'" 
36  C "C2'" A G   A 2  ? 0.2410 0.1470 0.3971 0.0577  0.0497  -0.1099 2648 G   A "C2'" 
37  C "C2'" B G   A 2  ? 0.3144 0.3160 0.2429 -0.0290 -0.0266 -0.0354 2648 G   A "C2'" 
38  O "O2'" A G   A 2  ? 0.3564 0.2913 0.2820 -0.0281 0.1563  -0.0688 2648 G   A "O2'" 
39  O "O2'" B G   A 2  ? 0.1717 0.2578 0.2592 0.0455  -0.0701 -0.0227 2648 G   A "O2'" 
40  C "C1'" A G   A 2  ? 0.2011 0.1984 0.3871 0.0647  0.0342  0.0137  2648 G   A "C1'" 
41  C "C1'" B G   A 2  ? 0.3084 0.3148 0.2721 -0.1007 -0.0230 -0.0291 2648 G   A "C1'" 
42  N N9    A G   A 2  ? 0.1758 0.1721 0.3033 -0.0014 0.0020  -0.0461 2648 G   A N9    
43  N N9    B G   A 2  ? 0.2906 0.3113 0.3999 -0.0403 -0.0253 0.0074  2648 G   A N9    
44  C C8    A G   A 2  ? 0.2197 0.1414 0.2906 0.0092  -0.0092 -0.0551 2648 G   A C8    
45  C C8    B G   A 2  ? 0.1280 0.3481 0.4167 -0.0144 0.0204  0.0212  2648 G   A C8    
46  N N7    A G   A 2  ? 0.2220 0.1420 0.2430 0.0307  -0.0370 0.0342  2648 G   A N7    
47  N N7    B G   A 2  ? 0.3537 0.2991 0.2083 0.1027  0.0264  -0.0147 2648 G   A N7    
48  C C5    A G   A 2  ? 0.1657 0.2303 0.2396 0.0543  -0.0031 -0.0051 2648 G   A C5    
49  C C5    B G   A 2  ? 0.2129 0.2307 0.2479 0.0236  -0.0029 -0.0224 2648 G   A C5    
50  C C6    A G   A 2  ? 0.1674 0.2422 0.2527 0.0552  -0.0108 0.0064  2648 G   A C6    
51  C C6    B G   A 2  ? 0.2027 0.2454 0.2797 -0.0163 -0.0344 0.0056  2648 G   A C6    
52  O O6    A G   A 2  ? 0.0837 0.1782 0.2513 -0.0310 -0.0042 -0.0138 2648 G   A O6    
53  O O6    B G   A 2  ? 0.3897 0.3172 0.3109 0.0191  0.0320  0.0779  2648 G   A O6    
54  N N1    A G   A 2  ? 0.1032 0.1953 0.2576 0.0733  0.0225  0.0046  2648 G   A N1    
55  N N1    B G   A 2  ? 0.2489 0.2366 0.2635 0.0214  0.0160  -0.0055 2648 G   A N1    
56  C C2    A G   A 2  ? 0.2022 0.1902 0.1953 -0.0300 0.0235  -0.0465 2648 G   A C2    
57  C C2    B G   A 2  ? 0.3705 0.2822 0.3006 0.0128  -0.0903 0.0238  2648 G   A C2    
58  N N2    A G   A 2  ? 0.1973 0.1208 0.2582 0.0082  0.0085  -0.0057 2648 G   A N2    
59  N N2    B G   A 2  ? 0.1828 0.2299 0.2362 0.0122  -0.0455 0.0521  2648 G   A N2    
60  N N3    A G   A 2  ? 0.2120 0.1148 0.2474 -0.0380 0.0205  0.0066  2648 G   A N3    
61  N N3    B G   A 2  ? 0.2206 0.2362 0.3622 0.0131  -0.0632 0.0377  2648 G   A N3    
62  C C4    A G   A 2  ? 0.1869 0.1921 0.2188 -0.0001 0.0194  -0.0133 2648 G   A C4    
63  C C4    B G   A 2  ? 0.1781 0.2678 0.3468 0.0529  -0.0096 0.0389  2648 G   A C4    
64  P P     A C   A 3  ? 0.2128 0.2220 0.2317 -0.0054 -0.0017 -0.0140 2649 C   A P     
65  P P     B C   A 3  ? 0.2005 0.2071 0.2210 -0.0082 0.0272  -0.0294 2649 C   A P     
66  O OP1   A C   A 3  ? 0.2003 0.2514 0.2803 -0.0266 0.0392  -0.0241 2649 C   A OP1   
67  O OP1   B C   A 3  ? 0.2231 0.2032 0.2776 -0.0307 0.0096  -0.0469 2649 C   A OP1   
68  O OP2   A C   A 3  ? 0.2035 0.2773 0.3201 0.1040  -0.0709 0.0084  2649 C   A OP2   
69  O OP2   B C   A 3  ? 0.1529 0.2604 0.2263 0.0158  -0.0185 -0.0354 2649 C   A OP2   
70  O "O5'" A C   A 3  ? 0.1741 0.1568 0.2309 0.0133  0.0069  0.0074  2649 C   A "O5'" 
71  O "O5'" B C   A 3  ? 0.2536 0.2147 0.1957 -0.0126 0.0568  -0.0119 2649 C   A "O5'" 
72  C "C5'" A C   A 3  ? 0.2424 0.1504 0.2712 -0.0507 -0.0231 -0.0106 2649 C   A "C5'" 
73  C "C5'" B C   A 3  ? 0.2686 0.2289 0.2520 0.0166  0.0014  0.0064  2649 C   A "C5'" 
74  C "C4'" A C   A 3  ? 0.2059 0.1660 0.1381 -0.0183 0.0147  0.0184  2649 C   A "C4'" 
75  C "C4'" B C   A 3  ? 0.3240 0.1307 0.3206 0.0019  -0.0024 0.0368  2649 C   A "C4'" 
76  O "O4'" A C   A 3  ? 0.1905 0.1515 0.2009 -0.0139 0.0087  0.0249  2649 C   A "O4'" 
77  O "O4'" B C   A 3  ? 0.2385 0.1780 0.1923 0.0170  0.0007  -0.0294 2649 C   A "O4'" 
78  C "C3'" A C   A 3  ? 0.2001 0.1835 0.1461 -0.0114 0.0146  0.0048  2649 C   A "C3'" 
79  C "C3'" B C   A 3  ? 0.2321 0.1723 0.1702 -0.0216 -0.0196 0.0086  2649 C   A "C3'" 
80  O "O3'" A C   A 3  ? 0.1603 0.1774 0.1616 -0.0141 -0.0406 0.0148  2649 C   A "O3'" 
81  O "O3'" B C   A 3  ? 0.2645 0.1613 0.1856 -0.0173 0.0254  -0.0742 2649 C   A "O3'" 
82  C "C2'" A C   A 3  ? 0.2251 0.1486 0.1884 0.0233  -0.0022 0.0183  2649 C   A "C2'" 
83  C "C2'" B C   A 3  ? 0.2364 0.1658 0.2232 -0.0010 -0.0329 0.0093  2649 C   A "C2'" 
84  O "O2'" A C   A 3  ? 0.1988 0.1921 0.2070 -0.0485 0.0229  -0.0197 2649 C   A "O2'" 
85  O "O2'" B C   A 3  ? 0.3896 0.1657 0.2312 0.0687  0.0064  0.0645  2649 C   A "O2'" 
86  C "C1'" A C   A 3  ? 0.2112 0.1735 0.2103 -0.0006 -0.0357 0.0203  2649 C   A "C1'" 
87  C "C1'" B C   A 3  ? 0.2494 0.1578 0.1826 0.0526  -0.0301 -0.0020 2649 C   A "C1'" 
88  N N1    A C   A 3  ? 0.1695 0.1678 0.2131 -0.0152 -0.0338 0.0143  2649 C   A N1    
89  N N1    B C   A 3  ? 0.1781 0.1741 0.1819 0.0173  0.0104  -0.0102 2649 C   A N1    
90  C C2    A C   A 3  ? 0.1906 0.1829 0.1972 -0.0478 -0.0005 0.0142  2649 C   A C2    
91  C C2    B C   A 3  ? 0.1951 0.1813 0.1611 0.0098  -0.0070 -0.0086 2649 C   A C2    
92  O O2    A C   A 3  ? 0.3019 0.1883 0.1613 0.0347  0.0033  0.0304  2649 C   A O2    
93  O O2    B C   A 3  ? 0.1857 0.2045 0.1866 0.0515  -0.0354 -0.0256 2649 C   A O2    
94  N N3    A C   A 3  ? 0.1236 0.1914 0.2251 0.0540  0.0090  0.0287  2649 C   A N3    
95  N N3    B C   A 3  ? 0.1583 0.1629 0.1838 0.0146  -0.0259 0.0193  2649 C   A N3    
96  C C4    A C   A 3  ? 0.1149 0.2055 0.2818 -0.0374 -0.0225 -0.0007 2649 C   A C4    
97  C C4    B C   A 3  ? 0.1887 0.1401 0.1814 0.0430  -0.0281 0.0135  2649 C   A C4    
98  N N4    A C   A 3  ? 0.2071 0.2207 0.2873 0.0309  -0.0134 0.0241  2649 C   A N4    
99  N N4    B C   A 3  ? 0.1658 0.1405 0.1897 -0.0206 0.0178  0.0139  2649 C   A N4    
100 C C5    A C   A 3  ? 0.2259 0.1704 0.2658 0.0594  0.0231  0.0123  2649 C   A C5    
101 C C5    B C   A 3  ? 0.1820 0.1455 0.1625 0.0617  0.0204  -0.0278 2649 C   A C5    
102 C C6    A C   A 3  ? 0.1473 0.2024 0.2195 0.0107  -0.0071 -0.0046 2649 C   A C6    
103 C C6    B C   A 3  ? 0.1710 0.1398 0.1741 0.0004  0.0043  0.0092  2649 C   A C6    
104 P P     A U   A 4  ? 0.1942 0.2038 0.1920 0.0057  -0.0198 -0.0004 2650 U   A P     
105 P P     B U   A 4  ? 0.2782 0.2065 0.1788 -0.0396 0.0212  -0.0157 2650 U   A P     
106 O OP1   A U   A 4  ? 0.1678 0.1646 0.1751 0.0111  0.0075  -0.0019 2650 U   A OP1   
107 O OP1   B U   A 4  ? 0.3056 0.2079 0.1686 -0.0759 -0.0086 0.0085  2650 U   A OP1   
108 O OP2   A U   A 4  ? 0.0238 0.0767 0.1533 0.0232  0.0065  0.0194  2650 U   A OP2   
109 O OP2   B U   A 4  ? 0.4140 0.2341 0.1522 -0.0121 -0.0427 -0.0695 2650 U   A OP2   
110 O "O5'" A U   A 4  ? 0.2519 0.2050 0.2643 0.0211  -0.0417 -0.0096 2650 U   A "O5'" 
111 O "O5'" B U   A 4  ? 0.2474 0.1877 0.1854 0.0048  -0.0042 -0.0042 2650 U   A "O5'" 
112 C "C5'" A U   A 4  ? 0.1969 0.1608 0.3247 0.0139  0.0283  0.0080  2650 U   A "C5'" 
113 C "C5'" B U   A 4  ? 0.2270 0.1782 0.2110 0.0058  0.0376  0.0285  2650 U   A "C5'" 
114 C "C4'" . U   A 4  ? 0.2743 0.1712 0.2192 0.0144  -0.0274 0.0004  2650 U   A "C4'" 
115 O "O4'" . U   A 4  ? 0.2104 0.1987 0.1992 0.0256  -0.0410 -0.0005 2650 U   A "O4'" 
116 C "C3'" . U   A 4  ? 0.2003 0.2245 0.1830 0.0040  0.0042  0.0298  2650 U   A "C3'" 
117 O "O3'" . U   A 4  ? 0.2796 0.2339 0.2259 0.0052  0.0543  0.0078  2650 U   A "O3'" 
118 C "C2'" . U   A 4  ? 0.1971 0.1835 0.1839 0.0371  -0.0234 -0.0143 2650 U   A "C2'" 
119 O "O2'" . U   A 4  ? 0.4094 0.2240 0.1921 0.0647  -0.0363 -0.0056 2650 U   A "O2'" 
120 C "C1'" . U   A 4  ? 0.2030 0.2113 0.1862 0.0158  -0.0154 0.0154  2650 U   A "C1'" 
121 N N1    . U   A 4  ? 0.1846 0.1956 0.1778 0.0117  -0.0176 -0.0053 2650 U   A N1    
122 C C2    . U   A 4  ? 0.1589 0.2028 0.1612 -0.0064 -0.0161 0.0158  2650 U   A C2    
123 O O2    . U   A 4  ? 0.2068 0.2163 0.2125 0.0302  -0.0033 -0.0230 2650 U   A O2    
124 N N3    . U   A 4  ? 0.1774 0.1691 0.1644 0.0052  0.0135  -0.0010 2650 U   A N3    
125 C C4    . U   A 4  ? 0.1584 0.1770 0.1758 0.0167  0.0051  0.0001  2650 U   A C4    
126 O O4    . U   A 4  ? 0.1901 0.2190 0.1938 0.0028  -0.0049 0.0080  2650 U   A O4    
127 C C5    . U   A 4  ? 0.1373 0.1668 0.1618 0.0062  -0.0101 -0.0004 2650 U   A C5    
128 C C6    . U   A 4  ? 0.1882 0.1631 0.1825 -0.0081 -0.0079 -0.0028 2650 U   A C6    
129 P P     . C   A 5  ? 0.2398 0.2223 0.2405 -0.0227 0.0441  -0.0146 2651 C   A P     
130 O OP1   . C   A 5  ? 0.2983 0.3145 0.2804 0.0170  0.1157  -0.0183 2651 C   A OP1   
131 O OP2   . C   A 5  ? 0.2632 0.2100 0.2883 -0.0644 0.0312  0.0049  2651 C   A OP2   
132 O "O5'" . C   A 5  ? 0.1689 0.2029 0.1561 -0.0087 -0.0105 0.0079  2651 C   A "O5'" 
133 C "C5'" . C   A 5  ? 0.2180 0.1787 0.1613 0.0001  0.0232  -0.0180 2651 C   A "C5'" 
134 C "C4'" . C   A 5  ? 0.1804 0.1720 0.1401 0.0175  -0.0005 0.0028  2651 C   A "C4'" 
135 O "O4'" . C   A 5  ? 0.1692 0.1846 0.1635 0.0055  0.0059  0.0075  2651 C   A "O4'" 
136 C "C3'" . C   A 5  ? 0.1655 0.1926 0.1546 0.0089  0.0083  0.0039  2651 C   A "C3'" 
137 O "O3'" . C   A 5  ? 0.1807 0.1987 0.1961 -0.0089 0.0213  -0.0110 2651 C   A "O3'" 
138 C "C2'" . C   A 5  ? 0.1722 0.1639 0.1455 0.0101  0.0001  -0.0060 2651 C   A "C2'" 
139 O "O2'" . C   A 5  ? 0.2125 0.1641 0.1896 0.0035  0.0014  0.0201  2651 C   A "O2'" 
140 C "C1'" . C   A 5  ? 0.1835 0.1901 0.1665 0.0015  -0.0162 0.0031  2651 C   A "C1'" 
141 N N1    . C   A 5  ? 0.1523 0.1797 0.1558 0.0185  0.0109  -0.0077 2651 C   A N1    
142 C C2    . C   A 5  ? 0.1467 0.1620 0.1764 0.0020  0.0014  0.0090  2651 C   A C2    
143 O O2    . C   A 5  ? 0.1522 0.1763 0.1559 -0.0082 0.0123  0.0013  2651 C   A O2    
144 N N3    . C   A 5  ? 0.1587 0.1704 0.1506 0.0029  -0.0019 0.0070  2651 C   A N3    
145 C C4    . C   A 5  ? 0.1508 0.1844 0.1536 -0.0047 -0.0152 -0.0207 2651 C   A C4    
146 N N4    . C   A 5  ? 0.1520 0.1748 0.1627 0.0021  -0.0033 -0.0026 2651 C   A N4    
147 C C5    . C   A 5  ? 0.1491 0.2033 0.1679 0.0022  -0.0251 -0.0013 2651 C   A C5    
148 C C6    . C   A 5  ? 0.1330 0.1772 0.1511 0.0038  -0.0016 0.0091  2651 C   A C6    
149 P P     . C   A 6  ? 0.1797 0.1888 0.1786 0.0007  0.0070  0.0007  2652 C   A P     
150 O OP1   . C   A 6  ? 0.1992 0.2104 0.1750 -0.0013 0.0122  0.0046  2652 C   A OP1   
151 O OP2   . C   A 6  ? 0.2196 0.1817 0.2181 0.0065  0.0169  0.0058  2652 C   A OP2   
152 O "O5'" . C   A 6  ? 0.1706 0.1678 0.1580 -0.0032 0.0159  0.0027  2652 C   A "O5'" 
153 C "C5'" . C   A 6  ? 0.1827 0.1692 0.1691 -0.0219 0.0035  -0.0033 2652 C   A "C5'" 
154 C "C4'" . C   A 6  ? 0.1600 0.1610 0.1714 0.0078  0.0073  0.0019  2652 C   A "C4'" 
155 O "O4'" . C   A 6  ? 0.1693 0.1678 0.1538 0.0063  -0.0088 -0.0027 2652 C   A "O4'" 
156 C "C3'" . C   A 6  ? 0.1371 0.1273 0.1733 -0.0122 0.0103  -0.0052 2652 C   A "C3'" 
157 O "O3'" . C   A 6  ? 0.1615 0.1500 0.1483 -0.0001 0.0049  0.0018  2652 C   A "O3'" 
158 C "C2'" . C   A 6  ? 0.1720 0.1458 0.1206 0.0036  -0.0154 -0.0023 2652 C   A "C2'" 
159 O "O2'" . C   A 6  ? 0.1664 0.1678 0.1665 0.0002  0.0013  -0.0108 2652 C   A "O2'" 
160 C "C1'" . C   A 6  ? 0.1669 0.1588 0.1300 -0.0006 0.0115  -0.0075 2652 C   A "C1'" 
161 N N1    . C   A 6  ? 0.1344 0.1329 0.1372 -0.0031 -0.0010 -0.0019 2652 C   A N1    
162 C C2    . C   A 6  ? 0.1516 0.1374 0.1338 -0.0101 -0.0092 -0.0088 2652 C   A C2    
163 O O2    . C   A 6  ? 0.1545 0.1528 0.1490 0.0012  0.0066  -0.0026 2652 C   A O2    
164 N N3    . C   A 6  ? 0.1412 0.1268 0.1452 0.0049  0.0049  0.0010  2652 C   A N3    
165 C C4    . C   A 6  ? 0.1358 0.1314 0.1199 0.0052  -0.0047 -0.0013 2652 C   A C4    
166 N N4    . C   A 6  ? 0.1489 0.1371 0.1391 -0.0007 0.0075  -0.0004 2652 C   A N4    
167 C C5    . C   A 6  ? 0.1372 0.1505 0.1386 0.0035  0.0049  0.0066  2652 C   A C5    
168 C C6    . C   A 6  ? 0.1153 0.1421 0.1197 -0.0066 -0.0077 0.0017  2652 C   A C6    
169 P P     . U   A 7  ? 0.1580 0.1591 0.1606 0.0039  0.0094  -0.0049 2653 U   A P     
170 O OP1   . U   A 7  ? 0.1751 0.1896 0.1697 0.0063  0.0016  -0.0111 2653 U   A OP1   
171 O OP2   . U   A 7  ? 0.1702 0.2012 0.1554 -0.0049 -0.0075 0.0100  2653 U   A OP2   
172 O "O5'" . U   A 7  ? 0.1576 0.1517 0.1715 -0.0138 -0.0030 -0.0073 2653 U   A "O5'" 
173 C "C5'" . U   A 7  ? 0.1465 0.1372 0.1374 -0.0159 -0.0021 0.0018  2653 U   A "C5'" 
174 C "C4'" . U   A 7  ? 0.1505 0.1351 0.1381 -0.0011 0.0016  0.0215  2653 U   A "C4'" 
175 O "O4'" . U   A 7  ? 0.1309 0.1287 0.1445 -0.0034 0.0048  -0.0046 2653 U   A "O4'" 
176 C "C3'" . U   A 7  ? 0.1333 0.1354 0.1406 -0.0051 -0.0017 0.0024  2653 U   A "C3'" 
177 O "O3'" . U   A 7  ? 0.1407 0.1566 0.1544 0.0073  0.0031  0.0052  2653 U   A "O3'" 
178 C "C2'" . U   A 7  ? 0.1350 0.1215 0.1403 -0.0228 -0.0032 -0.0143 2653 U   A "C2'" 
179 O "O2'" . U   A 7  ? 0.1870 0.1719 0.1589 -0.0159 -0.0059 0.0118  2653 U   A "O2'" 
180 C "C1'" . U   A 7  ? 0.1346 0.1183 0.1243 -0.0024 -0.0001 -0.0116 2653 U   A "C1'" 
181 N N1    . U   A 7  ? 0.1476 0.1348 0.1348 0.0009  -0.0112 -0.0081 2653 U   A N1    
182 C C2    . U   A 7  ? 0.1298 0.1439 0.1497 -0.0083 0.0085  -0.0124 2653 U   A C2    
183 O O2    . U   A 7  ? 0.1645 0.1595 0.1767 -0.0116 0.0117  -0.0009 2653 U   A O2    
184 N N3    . U   A 7  ? 0.1671 0.1588 0.1586 0.0091  0.0065  -0.0098 2653 U   A N3    
185 C C4    . U   A 7  ? 0.1184 0.1372 0.1561 -0.0144 -0.0065 0.0038  2653 U   A C4    
186 O O4    . U   A 7  ? 0.1730 0.1623 0.1887 -0.0143 -0.0030 0.0229  2653 U   A O4    
187 C C5    . U   A 7  ? 0.1338 0.1457 0.1319 0.0014  -0.0192 0.0052  2653 U   A C5    
188 C C6    . U   A 7  ? 0.1317 0.1314 0.1369 -0.0032 -0.0037 0.0047  2653 U   A C6    
189 P P     . A   A 8  ? 0.1790 0.1891 0.1949 0.0091  -0.0030 0.0102  2654 A   A P     
190 O OP1   . A   A 8  ? 0.1976 0.2154 0.2137 -0.0108 -0.0122 -0.0237 2654 A   A OP1   
191 O OP2   . A   A 8  ? 0.1818 0.1940 0.2181 0.0203  -0.0198 0.0059  2654 A   A OP2   
192 O "O5'" . A   A 8  ? 0.1759 0.1891 0.1953 -0.0086 0.0098  -0.0017 2654 A   A "O5'" 
193 C "C5'" . A   A 8  ? 0.1540 0.1486 0.1913 -0.0282 0.0002  -0.0109 2654 A   A "C5'" 
194 C "C4'" . A   A 8  ? 0.1349 0.1566 0.1620 -0.0040 0.0196  -0.0056 2654 A   A "C4'" 
195 O "O4'" . A   A 8  ? 0.1594 0.1590 0.1639 -0.0065 0.0125  -0.0020 2654 A   A "O4'" 
196 C "C3'" . A   A 8  ? 0.1617 0.1423 0.1715 0.0142  -0.0001 0.0084  2654 A   A "C3'" 
197 O "O3'" . A   A 8  ? 0.2176 0.1899 0.2003 0.0049  0.0313  -0.0027 2654 A   A "O3'" 
198 C "C2'" . A   A 8  ? 0.1500 0.1475 0.1394 -0.0072 0.0057  -0.0114 2654 A   A "C2'" 
199 O "O2'" . A   A 8  ? 0.1705 0.1520 0.1774 0.0138  -0.0007 0.0081  2654 A   A "O2'" 
200 C "C1'" . A   A 8  ? 0.1725 0.1581 0.1626 -0.0085 0.0058  -0.0137 2654 A   A "C1'" 
201 N N9    . A   A 8  ? 0.1175 0.1596 0.1487 -0.0082 0.0051  0.0007  2654 A   A N9    
202 C C8    . A   A 8  ? 0.1432 0.1263 0.1577 0.0070  -0.0044 0.0062  2654 A   A C8    
203 N N7    . A   A 8  ? 0.1290 0.1467 0.1379 -0.0023 -0.0031 -0.0007 2654 A   A N7    
204 C C5    . A   A 8  ? 0.1357 0.1227 0.1369 -0.0148 0.0056  -0.0083 2654 A   A C5    
205 C C6    . A   A 8  ? 0.1423 0.1467 0.1640 -0.0099 -0.0118 -0.0047 2654 A   A C6    
206 N N6    . A   A 8  ? 0.1674 0.1733 0.1672 -0.0216 0.0074  0.0078  2654 A   A N6    
207 N N1    . A   A 8  ? 0.1531 0.1529 0.1765 0.0032  0.0109  0.0072  2654 A   A N1    
208 C C2    . A   A 8  ? 0.1723 0.1826 0.1661 0.0010  -0.0047 -0.0056 2654 A   A C2    
209 N N3    . A   A 8  ? 0.1703 0.1550 0.1825 -0.0070 0.0075  0.0049  2654 A   A N3    
210 C C4    . A   A 8  ? 0.1366 0.1546 0.1345 -0.0175 -0.0034 -0.0019 2654 A   A C4    
211 P P     . G   A 9  ? 0.1936 0.2142 0.2107 -0.0126 0.0139  -0.0190 2655 G   A P     
212 O OP1   . G   A 9  ? 0.2923 0.2564 0.2283 0.0193  0.0710  -0.0415 2655 G   A OP1   
213 O OP2   . G   A 9  ? 0.2627 0.2133 0.2217 -0.0305 0.0072  -0.0382 2655 G   A OP2   
214 O "O5'" . G   A 9  ? 0.1878 0.2765 0.2472 -0.0228 0.0538  -0.0165 2655 G   A "O5'" 
215 C "C5'" . G   A 9  ? 0.2803 0.1980 0.1967 -0.0465 0.0087  -0.0166 2655 G   A "C5'" 
216 C "C4'" . G   A 9  ? 0.2384 0.2077 0.1712 -0.0360 0.0239  -0.0097 2655 G   A "C4'" 
217 O "O4'" . G   A 9  ? 0.2026 0.2336 0.2142 -0.0301 0.0105  -0.0305 2655 G   A "O4'" 
218 C "C3'" . G   A 9  ? 0.2499 0.2006 0.2294 -0.0109 0.0000  0.0104  2655 G   A "C3'" 
219 O "O3'" . G   A 9  ? 0.1959 0.1658 0.1950 -0.0028 0.0324  -0.0092 2655 G   A "O3'" 
220 C "C2'" . G   A 9  ? 0.1985 0.2045 0.1717 -0.0063 0.0166  0.0184  2655 G   A "C2'" 
221 O "O2'" . G   A 9  ? 0.2242 0.2522 0.2593 -0.0549 0.0443  -0.0213 2655 G   A "O2'" 
222 C "C1'" . G   A 9  ? 0.1978 0.2133 0.2224 -0.0383 0.0374  -0.0173 2655 G   A "C1'" 
223 N N9    . G   A 9  ? 0.2340 0.2154 0.2329 -0.0313 0.0331  -0.0053 2655 G   A N9    
224 C C8    . G   A 9  ? 0.1972 0.2517 0.2345 -0.0240 0.0062  -0.0057 2655 G   A C8    
225 N N7    . G   A 9  ? 0.3072 0.2503 0.2577 -0.0318 0.0160  -0.0221 2655 G   A N7    
226 C C5    . G   A 9  ? 0.2429 0.2365 0.2279 -0.0088 0.0191  -0.0100 2655 G   A C5    
227 C C6    . G   A 9  ? 0.2239 0.1966 0.2029 -0.0174 -0.0251 0.0138  2655 G   A C6    
228 O O6    . G   A 9  ? 0.2752 0.2715 0.2490 -0.0071 -0.0052 0.0314  2655 G   A O6    
229 N N1    . G   A 9  ? 0.2178 0.2103 0.2532 -0.0311 0.0056  -0.0050 2655 G   A N1    
230 C C2    . G   A 9  ? 0.1375 0.2039 0.2072 -0.0128 -0.0119 -0.0097 2655 G   A C2    
231 N N2    . G   A 9  ? 0.1818 0.1748 0.1835 0.0005  -0.0105 -0.0080 2655 G   A N2    
232 N N3    . G   A 9  ? 0.1870 0.1617 0.1869 -0.0105 -0.0001 -0.0080 2655 G   A N3    
233 C C4    . G   A 9  ? 0.2040 0.1680 0.2264 -0.0250 -0.0012 -0.0222 2655 G   A C4    
234 P P     . U   A 10 ? 0.1770 0.1786 0.2122 -0.0022 0.0091  -0.0083 2656 U   A P     
235 O OP1   . U   A 10 ? 0.2038 0.2120 0.2271 -0.0155 0.0254  -0.0092 2656 U   A OP1   
236 O OP2   . U   A 10 ? 0.1917 0.1838 0.2222 0.0045  -0.0019 -0.0219 2656 U   A OP2   
237 O "O5'" . U   A 10 ? 0.1993 0.1815 0.2169 -0.0030 -0.0080 -0.0205 2656 U   A "O5'" 
238 C "C5'" . U   A 10 ? 0.1710 0.1597 0.2227 -0.0016 0.0039  -0.0372 2656 U   A "C5'" 
239 C "C4'" . U   A 10 ? 0.1762 0.1908 0.2501 0.0311  0.0147  -0.0192 2656 U   A "C4'" 
240 O "O4'" . U   A 10 ? 0.1698 0.1758 0.2275 -0.0229 -0.0183 -0.0368 2656 U   A "O4'" 
241 C "C3'" . U   A 10 ? 0.1689 0.1697 0.1775 -0.0205 0.0095  -0.0085 2656 U   A "C3'" 
242 O "O3'" . U   A 10 ? 0.1900 0.1608 0.2070 0.0004  0.0053  -0.0012 2656 U   A "O3'" 
243 C "C2'" . U   A 10 ? 0.1653 0.2002 0.1979 0.0021  0.0047  -0.0287 2656 U   A "C2'" 
244 O "O2'" . U   A 10 ? 0.1743 0.1967 0.2202 -0.0028 0.0038  -0.0278 2656 U   A "O2'" 
245 C "C1'" . U   A 10 ? 0.2003 0.2093 0.2025 0.0029  -0.0148 -0.0012 2656 U   A "C1'" 
246 N N1    . U   A 10 ? 0.1598 0.1839 0.1702 -0.0133 -0.0049 -0.0170 2656 U   A N1    
247 C C2    . U   A 10 ? 0.1701 0.1502 0.1707 -0.0090 -0.0140 -0.0058 2656 U   A C2    
248 O O2    . U   A 10 ? 0.1568 0.1712 0.1713 0.0138  -0.0004 -0.0116 2656 U   A O2    
249 N N3    . U   A 10 ? 0.1805 0.1676 0.1749 -0.0078 -0.0017 -0.0160 2656 U   A N3    
250 C C4    . U   A 10 ? 0.1694 0.1931 0.1934 -0.0088 -0.0048 -0.0102 2656 U   A C4    
251 O O4    . U   A 10 ? 0.1619 0.1991 0.2118 -0.0174 0.0007  -0.0173 2656 U   A O4    
252 C C5    . U   A 10 ? 0.1768 0.1790 0.1759 -0.0106 0.0245  0.0032  2656 U   A C5    
253 C C6    . U   A 10 ? 0.1411 0.1694 0.1852 -0.0056 0.0020  -0.0061 2656 U   A C6    
254 P P     . A   A 11 ? 0.1911 0.1891 0.2291 0.0083  -0.0027 -0.0125 2657 A   A P     
255 O OP1   . A   A 11 ? 0.1973 0.2488 0.2782 0.0181  -0.0205 -0.0240 2657 A   A OP1   
256 O OP2   . A   A 11 ? 0.1652 0.2089 0.2122 -0.0053 -0.0053 -0.0281 2657 A   A OP2   
257 O "O5'" . A   A 11 ? 0.1513 0.1847 0.1948 0.0068  0.0069  -0.0005 2657 A   A "O5'" 
258 C "C5'" . A   A 11 ? 0.1961 0.1880 0.2167 -0.0086 0.0036  0.0049  2657 A   A "C5'" 
259 C "C4'" . A   A 11 ? 0.1587 0.1505 0.1814 -0.0092 0.0052  0.0228  2657 A   A "C4'" 
260 O "O4'" . A   A 11 ? 0.1774 0.1619 0.1797 -0.0172 -0.0071 0.0107  2657 A   A "O4'" 
261 C "C3'" . A   A 11 ? 0.1623 0.1405 0.1605 -0.0053 -0.0013 0.0058  2657 A   A "C3'" 
262 O "O3'" . A   A 11 ? 0.2008 0.1940 0.2124 0.0068  -0.0275 0.0116  2657 A   A "O3'" 
263 C "C2'" . A   A 11 ? 0.1751 0.1671 0.1753 0.0027  0.0097  -0.0216 2657 A   A "C2'" 
264 O "O2'" . A   A 11 ? 0.2041 0.2640 0.2090 0.0233  0.0032  0.0128  2657 A   A "O2'" 
265 C "C1'" . A   A 11 ? 0.1459 0.1553 0.1581 -0.0032 0.0072  -0.0022 2657 A   A "C1'" 
266 N N9    . A   A 11 ? 0.1304 0.1646 0.1620 0.0062  0.0080  0.0038  2657 A   A N9    
267 C C8    . A   A 11 ? 0.1804 0.1466 0.1585 0.0022  0.0028  0.0130  2657 A   A C8    
268 N N7    . A   A 11 ? 0.1468 0.1570 0.1497 -0.0055 0.0018  0.0089  2657 A   A N7    
269 C C5    . A   A 11 ? 0.1451 0.1563 0.1765 0.0067  -0.0023 0.0043  2657 A   A C5    
270 C C6    . A   A 11 ? 0.1549 0.1726 0.1637 0.0003  0.0017  0.0028  2657 A   A C6    
271 N N6    . A   A 11 ? 0.1497 0.1505 0.1619 -0.0006 0.0074  0.0032  2657 A   A N6    
272 N N1    . A   A 11 ? 0.1562 0.1588 0.1678 -0.0054 0.0052  -0.0019 2657 A   A N1    
273 C C2    . A   A 11 ? 0.1390 0.1363 0.1641 0.0247  0.0144  0.0008  2657 A   A C2    
274 N N3    . A   A 11 ? 0.1502 0.1581 0.1617 -0.0016 -0.0085 0.0056  2657 A   A N3    
275 C C4    . A   A 11 ? 0.1528 0.1607 0.1567 -0.0016 -0.0045 0.0135  2657 A   A C4    
276 P P     . C   A 12 ? 0.2094 0.1881 0.2218 -0.0004 -0.0285 0.0099  2658 C   A P     
277 O OP1   . C   A 12 ? 0.2210 0.2355 0.2380 -0.0158 -0.0779 0.0321  2658 C   A OP1   
278 O OP2   . C   A 12 ? 0.2047 0.2083 0.2778 -0.0104 -0.0308 -0.0046 2658 C   A OP2   
279 O "O5'" . C   A 12 ? 0.1761 0.1779 0.1979 -0.0047 -0.0105 0.0188  2658 C   A "O5'" 
280 C "C5'" . C   A 12 ? 0.1911 0.1797 0.1674 -0.0061 -0.0178 0.0184  2658 C   A "C5'" 
281 C "C4'" . C   A 12 ? 0.1635 0.1436 0.1571 -0.0093 0.0030  -0.0007 2658 C   A "C4'" 
282 O "O4'" . C   A 12 ? 0.1573 0.1571 0.1550 -0.0087 -0.0074 0.0059  2658 C   A "O4'" 
283 C "C3'" . C   A 12 ? 0.1547 0.1649 0.1436 0.0018  -0.0059 0.0022  2658 C   A "C3'" 
284 O "O3'" . C   A 12 ? 0.1822 0.1603 0.1783 -0.0189 -0.0086 -0.0111 2658 C   A "O3'" 
285 C "C2'" . C   A 12 ? 0.1546 0.1261 0.1723 0.0038  -0.0056 0.0029  2658 C   A "C2'" 
286 O "O2'" . C   A 12 ? 0.1961 0.1564 0.1522 0.0052  -0.0076 -0.0145 2658 C   A "O2'" 
287 C "C1'" . C   A 12 ? 0.1580 0.1495 0.1654 0.0015  -0.0142 -0.0041 2658 C   A "C1'" 
288 N N1    . C   A 12 ? 0.1554 0.1527 0.1363 0.0025  -0.0127 0.0045  2658 C   A N1    
289 C C2    . C   A 12 ? 0.1405 0.1335 0.1340 -0.0084 -0.0033 -0.0037 2658 C   A C2    
290 O O2    . C   A 12 ? 0.1500 0.1626 0.1588 0.0073  -0.0045 0.0047  2658 C   A O2    
291 N N3    . C   A 12 ? 0.1395 0.1562 0.1410 0.0042  0.0057  0.0159  2658 C   A N3    
292 C C4    . C   A 12 ? 0.1428 0.1560 0.1318 0.0048  -0.0030 -0.0102 2658 C   A C4    
293 N N4    . C   A 12 ? 0.1630 0.1605 0.1579 0.0139  -0.0015 -0.0053 2658 C   A N4    
294 C C5    . C   A 12 ? 0.1379 0.1419 0.1535 -0.0104 0.0017  0.0002  2658 C   A C5    
295 C C6    . C   A 12 ? 0.1452 0.1367 0.1385 -0.0150 0.0005  0.0169  2658 C   A C6    
296 P P     . G   A 13 ? 0.1722 0.1747 0.1603 -0.0133 -0.0031 -0.0010 2659 G   A P     
297 O OP1   . G   A 13 ? 0.2049 0.1896 0.1838 -0.0055 0.0096  -0.0076 2659 G   A OP1   
298 O OP2   . G   A 13 ? 0.1807 0.2110 0.1694 -0.0157 -0.0265 0.0124  2659 G   A OP2   
299 O "O5'" . G   A 13 ? 0.1743 0.1845 0.1781 -0.0132 0.0051  0.0010  2659 G   A "O5'" 
300 C "C5'" . G   A 13 ? 0.2308 0.1846 0.1363 0.0016  0.0039  0.0074  2659 G   A "C5'" 
301 C "C4'" . G   A 13 ? 0.1887 0.1318 0.1464 0.0059  -0.0065 0.0018  2659 G   A "C4'" 
302 O "O4'" . G   A 13 ? 0.1759 0.1722 0.1584 -0.0060 -0.0026 -0.0069 2659 G   A "O4'" 
303 C "C3'" . G   A 13 ? 0.2165 0.1663 0.1795 -0.0146 0.0259  0.0048  2659 G   A "C3'" 
304 O "O3'" . G   A 13 ? 0.2096 0.1831 0.1794 -0.0069 0.0347  -0.0118 2659 G   A "O3'" 
305 C "C2'" . G   A 13 ? 0.1586 0.1572 0.1767 0.0094  0.0039  0.0133  2659 G   A "C2'" 
306 O "O2'" . G   A 13 ? 0.1960 0.1585 0.1633 0.0026  0.0030  -0.0042 2659 G   A "O2'" 
307 C "C1'" . G   A 13 ? 0.1766 0.1501 0.1662 -0.0105 0.0030  -0.0235 2659 G   A "C1'" 
308 N N9    . G   A 13 ? 0.1561 0.1544 0.1624 -0.0069 0.0134  -0.0034 2659 G   A N9    
309 C C8    . G   A 13 ? 0.1634 0.1653 0.1795 -0.0128 -0.0003 0.0204  2659 G   A C8    
310 N N7    . G   A 13 ? 0.1750 0.1735 0.1917 -0.0156 0.0043  0.0007  2659 G   A N7    
311 C C5    . G   A 13 ? 0.1254 0.1418 0.1705 -0.0245 0.0096  0.0146  2659 G   A C5    
312 C C6    . G   A 13 ? 0.1494 0.1453 0.1728 -0.0075 -0.0088 0.0123  2659 G   A C6    
313 O O6    . G   A 13 ? 0.1952 0.1431 0.1823 0.0045  -0.0038 -0.0051 2659 G   A O6    
314 N N1    . G   A 13 ? 0.1633 0.1639 0.1451 0.0021  0.0013  0.0089  2659 G   A N1    
315 C C2    . G   A 13 ? 0.1286 0.1356 0.1307 0.0021  -0.0059 0.0012  2659 G   A C2    
316 N N2    . G   A 13 ? 0.1881 0.1481 0.1449 -0.0254 0.0093  -0.0037 2659 G   A N2    
317 N N3    . G   A 13 ? 0.1504 0.1371 0.1422 -0.0048 -0.0054 -0.0050 2659 G   A N3    
318 C C4    . G   A 13 ? 0.1761 0.1599 0.1627 0.0107  0.0194  -0.0164 2659 G   A C4    
319 P P     . A   A 14 ? 0.2023 0.1928 0.1844 -0.0264 0.0101  -0.0069 2660 A   A P     
320 O OP1   . A   A 14 ? 0.1953 0.2100 0.1983 -0.0443 0.0124  -0.0142 2660 A   A OP1   
321 O OP2   . A   A 14 ? 0.2073 0.2638 0.1697 -0.0254 -0.0019 0.0162  2660 A   A OP2   
322 O "O5'" . A   A 14 ? 0.1874 0.1933 0.1976 -0.0110 0.0174  -0.0016 2660 A   A "O5'" 
323 C "C5'" . A   A 14 ? 0.2024 0.2269 0.2166 0.0041  0.0035  0.0132  2660 A   A "C5'" 
324 C "C4'" . A   A 14 ? 0.1853 0.1787 0.2021 -0.0159 0.0105  -0.0163 2660 A   A "C4'" 
325 O "O4'" . A   A 14 ? 0.1805 0.1806 0.1714 -0.0083 -0.0118 0.0054  2660 A   A "O4'" 
326 C "C3'" . A   A 14 ? 0.1364 0.1911 0.2019 0.0079  -0.0057 0.0177  2660 A   A "C3'" 
327 O "O3'" . A   A 14 ? 0.2132 0.2284 0.1933 -0.0280 -0.0086 -0.0281 2660 A   A "O3'" 
328 C "C2'" . A   A 14 ? 0.1548 0.1976 0.1806 -0.0114 0.0037  -0.0043 2660 A   A "C2'" 
329 O "O2'" . A   A 14 ? 0.1812 0.2231 0.1829 0.0003  0.0043  -0.0037 2660 A   A "O2'" 
330 C "C1'" . A   A 14 ? 0.2037 0.1803 0.2070 -0.0239 0.0129  0.0106  2660 A   A "C1'" 
331 N N9    . A   A 14 ? 0.1973 0.1923 0.2026 -0.0132 0.0005  -0.0136 2660 A   A N9    
332 C C8    . A   A 14 ? 0.1520 0.1842 0.1741 -0.0287 -0.0094 -0.0241 2660 A   A C8    
333 N N7    . A   A 14 ? 0.2057 0.2291 0.2170 0.0037  0.0380  -0.0223 2660 A   A N7    
334 C C5    . A   A 14 ? 0.1762 0.1993 0.1868 -0.0308 -0.0350 -0.0118 2660 A   A C5    
335 C C6    . A   A 14 ? 0.1972 0.2406 0.1840 -0.0163 -0.0272 -0.0054 2660 A   A C6    
336 N N6    . A   A 14 ? 0.2080 0.2248 0.1755 -0.0150 -0.0315 -0.0040 2660 A   A N6    
337 N N1    . A   A 14 ? 0.1737 0.2010 0.1991 -0.0104 -0.0022 0.0167  2660 A   A N1    
338 C C2    . A   A 14 ? 0.1927 0.2150 0.1923 -0.0143 -0.0115 -0.0235 2660 A   A C2    
339 N N3    . A   A 14 ? 0.2308 0.2326 0.1703 -0.0282 0.0006  -0.0169 2660 A   A N3    
340 C C4    . A   A 14 ? 0.1868 0.1857 0.1899 -0.0266 -0.0401 -0.0194 2660 A   A C4    
341 P P     . 2SG A 15 ? 0.1760 0.1762 0.1780 -0.0072 -0.0051 0.0042  2661 2SG A P     
342 S SP1   . 2SG A 15 ? 0.2100 0.2023 0.2330 0.0025  0.0028  0.0072  2661 2SG A SP1   
343 S SP2   . 2SG A 15 ? 0.1611 0.1719 0.1672 -0.0113 -0.0003 -0.0057 2661 2SG A SP2   
344 O "O5'" . 2SG A 15 ? 0.1904 0.2333 0.2203 0.0097  -0.0134 0.0141  2661 2SG A "O5'" 
345 C "C5'" . 2SG A 15 ? 0.2075 0.1378 0.2278 0.0104  -0.0284 0.0223  2661 2SG A "C5'" 
346 C "C4'" . 2SG A 15 ? 0.1284 0.1517 0.1765 -0.0126 -0.0005 -0.0002 2661 2SG A "C4'" 
347 C "C3'" . 2SG A 15 ? 0.1644 0.1631 0.1723 -0.0069 0.0116  0.0049  2661 2SG A "C3'" 
348 O "O3'" . 2SG A 15 ? 0.1719 0.1657 0.1841 0.0196  0.0028  0.0002  2661 2SG A "O3'" 
349 C "C2'" . 2SG A 15 ? 0.1683 0.1578 0.1464 -0.0056 0.0113  0.0085  2661 2SG A "C2'" 
350 O "O2'" . 2SG A 15 ? 0.1303 0.1622 0.1658 -0.0032 -0.0043 0.0005  2661 2SG A "O2'" 
351 C "C1'" . 2SG A 15 ? 0.1722 0.1693 0.1782 0.0372  0.0006  -0.0136 2661 2SG A "C1'" 
352 O "O4'" . 2SG A 15 ? 0.1737 0.1727 0.1678 -0.0004 -0.0018 0.0031  2661 2SG A "O4'" 
353 N N9    . 2SG A 15 ? 0.1727 0.1606 0.1586 0.0004  0.0062  -0.0044 2661 2SG A N9    
354 C C4    . 2SG A 15 ? 0.1839 0.1441 0.1237 -0.0193 -0.0149 -0.0266 2661 2SG A C4    
355 C C5    . 2SG A 15 ? 0.1404 0.1416 0.1461 -0.0138 -0.0149 0.0011  2661 2SG A C5    
356 N N7    . 2SG A 15 ? 0.1565 0.1417 0.1292 -0.0117 -0.0028 0.0083  2661 2SG A N7    
357 C C8    . 2SG A 15 ? 0.1936 0.1635 0.1986 -0.0040 -0.0123 0.0001  2661 2SG A C8    
358 N N3    . 2SG A 15 ? 0.1500 0.1554 0.1384 0.0003  -0.0262 0.0052  2661 2SG A N3    
359 C C2    . 2SG A 15 ? 0.1669 0.1516 0.1595 -0.0144 -0.0140 -0.0148 2661 2SG A C2    
360 N N2    . 2SG A 15 ? 0.1664 0.1448 0.1569 0.0123  0.0003  -0.0106 2661 2SG A N2    
361 N N1    . 2SG A 15 ? 0.1673 0.1560 0.1760 -0.0122 0.0053  0.0029  2661 2SG A N1    
362 C C6    . 2SG A 15 ? 0.1463 0.1642 0.1637 -0.0138 -0.0065 -0.0026 2661 2SG A C6    
363 O O6    . 2SG A 15 ? 0.2125 0.1650 0.1617 -0.0038 0.0065  -0.0138 2661 2SG A O6    
364 P P     . A   A 16 ? 0.1699 0.1697 0.1699 -0.0035 0.0028  -0.0050 2662 A   A P     
365 O OP1   . A   A 16 ? 0.2004 0.1708 0.1754 -0.0092 -0.0052 -0.0081 2662 A   A OP1   
366 O OP2   . A   A 16 ? 0.1614 0.1485 0.1648 0.0023  0.0007  0.0067  2662 A   A OP2   
367 O "O5'" . A   A 16 ? 0.1495 0.1597 0.1693 -0.0073 -0.0016 -0.0026 2662 A   A "O5'" 
368 C "C5'" . A   A 16 ? 0.1601 0.1610 0.1567 -0.0082 0.0027  -0.0029 2662 A   A "C5'" 
369 C "C4'" . A   A 16 ? 0.1619 0.1591 0.1569 -0.0142 0.0079  -0.0015 2662 A   A "C4'" 
370 O "O4'" . A   A 16 ? 0.1524 0.1437 0.1569 0.0041  0.0028  -0.0014 2662 A   A "O4'" 
371 C "C3'" . A   A 16 ? 0.1522 0.1641 0.1557 -0.0197 0.0038  -0.0057 2662 A   A "C3'" 
372 O "O3'" . A   A 16 ? 0.1912 0.1785 0.1768 -0.0117 -0.0113 0.0021  2662 A   A "O3'" 
373 C "C2'" . A   A 16 ? 0.1223 0.1786 0.1676 -0.0054 0.0018  0.0062  2662 A   A "C2'" 
374 O "O2'" . A   A 16 ? 0.1999 0.1701 0.1691 0.0038  -0.0007 0.0066  2662 A   A "O2'" 
375 C "C1'" . A   A 16 ? 0.1286 0.1407 0.1724 -0.0010 -0.0111 0.0205  2662 A   A "C1'" 
376 N N9    . A   A 16 ? 0.1344 0.1612 0.1578 -0.0135 -0.0005 -0.0083 2662 A   A N9    
377 C C8    . A   A 16 ? 0.1634 0.1582 0.1496 0.0047  -0.0005 -0.0063 2662 A   A C8    
378 N N7    . A   A 16 ? 0.1523 0.1600 0.1559 0.0065  -0.0127 0.0171  2662 A   A N7    
379 C C5    . A   A 16 ? 0.1576 0.1515 0.1306 -0.0207 0.0054  0.0042  2662 A   A C5    
380 C C6    . A   A 16 ? 0.1854 0.1907 0.1693 -0.0078 0.0056  -0.0123 2662 A   A C6    
381 N N6    . A   A 16 ? 0.2222 0.1683 0.1630 -0.0143 0.0177  -0.0121 2662 A   A N6    
382 N N1    . A   A 16 ? 0.1571 0.1672 0.1547 -0.0008 -0.0029 -0.0077 2662 A   A N1    
383 C C2    . A   A 16 ? 0.1626 0.1631 0.1585 0.0073  -0.0078 -0.0138 2662 A   A C2    
384 N N3    . A   A 16 ? 0.1650 0.1395 0.1464 -0.0036 0.0044  -0.0079 2662 A   A N3    
385 C C4    . A   A 16 ? 0.1245 0.1281 0.1216 -0.0042 -0.0082 0.0047  2662 A   A C4    
386 P P     . G   A 17 ? 0.2035 0.1944 0.1658 -0.0082 -0.0029 -0.0006 2663 G   A P     
387 O OP1   . G   A 17 ? 0.3031 0.2616 0.1830 -0.0395 0.0021  0.0070  2663 G   A OP1   
388 O OP2   . G   A 17 ? 0.1914 0.2032 0.1860 -0.0130 -0.0023 0.0006  2663 G   A OP2   
389 O "O5'" . G   A 17 ? 0.1784 0.1925 0.1847 -0.0257 -0.0023 0.0180  2663 G   A "O5'" 
390 C "C5'" . G   A 17 ? 0.2053 0.1839 0.1656 -0.0494 0.0075  0.0048  2663 G   A "C5'" 
391 C "C4'" . G   A 17 ? 0.1854 0.1613 0.1625 -0.0281 -0.0118 0.0027  2663 G   A "C4'" 
392 O "O4'" . G   A 17 ? 0.1583 0.1608 0.1673 -0.0303 -0.0168 0.0006  2663 G   A "O4'" 
393 C "C3'" . G   A 17 ? 0.1650 0.1672 0.1599 -0.0084 0.0084  0.0207  2663 G   A "C3'" 
394 O "O3'" . G   A 17 ? 0.1807 0.1769 0.1909 -0.0222 -0.0161 -0.0016 2663 G   A "O3'" 
395 C "C2'" . G   A 17 ? 0.1702 0.1882 0.1655 -0.0256 -0.0017 -0.0037 2663 G   A "C2'" 
396 O "O2'" . G   A 17 ? 0.1773 0.1839 0.1755 -0.0233 -0.0095 0.0001  2663 G   A "O2'" 
397 C "C1'" . G   A 17 ? 0.1551 0.1821 0.1623 -0.0134 -0.0094 -0.0030 2663 G   A "C1'" 
398 N N9    . G   A 17 ? 0.1793 0.1716 0.1569 -0.0132 0.0021  -0.0010 2663 G   A N9    
399 C C8    . G   A 17 ? 0.1544 0.1638 0.1672 -0.0087 0.0202  0.0006  2663 G   A C8    
400 N N7    . G   A 17 ? 0.1412 0.1647 0.1410 -0.0151 0.0140  -0.0066 2663 G   A N7    
401 C C5    . G   A 17 ? 0.1603 0.1440 0.1239 -0.0116 -0.0045 -0.0019 2663 G   A C5    
402 C C6    . G   A 17 ? 0.1284 0.1749 0.1308 -0.0051 -0.0089 0.0090  2663 G   A C6    
403 O O6    . G   A 17 ? 0.1652 0.1712 0.1627 -0.0048 0.0024  -0.0080 2663 G   A O6    
404 N N1    . G   A 17 ? 0.1471 0.1589 0.1352 0.0018  -0.0017 -0.0007 2663 G   A N1    
405 C C2    . G   A 17 ? 0.1475 0.1684 0.1676 -0.0009 0.0013  -0.0035 2663 G   A C2    
406 N N2    . G   A 17 ? 0.2191 0.1647 0.1756 -0.0017 -0.0039 -0.0272 2663 G   A N2    
407 N N3    . G   A 17 ? 0.1836 0.1585 0.1566 -0.0227 0.0187  -0.0033 2663 G   A N3    
408 C C4    . G   A 17 ? 0.1315 0.1608 0.1500 0.0153  -0.0153 0.0023  2663 G   A C4    
409 P P     . G   A 18 ? 0.1870 0.1854 0.1883 -0.0167 -0.0088 0.0064  2664 G   A P     
410 O OP1   . G   A 18 ? 0.1946 0.1740 0.2144 -0.0268 -0.0001 0.0165  2664 G   A OP1   
411 O OP2   . G   A 18 ? 0.2206 0.2217 0.1834 -0.0391 -0.0166 0.0094  2664 G   A OP2   
412 O "O5'" . G   A 18 ? 0.1870 0.1842 0.2015 -0.0378 0.0009  0.0213  2664 G   A "O5'" 
413 C "C5'" . G   A 18 ? 0.1944 0.1829 0.1845 -0.0211 -0.0191 0.0272  2664 G   A "C5'" 
414 C "C4'" . G   A 18 ? 0.1416 0.1430 0.1801 -0.0032 0.0241  0.0205  2664 G   A "C4'" 
415 O "O4'" . G   A 18 ? 0.1499 0.1472 0.1757 -0.0137 -0.0044 -0.0051 2664 G   A "O4'" 
416 C "C3'" . G   A 18 ? 0.1618 0.1475 0.1711 0.0015  0.0049  0.0086  2664 G   A "C3'" 
417 O "O3'" . G   A 18 ? 0.1756 0.1531 0.1720 0.0013  0.0136  0.0035  2664 G   A "O3'" 
418 C "C2'" . G   A 18 ? 0.1429 0.1632 0.1738 -0.0134 0.0057  0.0060  2664 G   A "C2'" 
419 O "O2'" . G   A 18 ? 0.1758 0.1607 0.1718 -0.0051 -0.0020 -0.0070 2664 G   A "O2'" 
420 C "C1'" . G   A 18 ? 0.1317 0.1352 0.1152 -0.0031 0.0035  0.0030  2664 G   A "C1'" 
421 N N9    . G   A 18 ? 0.1435 0.1483 0.1549 -0.0023 0.0092  0.0037  2664 G   A N9    
422 C C8    . G   A 18 ? 0.1446 0.1746 0.1686 -0.0266 0.0089  -0.0068 2664 G   A C8    
423 N N7    . G   A 18 ? 0.1729 0.1777 0.1904 -0.0117 0.0075  -0.0105 2664 G   A N7    
424 C C5    . G   A 18 ? 0.1586 0.1498 0.1693 -0.0130 0.0160  -0.0132 2664 G   A C5    
425 C C6    . G   A 18 ? 0.2150 0.1759 0.1947 0.0033  0.0011  0.0093  2664 G   A C6    
426 O O6    . G   A 18 ? 0.2067 0.2138 0.2277 -0.0136 0.0161  -0.0354 2664 G   A O6    
427 N N1    . G   A 18 ? 0.1637 0.1538 0.1666 -0.0018 0.0013  -0.0204 2664 G   A N1    
428 C C2    . G   A 18 ? 0.1403 0.1754 0.1453 -0.0153 -0.0080 -0.0135 2664 G   A C2    
429 N N2    . G   A 18 ? 0.1492 0.1806 0.1698 0.0047  -0.0006 -0.0200 2664 G   A N2    
430 N N3    . G   A 18 ? 0.1492 0.1421 0.1538 -0.0175 -0.0095 0.0026  2664 G   A N3    
431 C C4    . G   A 18 ? 0.1514 0.1435 0.1537 -0.0059 -0.0007 0.0021  2664 G   A C4    
432 P P     . A   A 19 ? 0.1549 0.1617 0.1723 -0.0084 0.0019  0.0034  2665 A   A P     
433 O OP1   . A   A 19 ? 0.1797 0.1921 0.1634 -0.0056 -0.0014 0.0150  2665 A   A OP1   
434 O OP2   . A   A 19 ? 0.1823 0.1792 0.1777 -0.0205 -0.0139 0.0197  2665 A   A OP2   
435 O "O5'" . A   A 19 ? 0.1566 0.1665 0.1571 -0.0135 0.0098  -0.0075 2665 A   A "O5'" 
436 C "C5'" . A   A 19 ? 0.1488 0.1557 0.1434 -0.0041 -0.0033 -0.0048 2665 A   A "C5'" 
437 C "C4'" . A   A 19 ? 0.2115 0.1771 0.1408 -0.0094 -0.0034 0.0076  2665 A   A "C4'" 
438 O "O4'" . A   A 19 ? 0.1699 0.1845 0.1629 -0.0222 0.0160  0.0009  2665 A   A "O4'" 
439 C "C3'" . A   A 19 ? 0.1792 0.1623 0.1876 0.0075  0.0069  0.0079  2665 A   A "C3'" 
440 O "O3'" . A   A 19 ? 0.1769 0.1735 0.1661 -0.0009 0.0090  -0.0038 2665 A   A "O3'" 
441 C "C2'" . A   A 19 ? 0.1526 0.1528 0.1750 -0.0012 0.0074  -0.0021 2665 A   A "C2'" 
442 O "O2'" . A   A 19 ? 0.1940 0.1657 0.1959 0.0037  0.0104  0.0138  2665 A   A "O2'" 
443 C "C1'" . A   A 19 ? 0.1584 0.1904 0.1686 -0.0101 0.0073  0.0082  2665 A   A "C1'" 
444 N N9    . A   A 19 ? 0.1911 0.1931 0.1852 -0.0034 -0.0103 -0.0055 2665 A   A N9    
445 C C8    . A   A 19 ? 0.1560 0.1806 0.1798 -0.0255 -0.0003 -0.0085 2665 A   A C8    
446 N N7    . A   A 19 ? 0.1312 0.1774 0.1673 -0.0005 -0.0076 -0.0194 2665 A   A N7    
447 C C5    . A   A 19 ? 0.1544 0.1762 0.1807 -0.0100 0.0044  -0.0026 2665 A   A C5    
448 C C6    . A   A 19 ? 0.1382 0.1774 0.1887 -0.0019 0.0017  -0.0055 2665 A   A C6    
449 N N6    . A   A 19 ? 0.1490 0.1834 0.1808 0.0034  -0.0051 -0.0014 2665 A   A N6    
450 N N1    . A   A 19 ? 0.1671 0.1861 0.1747 -0.0132 -0.0107 0.0099  2665 A   A N1    
451 C C2    . A   A 19 ? 0.1509 0.1716 0.1448 -0.0077 0.0020  0.0006  2665 A   A C2    
452 N N3    . A   A 19 ? 0.1438 0.1593 0.1585 -0.0069 0.0043  0.0003  2665 A   A N3    
453 C C4    . A   A 19 ? 0.1322 0.1817 0.1620 0.0015  -0.0019 -0.0033 2665 A   A C4    
454 P P     . C   A 20 ? 0.1576 0.1645 0.1835 0.0013  -0.0006 -0.0053 2666 C   A P     
455 O OP1   . C   A 20 ? 0.1717 0.1875 0.1796 0.0006  -0.0009 -0.0072 2666 C   A OP1   
456 O OP2   . C   A 20 ? 0.1554 0.1555 0.1559 0.0033  0.0004  -0.0075 2666 C   A OP2   
457 O "O5'" . C   A 20 ? 0.1528 0.1328 0.1874 0.0025  -0.0059 0.0057  2666 C   A "O5'" 
458 C "C5'" . C   A 20 ? 0.1711 0.1637 0.1643 -0.0013 0.0258  -0.0007 2666 C   A "C5'" 
459 C "C4'" . C   A 20 ? 0.1975 0.1449 0.1811 -0.0078 0.0139  -0.0136 2666 C   A "C4'" 
460 O "O4'" . C   A 20 ? 0.1782 0.1549 0.1700 -0.0092 0.0020  -0.0070 2666 C   A "O4'" 
461 C "C3'" . C   A 20 ? 0.1807 0.1710 0.1932 0.0096  0.0247  0.0017  2666 C   A "C3'" 
462 O "O3'" . C   A 20 ? 0.1897 0.1730 0.2200 0.0079  0.0214  0.0058  2666 C   A "O3'" 
463 C "C2'" . C   A 20 ? 0.2030 0.1479 0.2072 -0.0046 0.0178  -0.0058 2666 C   A "C2'" 
464 O "O2'" . C   A 20 ? 0.2356 0.1851 0.2272 0.0198  0.0185  -0.0159 2666 C   A "O2'" 
465 C "C1'" . C   A 20 ? 0.1795 0.1730 0.1604 0.0133  0.0017  0.0057  2666 C   A "C1'" 
466 N N1    . C   A 20 ? 0.1558 0.1429 0.1634 -0.0077 0.0049  0.0062  2666 C   A N1    
467 C C2    . C   A 20 ? 0.1593 0.1588 0.1444 -0.0119 0.0023  0.0023  2666 C   A C2    
468 O O2    . C   A 20 ? 0.2005 0.1771 0.1712 -0.0002 0.0179  -0.0071 2666 C   A O2    
469 N N3    . C   A 20 ? 0.1845 0.1532 0.1557 -0.0117 0.0046  0.0151  2666 C   A N3    
470 C C4    . C   A 20 ? 0.1684 0.1615 0.1736 -0.0085 -0.0064 -0.0138 2666 C   A C4    
471 N N4    . C   A 20 ? 0.1715 0.1808 0.1699 0.0039  0.0079  0.0152  2666 C   A N4    
472 C C5    . C   A 20 ? 0.1514 0.1417 0.1828 -0.0154 0.0057  -0.0062 2666 C   A C5    
473 C C6    . C   A 20 ? 0.1410 0.1503 0.1547 -0.0294 0.0072  0.0058  2666 C   A C6    
474 P P     . C   A 21 ? 0.2039 0.2002 0.2353 0.0109  0.0316  -0.0009 2667 C   A P     
475 O OP1   . C   A 21 ? 0.2400 0.2299 0.3068 0.0368  0.0559  -0.0284 2667 C   A OP1   
476 O OP2   . C   A 21 ? 0.2017 0.2269 0.2231 -0.0302 0.0019  0.0303  2667 C   A OP2   
477 O "O5'" . C   A 21 ? 0.2052 0.1988 0.2282 0.0221  0.0391  0.0089  2667 C   A "O5'" 
478 C "C5'" . C   A 21 ? 0.1698 0.1766 0.2376 0.0071  0.0604  0.0013  2667 C   A "C5'" 
479 C "C4'" . C   A 21 ? 0.2256 0.2028 0.2253 0.0093  0.0599  -0.0147 2667 C   A "C4'" 
480 O "O4'" . C   A 21 ? 0.2114 0.2032 0.2125 -0.0092 0.0329  0.0130  2667 C   A "O4'" 
481 C "C3'" . C   A 21 ? 0.2158 0.2315 0.2162 -0.0083 0.0414  -0.0260 2667 C   A "C3'" 
482 O "O3'" . C   A 21 ? 0.2585 0.2224 0.2171 -0.0002 0.0626  -0.0053 2667 C   A "O3'" 
483 C "C2'" . C   A 21 ? 0.2986 0.2205 0.1981 -0.0202 0.0308  -0.0180 2667 C   A "C2'" 
484 O "O2'" . C   A 21 ? 0.2560 0.2499 0.1854 -0.0037 0.0263  -0.0165 2667 C   A "O2'" 
485 C "C1'" . C   A 21 ? 0.2331 0.2348 0.2281 0.0184  0.0411  0.0083  2667 C   A "C1'" 
486 N N1    . C   A 21 ? 0.2239 0.1796 0.2094 -0.0060 0.0497  -0.0053 2667 C   A N1    
487 C C2    . C   A 21 ? 0.2246 0.1834 0.1825 -0.0006 -0.0004 0.0086  2667 C   A C2    
488 O O2    . C   A 21 ? 0.2464 0.1960 0.1896 -0.0024 0.0122  0.0099  2667 C   A O2    
489 N N3    . C   A 21 ? 0.1989 0.1870 0.2026 -0.0030 0.0150  -0.0198 2667 C   A N3    
490 C C4    . C   A 21 ? 0.1360 0.1583 0.1625 -0.0039 0.0096  -0.0147 2667 C   A C4    
491 N N4    . C   A 21 ? 0.1843 0.1685 0.1900 -0.0033 0.0312  -0.0283 2667 C   A N4    
492 C C5    . C   A 21 ? 0.1610 0.1732 0.1752 0.0009  0.0115  -0.0075 2667 C   A C5    
493 C C6    . C   A 21 ? 0.1573 0.1579 0.1809 -0.0002 0.0063  -0.0225 2667 C   A C6    
494 P P     . G   A 22 ? 0.2259 0.2012 0.2148 0.0101  0.0315  -0.0024 2668 G   A P     
495 O OP1   . G   A 22 ? 0.1858 0.2529 0.2279 -0.0122 0.0248  -0.0041 2668 G   A OP1   
496 O OP2   . G   A 22 ? 0.2416 0.2104 0.2279 0.0348  0.0329  -0.0094 2668 G   A OP2   
497 O "O5'" . G   A 22 ? 0.1986 0.1817 0.1987 0.0084  0.0312  -0.0122 2668 G   A "O5'" 
498 C "C5'" . G   A 22 ? 0.1829 0.2041 0.2235 -0.0235 0.0379  -0.0008 2668 G   A "C5'" 
499 C "C4'" . G   A 22 ? 0.2448 0.2235 0.1804 0.0005  0.0341  0.0165  2668 G   A "C4'" 
500 O "O4'" . G   A 22 ? 0.2192 0.1878 0.1518 -0.0109 0.0106  -0.0002 2668 G   A "O4'" 
501 C "C3'" . G   A 22 ? 0.2013 0.1689 0.1920 0.0050  0.0215  -0.0066 2668 G   A "C3'" 
502 O "O3'" . G   A 22 ? 0.2780 0.2407 0.2080 0.0139  0.0120  -0.0089 2668 G   A "O3'" 
503 C "C2'" . G   A 22 ? 0.1767 0.2004 0.1686 0.0172  0.0081  -0.0079 2668 G   A "C2'" 
504 O "O2'" . G   A 22 ? 0.2458 0.1915 0.1984 -0.0050 0.0362  -0.0208 2668 G   A "O2'" 
505 C "C1'" . G   A 22 ? 0.2062 0.1669 0.1678 0.0104  0.0235  0.0045  2668 G   A "C1'" 
506 N N9    . G   A 22 ? 0.1566 0.1524 0.1318 0.0143  0.0166  0.0022  2668 G   A N9    
507 C C8    . G   A 22 ? 0.1685 0.1552 0.1380 -0.0034 0.0078  -0.0007 2668 G   A C8    
508 N N7    . G   A 22 ? 0.1693 0.1553 0.1505 0.0072  0.0134  0.0062  2668 G   A N7    
509 C C5    . G   A 22 ? 0.1395 0.1627 0.1537 0.0016  0.0141  -0.0034 2668 G   A C5    
510 C C6    . G   A 22 ? 0.1610 0.1420 0.1468 -0.0038 0.0064  -0.0115 2668 G   A C6    
511 O O6    . G   A 22 ? 0.1488 0.1498 0.1417 0.0018  0.0070  -0.0061 2668 G   A O6    
512 N N1    . G   A 22 ? 0.1533 0.1450 0.1421 0.0040  0.0069  -0.0032 2668 G   A N1    
513 C C2    . G   A 22 ? 0.1389 0.1614 0.1352 0.0138  0.0176  0.0024  2668 G   A C2    
514 N N2    . G   A 22 ? 0.1642 0.1506 0.1412 0.0015  -0.0027 0.0050  2668 G   A N2    
515 N N3    . G   A 22 ? 0.1581 0.1414 0.1458 -0.0012 0.0025  0.0045  2668 G   A N3    
516 C C4    . G   A 22 ? 0.1442 0.1388 0.1305 -0.0039 0.0063  -0.0125 2668 G   A C4    
517 P P     . G   A 23 ? 0.2243 0.2614 0.2484 0.0016  0.0254  0.0020  2669 G   A P     
518 O OP1   . G   A 23 ? 0.2692 0.3058 0.3048 -0.0327 0.0466  0.0307  2669 G   A OP1   
519 O OP2   . G   A 23 ? 0.2475 0.2827 0.2751 0.0114  0.0019  -0.0185 2669 G   A OP2   
520 O "O5'" . G   A 23 ? 0.2632 0.2701 0.2073 0.0046  0.0281  -0.0053 2669 G   A "O5'" 
521 C "C5'" . G   A 23 ? 0.2318 0.2876 0.2213 -0.0123 0.0403  0.0182  2669 G   A "C5'" 
522 C "C4'" . G   A 23 ? 0.1942 0.1821 0.1800 -0.0202 0.0083  -0.0074 2669 G   A "C4'" 
523 O "O4'" . G   A 23 ? 0.1944 0.1729 0.1585 -0.0191 -0.0038 0.0072  2669 G   A "O4'" 
524 C "C3'" . G   A 23 ? 0.1882 0.2086 0.1941 -0.0116 0.0065  -0.0216 2669 G   A "C3'" 
525 O "O3'" . G   A 23 ? 0.2050 0.2469 0.2086 -0.0422 0.0193  -0.0277 2669 G   A "O3'" 
526 C "C2'" . G   A 23 ? 0.1699 0.1982 0.1987 -0.0039 -0.0072 0.0047  2669 G   A "C2'" 
527 O "O2'" . G   A 23 ? 0.1978 0.1873 0.1887 -0.0049 -0.0028 0.0116  2669 G   A "O2'" 
528 C "C1'" . G   A 23 ? 0.1692 0.1733 0.1302 0.0049  -0.0089 -0.0086 2669 G   A "C1'" 
529 N N9    . G   A 23 ? 0.1845 0.1680 0.1563 -0.0095 0.0061  0.0049  2669 G   A N9    
530 C C8    . G   A 23 ? 0.1740 0.1995 0.1701 0.0044  -0.0082 0.0090  2669 G   A C8    
531 N N7    . G   A 23 ? 0.1552 0.1647 0.1544 0.0084  0.0073  -0.0031 2669 G   A N7    
532 C C5    . G   A 23 ? 0.1442 0.1505 0.1443 -0.0036 -0.0008 0.0054  2669 G   A C5    
533 C C6    . G   A 23 ? 0.1300 0.1492 0.1530 -0.0047 0.0214  0.0023  2669 G   A C6    
534 O O6    . G   A 23 ? 0.1780 0.1856 0.1676 0.0138  0.0026  -0.0128 2669 G   A O6    
535 N N1    . G   A 23 ? 0.1553 0.1785 0.1580 0.0066  0.0148  0.0035  2669 G   A N1    
536 C C2    . G   A 23 ? 0.1241 0.1535 0.1473 0.0164  0.0012  0.0027  2669 G   A C2    
537 N N2    . G   A 23 ? 0.1938 0.1449 0.1675 -0.0020 0.0084  0.0053  2669 G   A N2    
538 N N3    . G   A 23 ? 0.1483 0.1472 0.1608 -0.0109 -0.0019 0.0054  2669 G   A N3    
539 C C4    . G   A 23 ? 0.1184 0.1649 0.1474 0.0042  0.0192  0.0195  2669 G   A C4    
540 P P     . A   A 24 ? 0.2102 0.2925 0.2795 -0.0363 0.0013  -0.0326 2670 A   A P     
541 O OP1   . A   A 24 ? 0.2884 0.4556 0.3555 -0.1447 0.0618  -0.0297 2670 A   A OP1   
542 O OP2   . A   A 24 ? 0.1608 0.3370 0.3510 -0.0365 -0.0188 -0.0143 2670 A   A OP2   
543 O "O5'" . A   A 24 ? 0.2413 0.2588 0.2796 -0.0025 -0.0387 -0.0259 2670 A   A "O5'" 
544 C "C5'" . A   A 24 ? 0.1946 0.2199 0.2081 -0.0369 -0.0301 -0.0201 2670 A   A "C5'" 
545 C "C4'" . A   A 24 ? 0.2353 0.2117 0.1846 -0.0142 -0.0102 -0.0137 2670 A   A "C4'" 
546 O "O4'" . A   A 24 ? 0.2039 0.2232 0.2024 -0.0047 -0.0163 -0.0045 2670 A   A "O4'" 
547 C "C3'" . A   A 24 ? 0.2046 0.2296 0.2515 0.0218  -0.0150 -0.0207 2670 A   A "C3'" 
548 O "O3'" . A   A 24 ? 0.2139 0.3024 0.2617 0.0051  -0.0385 -0.0486 2670 A   A "O3'" 
549 C "C2'" . A   A 24 ? 0.2005 0.2072 0.2217 0.0339  -0.0175 -0.0118 2670 A   A "C2'" 
550 O "O2'" . A   A 24 ? 0.2227 0.1870 0.2431 0.0040  -0.0207 -0.0334 2670 A   A "O2'" 
551 C "C1'" . A   A 24 ? 0.1649 0.2026 0.2080 -0.0050 -0.0136 0.0066  2670 A   A "C1'" 
552 N N9    . A   A 24 ? 0.1752 0.2215 0.2276 0.0049  0.0001  -0.0004 2670 A   A N9    
553 C C8    . A   A 24 ? 0.2210 0.2001 0.2304 -0.0028 -0.0443 -0.0179 2670 A   A C8    
554 N N7    . A   A 24 ? 0.1821 0.2284 0.1931 0.0083  -0.0278 0.0007  2670 A   A N7    
555 C C5    . A   A 24 ? 0.2008 0.1651 0.2103 -0.0109 -0.0205 0.0022  2670 A   A C5    
556 C C6    . A   A 24 ? 0.1508 0.1697 0.1914 0.0007  -0.0108 0.0220  2670 A   A C6    
557 N N6    . A   A 24 ? 0.2177 0.2188 0.1809 0.0189  -0.0081 -0.0143 2670 A   A N6    
558 N N1    . A   A 24 ? 0.1676 0.1739 0.1782 0.0254  -0.0073 0.0030  2670 A   A N1    
559 C C2    . A   A 24 ? 0.1433 0.1879 0.1696 -0.0221 -0.0180 -0.0111 2670 A   A C2    
560 N N3    . A   A 24 ? 0.1746 0.1629 0.1908 -0.0070 0.0117  -0.0140 2670 A   A N3    
561 C C4    . A   A 24 ? 0.1561 0.1888 0.1800 0.0008  -0.0146 0.0084  2670 A   A C4    
562 P P     . G   A 25 ? 0.2179 0.3379 0.3068 -0.0025 -0.0186 -0.0212 2671 G   A P     
563 O OP1   . G   A 25 ? 0.4229 0.2884 0.3188 -0.0905 0.0723  -0.0197 2671 G   A OP1   
564 O OP2   . G   A 25 ? 0.1867 0.4315 0.3902 0.0178  -0.0444 -0.0813 2671 G   A OP2   
565 O "O5'" . G   A 25 ? 0.3323 0.4229 0.2576 -0.0082 -0.0876 0.0015  2671 G   A "O5'" 
566 C "C5'" . G   A 25 ? 0.2718 0.2290 0.3527 0.0225  0.0051  0.0339  2671 G   A "C5'" 
567 C "C4'" . G   A 25 ? 0.2660 0.1951 0.3672 0.0162  -0.0714 0.0453  2671 G   A "C4'" 
568 O "O4'" . G   A 25 ? 0.3138 0.1811 0.4289 -0.0185 -0.1118 0.0050  2671 G   A "O4'" 
569 C "C3'" . G   A 25 ? 0.2051 0.2316 0.2745 -0.0073 -0.0355 0.0571  2671 G   A "C3'" 
570 O "O3'" . G   A 25 ? 0.2554 0.2181 0.2499 -0.0246 -0.0247 0.0247  2671 G   A "O3'" 
571 C "C2'" . G   A 25 ? 0.2463 0.2262 0.2838 -0.0022 -0.0272 0.0788  2671 G   A "C2'" 
572 O "O2'" . G   A 25 ? 0.2619 0.2031 0.3335 -0.0032 -0.0166 0.0190  2671 G   A "O2'" 
573 C "C1'" . G   A 25 ? 0.2063 0.2139 0.3024 -0.0046 -0.0326 0.0248  2671 G   A "C1'" 
574 N N9    . G   A 25 ? 0.1979 0.2626 0.3305 -0.0042 -0.0667 0.0086  2671 G   A N9    
575 C C8    . G   A 25 ? 0.2115 0.2670 0.2738 0.0540  -0.1015 -0.0148 2671 G   A C8    
576 N N7    . G   A 25 ? 0.2093 0.2971 0.2818 -0.0093 -0.0232 0.0121  2671 G   A N7    
577 C C5    . G   A 25 ? 0.1937 0.2445 0.3155 -0.0054 -0.0798 0.0418  2671 G   A C5    
578 C C6    . G   A 25 ? 0.1343 0.3443 0.3053 0.0600  -0.0136 -0.0465 2671 G   A C6    
579 O O6    . G   A 25 ? 0.1859 0.3063 0.3749 -0.0169 -0.0374 -0.0437 2671 G   A O6    
580 N N1    . G   A 25 ? 0.1190 0.2714 0.3642 -0.0227 -0.0217 -0.0252 2671 G   A N1    
581 C C2    . G   A 25 ? 0.1866 0.1870 0.2809 -0.0084 -0.0160 -0.0087 2671 G   A C2    
582 N N2    . G   A 25 ? 0.1661 0.2200 0.3700 0.0409  0.0042  0.0142  2671 G   A N2    
583 N N3    . G   A 25 ? 0.1880 0.1954 0.3160 0.0242  -0.0259 -0.0377 2671 G   A N3    
584 C C4    . G   A 25 ? 0.1510 0.2408 0.3801 0.0461  -0.0295 0.0104  2671 G   A C4    
585 P P     . U   A 26 ? 0.2374 0.2380 0.2309 -0.0239 -0.0062 -0.0019 2672 U   A P     
586 O OP1   . U   A 26 ? 0.2391 0.2627 0.2645 -0.0232 -0.0137 -0.0340 2672 U   A OP1   
587 O OP2   . U   A 26 ? 0.2327 0.2594 0.2794 -0.0527 0.0093  -0.0462 2672 U   A OP2   
588 O "O5'" . U   A 26 ? 0.1877 0.2153 0.2252 0.0386  -0.0106 0.0213  2672 U   A "O5'" 
589 C "C5'" . U   A 26 ? 0.2998 0.2151 0.1689 0.0045  -0.0247 -0.0215 2672 U   A "C5'" 
590 C "C4'" . U   A 26 ? 0.2391 0.2294 0.1887 0.0184  0.0507  0.0024  2672 U   A "C4'" 
591 O "O4'" . U   A 26 ? 0.2421 0.2204 0.2590 0.0195  0.0259  0.0140  2672 U   A "O4'" 
592 C "C3'" . U   A 26 ? 0.1854 0.2555 0.2388 -0.0163 0.0179  0.0110  2672 U   A "C3'" 
593 O "O3'" . U   A 26 ? 0.2376 0.3005 0.2311 0.0066  0.0032  -0.0036 2672 U   A "O3'" 
594 C "C2'" . U   A 26 ? 0.2172 0.2053 0.2809 0.0061  0.0125  0.0014  2672 U   A "C2'" 
595 O "O2'" . U   A 26 ? 0.2565 0.2474 0.2888 0.0673  0.0164  0.0371  2672 U   A "O2'" 
596 C "C1'" . U   A 26 ? 0.1993 0.2186 0.2748 0.0320  0.0511  0.0292  2672 U   A "C1'" 
597 N N1    . U   A 26 ? 0.2034 0.2157 0.2295 0.0086  -0.0153 0.0177  2672 U   A N1    
598 C C2    . U   A 26 ? 0.1502 0.2609 0.2802 0.0300  -0.0181 0.0223  2672 U   A C2    
599 O O2    . U   A 26 ? 0.2235 0.2087 0.3363 0.0063  0.0049  0.0191  2672 U   A O2    
600 N N3    . U   A 26 ? 0.1633 0.2089 0.2877 -0.0166 -0.0106 -0.0113 2672 U   A N3    
601 C C4    . U   A 26 ? 0.1471 0.2204 0.2339 -0.0135 0.0225  0.0013  2672 U   A C4    
602 O O4    . U   A 26 ? 0.1621 0.1981 0.2386 -0.0009 -0.0069 -0.0001 2672 U   A O4    
603 C C5    . U   A 26 ? 0.1586 0.1896 0.2673 0.0216  -0.0155 0.0063  2672 U   A C5    
604 C C6    . U   A 26 ? 0.1688 0.1792 0.2374 0.0101  -0.0230 0.0027  2672 U   A C6    
605 P P     . G   A 27 ? 0.2454 0.2650 0.2434 0.0077  -0.0145 0.0198  2673 G   A P     
606 O OP1   . G   A 27 ? 0.2925 0.2801 0.2712 0.0151  -0.0716 0.0068  2673 G   A OP1   
607 O OP2   . G   A 27 ? 0.2232 0.3456 0.3279 -0.0398 -0.0228 0.0853  2673 G   A OP2   
608 O "O5'" . G   A 27 ? 0.2444 0.2773 0.2641 0.0025  0.0018  0.0113  2673 G   A "O5'" 
609 C "C5'" . G   A 27 ? 0.2491 0.2600 0.1722 0.0072  -0.0358 -0.0026 2673 G   A "C5'" 
610 C "C4'" . G   A 27 ? 0.1772 0.2132 0.2071 0.0320  0.0029  -0.0124 2673 G   A "C4'" 
611 O "O4'" . G   A 27 ? 0.2057 0.2259 0.2015 0.0224  0.0031  0.0048  2673 G   A "O4'" 
612 C "C3'" . G   A 27 ? 0.1914 0.2144 0.1793 0.0171  0.0050  0.0141  2673 G   A "C3'" 
613 O "O3'" . G   A 27 ? 0.1691 0.3163 0.2572 0.0410  0.0200  -0.0558 2673 G   A "O3'" 
614 C "C2'" . G   A 27 ? 0.1780 0.2399 0.2390 0.0322  0.0158  0.0074  2673 G   A "C2'" 
615 O "O2'" . G   A 27 ? 0.2577 0.2899 0.2619 0.0607  0.0197  0.0502  2673 G   A "O2'" 
616 C "C1'" . G   A 27 ? 0.2078 0.2204 0.1998 0.0267  -0.0118 0.0158  2673 G   A "C1'" 
617 N N9    . G   A 27 ? 0.1452 0.1692 0.1664 -0.0026 0.0150  0.0124  2673 G   A N9    
618 C C8    . G   A 27 ? 0.1551 0.1742 0.1889 -0.0162 -0.0056 -0.0016 2673 G   A C8    
619 N N7    . G   A 27 ? 0.1653 0.1878 0.2046 0.0030  0.0067  -0.0020 2673 G   A N7    
620 C C5    . G   A 27 ? 0.1328 0.1971 0.2225 0.0093  0.0256  0.0023  2673 G   A C5    
621 C C6    . G   A 27 ? 0.1874 0.2345 0.2270 -0.0368 0.0021  0.0118  2673 G   A C6    
622 O O6    . G   A 27 ? 0.1779 0.1962 0.1937 -0.0077 -0.0103 0.0005  2673 G   A O6    
623 N N1    . G   A 27 ? 0.1898 0.2158 0.2250 0.0067  -0.0108 0.0174  2673 G   A N1    
624 C C2    . G   A 27 ? 0.1522 0.1772 0.2066 -0.0019 0.0115  -0.0074 2673 G   A C2    
625 N N2    . G   A 27 ? 0.1845 0.2069 0.2509 -0.0182 0.0106  -0.0059 2673 G   A N2    
626 N N3    . G   A 27 ? 0.1685 0.2226 0.1984 0.0199  -0.0014 0.0085  2673 G   A N3    
627 C C4    . G   A 27 ? 0.1671 0.2543 0.2010 0.0113  0.0120  -0.0005 2673 G   A C4    
628 O O     . HOH B .  ? 0.2463 0.8957 0.3301 -0.0855 -0.0407 0.0667  2701 HOH A O     
629 O O     . HOH B .  ? 0.3147 0.2791 0.3782 -0.0185 0.0046  0.0070  2702 HOH A O     
630 O O     . HOH B .  ? 0.3582 0.3087 0.5400 0.0510  0.1553  0.0486  2703 HOH A O     
631 O O     . HOH B .  ? 0.1966 0.3053 0.3620 0.0913  0.0095  0.0138  2704 HOH A O     
632 O O     . HOH B .  ? 0.1998 0.2068 0.2226 -0.0078 -0.0182 -0.0057 2705 HOH A O     
633 O O     . HOH B .  ? 0.4198 0.5145 0.2123 0.0887  0.0748  0.0065  2706 HOH A O     
634 O O     . HOH B .  ? 0.3181 0.3225 0.2880 -0.0347 0.0047  0.0482  2707 HOH A O     
635 O O     . HOH B .  ? 0.2477 0.2647 0.2861 -0.0449 -0.0028 -0.0568 2708 HOH A O     
636 O O     . HOH B .  ? 0.2293 0.2608 0.1766 0.1041  0.0471  0.0359  2709 HOH A O     
637 O O     . HOH B .  ? 0.8422 0.3788 0.3194 -0.0364 0.2079  0.0560  2710 HOH A O     
638 O O     . HOH B .  ? 0.2989 0.4040 0.3088 -0.0183 0.0244  -0.0712 2711 HOH A O     
639 O O     . HOH B .  ? 0.3379 0.4207 0.5025 -0.0770 0.0318  0.0872  2712 HOH A O     
640 O O     . HOH B .  ? 0.3320 0.2733 0.2885 0.0087  0.0355  0.0193  2713 HOH A O     
641 O O     . HOH B .  ? 0.2548 0.2298 0.2922 0.0053  0.0210  0.0118  2714 HOH A O     
642 O O     . HOH B .  ? 0.2390 0.1746 0.2714 0.0062  -0.0058 -0.0190 2715 HOH A O     
643 O O     . HOH B .  ? 0.2519 0.3531 0.3197 -0.0843 0.0248  -0.0621 2716 HOH A O     
644 O O     . HOH B .  ? 0.5370 0.3803 0.4034 -0.1166 -0.0244 0.1198  2717 HOH A O     
645 O O     . HOH B .  ? 0.1353 0.3537 0.4234 -0.0364 0.0409  0.0005  2718 HOH A O     
646 O O     . HOH B .  ? 0.2026 0.1676 0.2057 -0.0003 0.0155  -0.0173 2719 HOH A O     
647 O O     . HOH B .  ? 0.2379 0.2432 0.2535 0.0806  0.0426  0.0325  2720 HOH A O     
648 O O     . HOH B .  ? 0.2237 0.2535 0.2767 -0.0097 0.0258  0.0196  2721 HOH A O     
649 O O     . HOH B .  ? 0.3456 0.2616 0.3911 0.0160  -0.0362 0.0748  2722 HOH A O     
650 O O     . HOH B .  ? 0.3590 0.3798 0.3762 -0.0950 0.0249  0.1122  2723 HOH A O     
651 O O     . HOH B .  ? 0.6464 0.2871 0.6772 0.1050  0.2020  -0.0396 2724 HOH A O     
652 O O     . HOH B .  ? 0.2370 0.2018 0.2919 0.0052  -0.0134 -0.0127 2725 HOH A O     
653 O O     . HOH B .  ? 0.1535 0.1615 0.1468 0.0003  -0.0028 0.0015  2726 HOH A O     
654 O O     . HOH B .  ? 0.3633 0.3808 0.3255 -0.0564 0.0341  0.0581  2727 HOH A O     
655 O O     . HOH B .  ? 0.2252 0.2179 0.2347 -0.0157 0.0121  0.0129  2728 HOH A O     
656 O O     . HOH B .  ? 0.3616 0.3712 0.4163 -0.0402 0.0306  0.0011  2729 HOH A O     
657 O O     . HOH B .  ? 0.2804 0.2679 0.2885 0.0854  0.0450  -0.0471 2730 HOH A O     
658 O O     . HOH B .  ? 0.4047 0.5685 0.4426 0.1239  0.0927  -0.0904 2731 HOH A O     
659 O O     . HOH B .  ? 0.2886 0.2743 0.2836 0.0191  -0.0078 -0.0213 2732 HOH A O     
660 O O     . HOH B .  ? 0.3956 0.2875 0.2656 -0.0162 0.0648  0.0189  2733 HOH A O     
661 O O     . HOH B .  ? 0.2454 0.2416 0.3107 -0.0350 0.0016  -0.0011 2734 HOH A O     
662 O O     . HOH B .  ? 0.3675 0.2080 0.4441 -0.0310 -0.1281 -0.0058 2735 HOH A O     
663 O O     . HOH B .  ? 0.2091 0.2069 0.1954 -0.0147 0.0104  -0.0193 2736 HOH A O     
664 O O     . HOH B .  ? 0.3173 0.3450 0.3595 -0.0363 0.0163  0.1189  2737 HOH A O     
665 O O     . HOH B .  ? 0.3337 0.3640 0.3365 -0.1300 -0.0859 -0.0140 2738 HOH A O     
666 O O     . HOH B .  ? 0.2438 0.3052 0.1919 -0.0050 0.1038  -0.0206 2739 HOH A O     
667 O O     . HOH B .  ? 0.3307 0.3064 0.2830 0.0159  0.0196  -0.0691 2740 HOH A O     
668 O O     . HOH B .  ? 0.2854 0.2343 0.2830 -0.0206 0.0591  -0.0371 2741 HOH A O     
669 O O     . HOH B .  ? 0.2008 0.3045 0.2832 0.0013  0.0266  -0.0581 2742 HOH A O     
670 O O     . HOH B .  ? 0.4366 0.3097 0.3349 -0.1609 -0.0505 -0.0175 2743 HOH A O     
671 O O     . HOH B .  ? 0.1549 0.1533 0.1717 -0.0007 -0.0021 -0.0142 2744 HOH A O     
672 O O     . HOH B .  ? 0.3059 0.3917 0.2382 0.0348  -0.0617 -0.0623 2745 HOH A O     
673 O O     . HOH B .  ? 0.3142 0.2504 0.3095 0.0193  -0.0232 0.0023  2746 HOH A O     
674 O O     . HOH B .  ? 0.3831 0.2658 0.3744 -0.0395 0.1275  -0.0780 2747 HOH A O     
675 O O     . HOH B .  ? 0.3336 0.2225 0.2410 0.0062  -0.0146 0.0063  2748 HOH A O     
676 O O     . HOH B .  ? 0.2049 0.2331 0.2203 0.0151  -0.0067 0.0136  2749 HOH A O     
677 O O     . HOH B .  ? 0.3169 0.3211 0.2644 -0.0216 0.0082  0.0690  2750 HOH A O     
678 O O     . HOH B .  ? 0.2114 0.2289 0.2684 0.0055  -0.0220 -0.0118 2751 HOH A O     
679 O O     . HOH B .  ? 0.2187 0.5181 0.3432 0.0189  -0.0515 -0.1943 2752 HOH A O     
680 O O     . HOH B .  ? 0.2930 0.2792 0.3269 0.0414  0.0322  0.0023  2753 HOH A O     
681 O O     . HOH B .  ? 0.2057 0.1977 0.1988 0.0157  -0.0159 0.0083  2754 HOH A O     
682 O O     . HOH B .  ? 0.5080 0.2489 0.4043 -0.0678 0.2153  -0.1102 2755 HOH A O     
683 O O     . HOH B .  ? 0.8436 0.4634 0.5024 0.1714  0.2326  -0.2814 2756 HOH A O     
684 O O     . HOH B .  ? 0.2909 0.5713 0.4347 0.0594  -0.0574 0.0661  2757 HOH A O     
685 O O     . HOH B .  ? 0.7185 0.4301 0.3572 0.2027  -0.0278 -0.0983 2758 HOH A O     
686 O O     . HOH B .  ? 0.2447 0.2831 0.2977 -0.0181 0.0193  0.0144  2759 HOH A O     
687 O O     . HOH B .  ? 0.2248 0.4541 0.6321 0.0432  -0.0030 -0.0160 2760 HOH A O     
688 O O     . HOH B .  ? 0.2741 0.2983 0.2734 0.0548  0.0560  -0.0541 2761 HOH A O     
689 O O     . HOH B .  ? 0.2896 0.3054 0.5585 0.0723  0.0061  -0.0614 2762 HOH A O     
690 O O     . HOH B .  ? 0.2416 0.1921 0.2208 0.0069  -0.0167 -0.0317 2763 HOH A O     
691 O O     . HOH B .  ? 0.4873 0.2664 0.4137 0.0857  -0.0063 0.0218  2764 HOH A O     
692 O O     . HOH B .  ? 0.2907 0.6766 0.3074 -0.0007 -0.1216 -0.0162 2765 HOH A O     
693 O O     . HOH B .  ? 0.2644 0.2593 0.2747 -0.0111 0.0081  -0.0293 2766 HOH A O     
694 O O     . HOH B .  ? 0.4112 0.2129 0.4029 0.0625  -0.1005 0.0335  2767 HOH A O     
695 O O     . HOH B .  ? 0.3329 0.3768 0.4995 0.0263  0.1130  0.0611  2768 HOH A O     
696 O O     . HOH B .  ? 0.6077 0.2106 0.3217 -0.0132 0.0210  -0.0159 2769 HOH A O     
697 O O     . HOH B .  ? 0.3140 0.3712 0.3752 0.0217  0.0494  -0.1379 2770 HOH A O     
698 O O     . HOH B .  ? 0.1830 0.1735 0.2116 0.0103  0.0032  -0.0308 2771 HOH A O     
699 O O     . HOH B .  ? 0.2533 0.2604 0.2356 0.0390  -0.0559 -0.0114 2772 HOH A O     
700 O O     . HOH B .  ? 0.3234 0.4655 0.3774 -0.0419 -0.1771 0.0142  2773 HOH A O     
701 O O     . HOH B .  ? 0.2310 0.2203 0.2870 -0.0187 -0.0224 0.0669  2774 HOH A O     
702 O O     . HOH B .  ? 0.4416 0.3234 0.3569 0.0401  0.0099  -0.0466 2775 HOH A O     
703 O O     . HOH B .  ? 0.3556 0.5996 0.3766 -0.0235 -0.0373 0.1902  2776 HOH A O     
704 O O     . HOH B .  ? 0.1775 0.1656 0.1905 -0.0040 -0.0081 0.0130  2777 HOH A O     
705 O O     . HOH B .  ? 0.3187 0.2624 0.4185 0.1162  -0.0349 0.0464  2778 HOH A O     
706 O O     . HOH B .  ? 0.4767 0.3462 0.1990 -0.0387 -0.0220 -0.0263 2779 HOH A O     
707 O O     . HOH B .  ? 0.3609 0.2883 0.4008 -0.0133 -0.0104 0.0847  2780 HOH A O     
708 O O     . HOH B .  ? 0.8450 0.5601 0.7971 0.1114  0.0221  -0.2868 2781 HOH A O     
709 O O     . HOH B .  ? 0.1207 0.3089 0.4289 0.0527  0.0227  -0.0418 2782 HOH A O     
710 O O     . HOH B .  ? 0.2798 0.8823 0.4960 -0.1131 -0.1554 -0.0922 2783 HOH A O     
711 O O     . HOH B .  ? 0.3256 0.2686 0.3716 0.0321  0.0925  0.0336  2784 HOH A O     
712 O O     . HOH B .  ? 0.3919 0.2473 0.4060 0.0069  0.1041  0.0214  2785 HOH A O     
713 O O     . HOH B .  ? 0.2557 0.3781 0.3737 -0.0155 -0.0478 0.0263  2786 HOH A O     
714 O O     . HOH B .  ? 0.3116 0.3359 0.2629 -0.0599 0.0838  -0.0126 2787 HOH A O     
715 O O     . HOH B .  ? 0.7640 0.7898 0.2907 -0.0016 -0.0896 -0.0276 2788 HOH A O     
716 O O     . HOH B .  ? 0.3414 0.2846 0.3421 -0.0550 -0.0397 -0.0033 2789 HOH A O     
717 O O     . HOH B .  ? 0.3055 0.3002 0.2706 0.0128  0.0110  -0.0272 2790 HOH A O     
718 O O     . HOH B .  ? 0.1741 0.2200 0.2047 0.0244  -0.0065 -0.0082 2791 HOH A O     
719 O O     . HOH B .  ? 0.3506 0.6207 0.3641 0.0561  -0.1272 0.0319  2792 HOH A O     
720 O O     . HOH B .  ? 0.3317 0.3182 0.3418 -0.0226 0.0737  0.0618  2793 HOH A O     
721 O O     . HOH B .  ? 0.3937 0.2495 0.3810 -0.0109 0.0339  0.0257  2794 HOH A O     
722 O O     . HOH B .  ? 0.3383 0.3715 0.5003 -0.0102 0.0073  -0.0699 2795 HOH A O     
723 O O     . HOH B .  ? 0.4489 0.3143 0.5506 -0.0083 0.0036  0.0182  2796 HOH A O     
724 O O     . HOH B .  ? 0.2680 0.2821 0.2167 0.0299  0.0720  -0.0070 2797 HOH A O     
725 O O     . HOH B .  ? 0.3392 0.2494 0.3764 -0.0557 -0.0366 0.0194  2798 HOH A O     
# 
loop_
_pdbx_poly_seq_scheme.asym_id 
_pdbx_poly_seq_scheme.entity_id 
_pdbx_poly_seq_scheme.seq_id 
_pdbx_poly_seq_scheme.mon_id 
_pdbx_poly_seq_scheme.ndb_seq_num 
_pdbx_poly_seq_scheme.pdb_seq_num 
_pdbx_poly_seq_scheme.auth_seq_num 
_pdbx_poly_seq_scheme.pdb_mon_id 
_pdbx_poly_seq_scheme.auth_mon_id 
_pdbx_poly_seq_scheme.pdb_strand_id 
_pdbx_poly_seq_scheme.pdb_ins_code 
_pdbx_poly_seq_scheme.hetero 
A 1 1  U   1  2647 2647 U   U   A . n 
A 1 2  G   2  2648 2648 G   G   A . n 
A 1 3  C   3  2649 2649 C   C   A . n 
A 1 4  U   4  2650 2650 U   U   A . n 
A 1 5  C   5  2651 2651 C   C   A . n 
A 1 6  C   6  2652 2652 C   C   A . n 
A 1 7  U   7  2653 2653 U   U   A . n 
A 1 8  A   8  2654 2654 A   A   A . n 
A 1 9  G   9  2655 2655 G   G   A . n 
A 1 10 U   10 2656 2656 U   U   A . n 
A 1 11 A   11 2657 2657 A   A   A . n 
A 1 12 C   12 2658 2658 C   C   A . n 
A 1 13 G   13 2659 2659 G   G   A . n 
A 1 14 A   14 2660 2660 A   A   A . n 
A 1 15 2SG 15 2661 2661 2SG GUX A . n 
A 1 16 A   16 2662 2662 A   A   A . n 
A 1 17 G   17 2663 2663 G   G   A . n 
A 1 18 G   18 2664 2664 G   G   A . n 
A 1 19 A   19 2665 2665 A   A   A . n 
A 1 20 C   20 2666 2666 C   C   A . n 
A 1 21 C   21 2667 2667 C   C   A . n 
A 1 22 G   22 2668 2668 G   G   A . n 
A 1 23 G   23 2669 2669 G   G   A . n 
A 1 24 A   24 2670 2670 A   A   A . n 
A 1 25 G   25 2671 2671 G   G   A . n 
A 1 26 U   26 2672 2672 U   U   A . n 
A 1 27 G   27 2673 2673 G   G   A . n 
# 
loop_
_pdbx_nonpoly_scheme.asym_id 
_pdbx_nonpoly_scheme.entity_id 
_pdbx_nonpoly_scheme.mon_id 
_pdbx_nonpoly_scheme.ndb_seq_num 
_pdbx_nonpoly_scheme.pdb_seq_num 
_pdbx_nonpoly_scheme.auth_seq_num 
_pdbx_nonpoly_scheme.pdb_mon_id 
_pdbx_nonpoly_scheme.auth_mon_id 
_pdbx_nonpoly_scheme.pdb_strand_id 
_pdbx_nonpoly_scheme.pdb_ins_code 
B 2 HOH 1  2701 89 HOH HOH A . 
B 2 HOH 2  2702 83 HOH HOH A . 
B 2 HOH 3  2703 98 HOH HOH A . 
B 2 HOH 4  2704 17 HOH HOH A . 
B 2 HOH 5  2705 3  HOH HOH A . 
B 2 HOH 6  2706 57 HOH HOH A . 
B 2 HOH 7  2707 8  HOH HOH A . 
B 2 HOH 8  2708 72 HOH HOH A . 
B 2 HOH 9  2709 51 HOH HOH A . 
B 2 HOH 10 2710 41 HOH HOH A . 
B 2 HOH 11 2711 77 HOH HOH A . 
B 2 HOH 12 2712 78 HOH HOH A . 
B 2 HOH 13 2713 54 HOH HOH A . 
B 2 HOH 14 2714 65 HOH HOH A . 
B 2 HOH 15 2715 5  HOH HOH A . 
B 2 HOH 16 2716 64 HOH HOH A . 
B 2 HOH 17 2717 14 HOH HOH A . 
B 2 HOH 18 2718 95 HOH HOH A . 
B 2 HOH 19 2719 10 HOH HOH A . 
B 2 HOH 20 2720 94 HOH HOH A . 
B 2 HOH 21 2721 74 HOH HOH A . 
B 2 HOH 22 2722 32 HOH HOH A . 
B 2 HOH 23 2723 86 HOH HOH A . 
B 2 HOH 24 2724 13 HOH HOH A . 
B 2 HOH 25 2725 47 HOH HOH A . 
B 2 HOH 26 2726 11 HOH HOH A . 
B 2 HOH 27 2727 46 HOH HOH A . 
B 2 HOH 28 2728 4  HOH HOH A . 
B 2 HOH 29 2729 66 HOH HOH A . 
B 2 HOH 30 2730 30 HOH HOH A . 
B 2 HOH 31 2731 62 HOH HOH A . 
B 2 HOH 32 2732 59 HOH HOH A . 
B 2 HOH 33 2733 27 HOH HOH A . 
B 2 HOH 34 2734 67 HOH HOH A . 
B 2 HOH 35 2735 23 HOH HOH A . 
B 2 HOH 36 2736 28 HOH HOH A . 
B 2 HOH 37 2737 87 HOH HOH A . 
B 2 HOH 38 2738 52 HOH HOH A . 
B 2 HOH 39 2739 93 HOH HOH A . 
B 2 HOH 40 2740 53 HOH HOH A . 
B 2 HOH 41 2741 2  HOH HOH A . 
B 2 HOH 42 2742 24 HOH HOH A . 
B 2 HOH 43 2743 49 HOH HOH A . 
B 2 HOH 44 2744 16 HOH HOH A . 
B 2 HOH 45 2745 20 HOH HOH A . 
B 2 HOH 46 2746 21 HOH HOH A . 
B 2 HOH 47 2747 36 HOH HOH A . 
B 2 HOH 48 2748 6  HOH HOH A . 
B 2 HOH 49 2749 75 HOH HOH A . 
B 2 HOH 50 2750 40 HOH HOH A . 
B 2 HOH 51 2751 15 HOH HOH A . 
B 2 HOH 52 2752 84 HOH HOH A . 
B 2 HOH 53 2753 69 HOH HOH A . 
B 2 HOH 54 2754 22 HOH HOH A . 
B 2 HOH 55 2755 33 HOH HOH A . 
B 2 HOH 56 2756 34 HOH HOH A . 
B 2 HOH 57 2757 37 HOH HOH A . 
B 2 HOH 58 2758 73 HOH HOH A . 
B 2 HOH 59 2759 50 HOH HOH A . 
B 2 HOH 60 2760 48 HOH HOH A . 
B 2 HOH 61 2761 39 HOH HOH A . 
B 2 HOH 62 2762 88 HOH HOH A . 
B 2 HOH 63 2763 7  HOH HOH A . 
B 2 HOH 64 2764 63 HOH HOH A . 
B 2 HOH 65 2765 26 HOH HOH A . 
B 2 HOH 66 2766 68 HOH HOH A . 
B 2 HOH 67 2767 58 HOH HOH A . 
B 2 HOH 68 2768 79 HOH HOH A . 
B 2 HOH 69 2769 31 HOH HOH A . 
B 2 HOH 70 2770 97 HOH HOH A . 
B 2 HOH 71 2771 38 HOH HOH A . 
B 2 HOH 72 2772 18 HOH HOH A . 
B 2 HOH 73 2773 44 HOH HOH A . 
B 2 HOH 74 2774 19 HOH HOH A . 
B 2 HOH 75 2775 56 HOH HOH A . 
B 2 HOH 76 2776 81 HOH HOH A . 
B 2 HOH 77 2777 42 HOH HOH A . 
B 2 HOH 78 2778 70 HOH HOH A . 
B 2 HOH 79 2779 25 HOH HOH A . 
B 2 HOH 80 2780 76 HOH HOH A . 
B 2 HOH 81 2781 43 HOH HOH A . 
B 2 HOH 82 2782 96 HOH HOH A . 
B 2 HOH 83 2783 91 HOH HOH A . 
B 2 HOH 84 2784 9  HOH HOH A . 
B 2 HOH 85 2785 80 HOH HOH A . 
B 2 HOH 86 2786 85 HOH HOH A . 
B 2 HOH 87 2787 61 HOH HOH A . 
B 2 HOH 88 2788 12 HOH HOH A . 
B 2 HOH 89 2789 55 HOH HOH A . 
B 2 HOH 90 2790 60 HOH HOH A . 
B 2 HOH 91 2791 45 HOH HOH A . 
B 2 HOH 92 2792 90 HOH HOH A . 
B 2 HOH 93 2793 35 HOH HOH A . 
B 2 HOH 94 2794 82 HOH HOH A . 
B 2 HOH 95 2795 1  HOH HOH A . 
B 2 HOH 96 2796 29 HOH HOH A . 
B 2 HOH 97 2797 92 HOH HOH A . 
B 2 HOH 98 2798 71 HOH HOH A . 
# 
_pdbx_struct_assembly.id                   1 
_pdbx_struct_assembly.details              author_and_software_defined_assembly 
_pdbx_struct_assembly.method_details       PISA 
_pdbx_struct_assembly.oligomeric_details   monomeric 
_pdbx_struct_assembly.oligomeric_count     1 
# 
_pdbx_struct_assembly_gen.assembly_id       1 
_pdbx_struct_assembly_gen.oper_expression   1 
_pdbx_struct_assembly_gen.asym_id_list      A,B 
# 
_pdbx_struct_oper_list.id                   1 
_pdbx_struct_oper_list.type                 'identity operation' 
_pdbx_struct_oper_list.name                 1_555 
_pdbx_struct_oper_list.symmetry_operation   x,y,z 
_pdbx_struct_oper_list.matrix[1][1]         1.0000000000 
_pdbx_struct_oper_list.matrix[1][2]         0.0000000000 
_pdbx_struct_oper_list.matrix[1][3]         0.0000000000 
_pdbx_struct_oper_list.vector[1]            0.0000000000 
_pdbx_struct_oper_list.matrix[2][1]         0.0000000000 
_pdbx_struct_oper_list.matrix[2][2]         1.0000000000 
_pdbx_struct_oper_list.matrix[2][3]         0.0000000000 
_pdbx_struct_oper_list.vector[2]            0.0000000000 
_pdbx_struct_oper_list.matrix[3][1]         0.0000000000 
_pdbx_struct_oper_list.matrix[3][2]         0.0000000000 
_pdbx_struct_oper_list.matrix[3][3]         1.0000000000 
_pdbx_struct_oper_list.vector[3]            0.0000000000 
# 
loop_
_pdbx_audit_revision_history.ordinal 
_pdbx_audit_revision_history.data_content_type 
_pdbx_audit_revision_history.major_revision 
_pdbx_audit_revision_history.minor_revision 
_pdbx_audit_revision_history.revision_date 
1 'Structure model' 1 0 2020-12-23 
2 'Structure model' 1 1 2023-10-18 
# 
_pdbx_audit_revision_details.ordinal             1 
_pdbx_audit_revision_details.revision_ordinal    1 
_pdbx_audit_revision_details.data_content_type   'Structure model' 
_pdbx_audit_revision_details.provider            repository 
_pdbx_audit_revision_details.type                'Initial release' 
_pdbx_audit_revision_details.description         ? 
_pdbx_audit_revision_details.details             ? 
# 
loop_
_pdbx_audit_revision_group.ordinal 
_pdbx_audit_revision_group.revision_ordinal 
_pdbx_audit_revision_group.data_content_type 
_pdbx_audit_revision_group.group 
1 2 'Structure model' 'Data collection'        
2 2 'Structure model' 'Database references'    
3 2 'Structure model' 'Refinement description' 
# 
loop_
_pdbx_audit_revision_category.ordinal 
_pdbx_audit_revision_category.revision_ordinal 
_pdbx_audit_revision_category.data_content_type 
_pdbx_audit_revision_category.category 
1 2 'Structure model' chem_comp_atom                
2 2 'Structure model' chem_comp_bond                
3 2 'Structure model' database_2                    
4 2 'Structure model' pdbx_initial_refinement_model 
# 
loop_
_pdbx_audit_revision_item.ordinal 
_pdbx_audit_revision_item.revision_ordinal 
_pdbx_audit_revision_item.data_content_type 
_pdbx_audit_revision_item.item 
1 2 'Structure model' '_database_2.pdbx_DOI'                
2 2 'Structure model' '_database_2.pdbx_database_accession' 
# 
loop_
_software.citation_id 
_software.classification 
_software.compiler_name 
_software.compiler_version 
_software.contact_author 
_software.contact_author_email 
_software.date 
_software.description 
_software.dependencies 
_software.hardware 
_software.language 
_software.location 
_software.mods 
_software.name 
_software.os 
_software.os_version 
_software.type 
_software.version 
_software.pdbx_ordinal 
? 'data reduction'  ? ? ? ? ? ? ? ? ? ? ? HKL-2000    ? ? ? .        1 
? refinement        ? ? ? ? ? ? ? ? ? ? ? REFMAC      ? ? ? 5.8.0258 2 
? 'data extraction' ? ? ? ? ? ? ? ? ? ? ? PDB_EXTRACT ? ? ? 3.25     3 
? 'data scaling'    ? ? ? ? ? ? ? ? ? ? ? HKL-2000    ? ? ? .        4 
? phasing           ? ? ? ? ? ? ? ? ? ? ? MOLREP      ? ? ? .        5 
# 
_pdbx_entry_details.entry_id                 7JJE 
_pdbx_entry_details.has_ligand_of_interest   Y 
_pdbx_entry_details.compound_details         ? 
_pdbx_entry_details.source_details           ? 
_pdbx_entry_details.nonpolymer_details       ? 
_pdbx_entry_details.sequence_details         ? 
# 
_pdbx_validate_rmsd_bond.id                        1 
_pdbx_validate_rmsd_bond.PDB_model_num             1 
_pdbx_validate_rmsd_bond.auth_atom_id_1            "O3'" 
_pdbx_validate_rmsd_bond.auth_asym_id_1            A 
_pdbx_validate_rmsd_bond.auth_comp_id_1            A 
_pdbx_validate_rmsd_bond.auth_seq_id_1             2660 
_pdbx_validate_rmsd_bond.PDB_ins_code_1            ? 
_pdbx_validate_rmsd_bond.label_alt_id_1            ? 
_pdbx_validate_rmsd_bond.auth_atom_id_2            P 
_pdbx_validate_rmsd_bond.auth_asym_id_2            A 
_pdbx_validate_rmsd_bond.auth_comp_id_2            2SG 
_pdbx_validate_rmsd_bond.auth_seq_id_2             2661 
_pdbx_validate_rmsd_bond.PDB_ins_code_2            ? 
_pdbx_validate_rmsd_bond.label_alt_id_2            ? 
_pdbx_validate_rmsd_bond.bond_value                1.524 
_pdbx_validate_rmsd_bond.bond_target_value         1.607 
_pdbx_validate_rmsd_bond.bond_deviation            -0.083 
_pdbx_validate_rmsd_bond.bond_standard_deviation   0.012 
_pdbx_validate_rmsd_bond.linker_flag               Y 
# 
_pdbx_validate_planes.id              1 
_pdbx_validate_planes.PDB_model_num   1 
_pdbx_validate_planes.auth_comp_id    G 
_pdbx_validate_planes.auth_asym_id    A 
_pdbx_validate_planes.auth_seq_id     2659 
_pdbx_validate_planes.PDB_ins_code    ? 
_pdbx_validate_planes.label_alt_id    ? 
_pdbx_validate_planes.rmsd            0.069 
_pdbx_validate_planes.type            'SIDE CHAIN' 
# 
loop_
_chem_comp_atom.comp_id 
_chem_comp_atom.atom_id 
_chem_comp_atom.type_symbol 
_chem_comp_atom.pdbx_aromatic_flag 
_chem_comp_atom.pdbx_stereo_config 
_chem_comp_atom.pdbx_ordinal 
2SG P      P N N 1   
2SG SP1    S N N 2   
2SG SP2    S N N 3   
2SG "O5'"  O N N 4   
2SG "C5'"  C N N 5   
2SG "C4'"  C N R 6   
2SG "C3'"  C N S 7   
2SG "O3'"  O N N 8   
2SG "C2'"  C N R 9   
2SG "O2'"  O N N 10  
2SG "C1'"  C N R 11  
2SG "O4'"  O N N 12  
2SG N9     N Y N 13  
2SG C4     C Y N 14  
2SG C5     C Y N 15  
2SG N7     N Y N 16  
2SG C8     C Y N 17  
2SG N3     N N N 18  
2SG C2     C N N 19  
2SG N2     N N N 20  
2SG N1     N N N 21  
2SG C6     C N N 22  
2SG O6     O N N 23  
2SG H1     H N N 24  
2SG H2     H N N 25  
2SG H3     H N N 26  
2SG H4     H N N 27  
2SG H5     H N N 28  
2SG H6     H N N 29  
2SG H7     H N N 30  
2SG H8     H N N 31  
2SG H9     H N N 32  
2SG H10    H N N 33  
2SG H11    H N N 34  
2SG H13    H N N 35  
2SG H14    H N N 36  
2SG OP3    O N N 37  
2SG H15    H N N 38  
2SG H12    H N N 39  
2SG H16    H N N 40  
A   OP3    O N N 41  
A   P      P N N 42  
A   OP1    O N N 43  
A   OP2    O N N 44  
A   "O5'"  O N N 45  
A   "C5'"  C N N 46  
A   "C4'"  C N R 47  
A   "O4'"  O N N 48  
A   "C3'"  C N S 49  
A   "O3'"  O N N 50  
A   "C2'"  C N R 51  
A   "O2'"  O N N 52  
A   "C1'"  C N R 53  
A   N9     N Y N 54  
A   C8     C Y N 55  
A   N7     N Y N 56  
A   C5     C Y N 57  
A   C6     C Y N 58  
A   N6     N N N 59  
A   N1     N Y N 60  
A   C2     C Y N 61  
A   N3     N Y N 62  
A   C4     C Y N 63  
A   HOP3   H N N 64  
A   HOP2   H N N 65  
A   "H5'"  H N N 66  
A   "H5''" H N N 67  
A   "H4'"  H N N 68  
A   "H3'"  H N N 69  
A   "HO3'" H N N 70  
A   "H2'"  H N N 71  
A   "HO2'" H N N 72  
A   "H1'"  H N N 73  
A   H8     H N N 74  
A   H61    H N N 75  
A   H62    H N N 76  
A   H2     H N N 77  
C   OP3    O N N 78  
C   P      P N N 79  
C   OP1    O N N 80  
C   OP2    O N N 81  
C   "O5'"  O N N 82  
C   "C5'"  C N N 83  
C   "C4'"  C N R 84  
C   "O4'"  O N N 85  
C   "C3'"  C N S 86  
C   "O3'"  O N N 87  
C   "C2'"  C N R 88  
C   "O2'"  O N N 89  
C   "C1'"  C N R 90  
C   N1     N N N 91  
C   C2     C N N 92  
C   O2     O N N 93  
C   N3     N N N 94  
C   C4     C N N 95  
C   N4     N N N 96  
C   C5     C N N 97  
C   C6     C N N 98  
C   HOP3   H N N 99  
C   HOP2   H N N 100 
C   "H5'"  H N N 101 
C   "H5''" H N N 102 
C   "H4'"  H N N 103 
C   "H3'"  H N N 104 
C   "HO3'" H N N 105 
C   "H2'"  H N N 106 
C   "HO2'" H N N 107 
C   "H1'"  H N N 108 
C   H41    H N N 109 
C   H42    H N N 110 
C   H5     H N N 111 
C   H6     H N N 112 
G   OP3    O N N 113 
G   P      P N N 114 
G   OP1    O N N 115 
G   OP2    O N N 116 
G   "O5'"  O N N 117 
G   "C5'"  C N N 118 
G   "C4'"  C N R 119 
G   "O4'"  O N N 120 
G   "C3'"  C N S 121 
G   "O3'"  O N N 122 
G   "C2'"  C N R 123 
G   "O2'"  O N N 124 
G   "C1'"  C N R 125 
G   N9     N Y N 126 
G   C8     C Y N 127 
G   N7     N Y N 128 
G   C5     C Y N 129 
G   C6     C N N 130 
G   O6     O N N 131 
G   N1     N N N 132 
G   C2     C N N 133 
G   N2     N N N 134 
G   N3     N N N 135 
G   C4     C Y N 136 
G   HOP3   H N N 137 
G   HOP2   H N N 138 
G   "H5'"  H N N 139 
G   "H5''" H N N 140 
G   "H4'"  H N N 141 
G   "H3'"  H N N 142 
G   "HO3'" H N N 143 
G   "H2'"  H N N 144 
G   "HO2'" H N N 145 
G   "H1'"  H N N 146 
G   H8     H N N 147 
G   H1     H N N 148 
G   H21    H N N 149 
G   H22    H N N 150 
HOH O      O N N 151 
HOH H1     H N N 152 
HOH H2     H N N 153 
U   OP3    O N N 154 
U   P      P N N 155 
U   OP1    O N N 156 
U   OP2    O N N 157 
U   "O5'"  O N N 158 
U   "C5'"  C N N 159 
U   "C4'"  C N R 160 
U   "O4'"  O N N 161 
U   "C3'"  C N S 162 
U   "O3'"  O N N 163 
U   "C2'"  C N R 164 
U   "O2'"  O N N 165 
U   "C1'"  C N R 166 
U   N1     N N N 167 
U   C2     C N N 168 
U   O2     O N N 169 
U   N3     N N N 170 
U   C4     C N N 171 
U   O4     O N N 172 
U   C5     C N N 173 
U   C6     C N N 174 
U   HOP3   H N N 175 
U   HOP2   H N N 176 
U   "H5'"  H N N 177 
U   "H5''" H N N 178 
U   "H4'"  H N N 179 
U   "H3'"  H N N 180 
U   "HO3'" H N N 181 
U   "H2'"  H N N 182 
U   "HO2'" H N N 183 
U   "H1'"  H N N 184 
U   H3     H N N 185 
U   H5     H N N 186 
U   H6     H N N 187 
# 
loop_
_chem_comp_bond.comp_id 
_chem_comp_bond.atom_id_1 
_chem_comp_bond.atom_id_2 
_chem_comp_bond.value_order 
_chem_comp_bond.pdbx_aromatic_flag 
_chem_comp_bond.pdbx_stereo_config 
_chem_comp_bond.pdbx_ordinal 
2SG "O3'" "C3'"  sing N N 1   
2SG "O2'" "C2'"  sing N N 2   
2SG "C2'" "C3'"  sing N N 3   
2SG "C2'" "C1'"  sing N N 4   
2SG "C3'" "C4'"  sing N N 5   
2SG "C4'" "C5'"  sing N N 6   
2SG "C4'" "O4'"  sing N N 7   
2SG "C5'" "O5'"  sing N N 8   
2SG "C1'" "O4'"  sing N N 9   
2SG "C1'" N9     sing N N 10  
2SG N2    C2     sing N N 11  
2SG N3    C2     doub N N 12  
2SG N3    C4     sing N N 13  
2SG "O5'" P      sing N N 14  
2SG N9    C4     sing Y N 15  
2SG N9    C8     sing Y N 16  
2SG C2    N1     sing N N 17  
2SG C4    C5     doub Y N 18  
2SG SP1   P      sing N N 19  
2SG C8    N7     doub Y N 20  
2SG P     SP2    sing N N 21  
2SG N1    C6     sing N N 22  
2SG C5    N7     sing Y N 23  
2SG C5    C6     sing N N 24  
2SG C6    O6     doub N N 25  
2SG SP1   H1     sing N N 26  
2SG SP2   H2     sing N N 27  
2SG "C5'" H3     sing N N 28  
2SG "C5'" H4     sing N N 29  
2SG "C4'" H5     sing N N 30  
2SG "C3'" H6     sing N N 31  
2SG "O3'" H7     sing N N 32  
2SG "C2'" H8     sing N N 33  
2SG "O2'" H9     sing N N 34  
2SG "C1'" H10    sing N N 35  
2SG C8    H11    sing N N 36  
2SG N2    H13    sing N N 37  
2SG N2    H14    sing N N 38  
2SG P     OP3    sing N N 39  
2SG P     H15    sing N N 40  
2SG N1    H12    sing N N 41  
2SG OP3   H16    sing N N 42  
A   OP3   P      sing N N 43  
A   OP3   HOP3   sing N N 44  
A   P     OP1    doub N N 45  
A   P     OP2    sing N N 46  
A   P     "O5'"  sing N N 47  
A   OP2   HOP2   sing N N 48  
A   "O5'" "C5'"  sing N N 49  
A   "C5'" "C4'"  sing N N 50  
A   "C5'" "H5'"  sing N N 51  
A   "C5'" "H5''" sing N N 52  
A   "C4'" "O4'"  sing N N 53  
A   "C4'" "C3'"  sing N N 54  
A   "C4'" "H4'"  sing N N 55  
A   "O4'" "C1'"  sing N N 56  
A   "C3'" "O3'"  sing N N 57  
A   "C3'" "C2'"  sing N N 58  
A   "C3'" "H3'"  sing N N 59  
A   "O3'" "HO3'" sing N N 60  
A   "C2'" "O2'"  sing N N 61  
A   "C2'" "C1'"  sing N N 62  
A   "C2'" "H2'"  sing N N 63  
A   "O2'" "HO2'" sing N N 64  
A   "C1'" N9     sing N N 65  
A   "C1'" "H1'"  sing N N 66  
A   N9    C8     sing Y N 67  
A   N9    C4     sing Y N 68  
A   C8    N7     doub Y N 69  
A   C8    H8     sing N N 70  
A   N7    C5     sing Y N 71  
A   C5    C6     sing Y N 72  
A   C5    C4     doub Y N 73  
A   C6    N6     sing N N 74  
A   C6    N1     doub Y N 75  
A   N6    H61    sing N N 76  
A   N6    H62    sing N N 77  
A   N1    C2     sing Y N 78  
A   C2    N3     doub Y N 79  
A   C2    H2     sing N N 80  
A   N3    C4     sing Y N 81  
C   OP3   P      sing N N 82  
C   OP3   HOP3   sing N N 83  
C   P     OP1    doub N N 84  
C   P     OP2    sing N N 85  
C   P     "O5'"  sing N N 86  
C   OP2   HOP2   sing N N 87  
C   "O5'" "C5'"  sing N N 88  
C   "C5'" "C4'"  sing N N 89  
C   "C5'" "H5'"  sing N N 90  
C   "C5'" "H5''" sing N N 91  
C   "C4'" "O4'"  sing N N 92  
C   "C4'" "C3'"  sing N N 93  
C   "C4'" "H4'"  sing N N 94  
C   "O4'" "C1'"  sing N N 95  
C   "C3'" "O3'"  sing N N 96  
C   "C3'" "C2'"  sing N N 97  
C   "C3'" "H3'"  sing N N 98  
C   "O3'" "HO3'" sing N N 99  
C   "C2'" "O2'"  sing N N 100 
C   "C2'" "C1'"  sing N N 101 
C   "C2'" "H2'"  sing N N 102 
C   "O2'" "HO2'" sing N N 103 
C   "C1'" N1     sing N N 104 
C   "C1'" "H1'"  sing N N 105 
C   N1    C2     sing N N 106 
C   N1    C6     sing N N 107 
C   C2    O2     doub N N 108 
C   C2    N3     sing N N 109 
C   N3    C4     doub N N 110 
C   C4    N4     sing N N 111 
C   C4    C5     sing N N 112 
C   N4    H41    sing N N 113 
C   N4    H42    sing N N 114 
C   C5    C6     doub N N 115 
C   C5    H5     sing N N 116 
C   C6    H6     sing N N 117 
G   OP3   P      sing N N 118 
G   OP3   HOP3   sing N N 119 
G   P     OP1    doub N N 120 
G   P     OP2    sing N N 121 
G   P     "O5'"  sing N N 122 
G   OP2   HOP2   sing N N 123 
G   "O5'" "C5'"  sing N N 124 
G   "C5'" "C4'"  sing N N 125 
G   "C5'" "H5'"  sing N N 126 
G   "C5'" "H5''" sing N N 127 
G   "C4'" "O4'"  sing N N 128 
G   "C4'" "C3'"  sing N N 129 
G   "C4'" "H4'"  sing N N 130 
G   "O4'" "C1'"  sing N N 131 
G   "C3'" "O3'"  sing N N 132 
G   "C3'" "C2'"  sing N N 133 
G   "C3'" "H3'"  sing N N 134 
G   "O3'" "HO3'" sing N N 135 
G   "C2'" "O2'"  sing N N 136 
G   "C2'" "C1'"  sing N N 137 
G   "C2'" "H2'"  sing N N 138 
G   "O2'" "HO2'" sing N N 139 
G   "C1'" N9     sing N N 140 
G   "C1'" "H1'"  sing N N 141 
G   N9    C8     sing Y N 142 
G   N9    C4     sing Y N 143 
G   C8    N7     doub Y N 144 
G   C8    H8     sing N N 145 
G   N7    C5     sing Y N 146 
G   C5    C6     sing N N 147 
G   C5    C4     doub Y N 148 
G   C6    O6     doub N N 149 
G   C6    N1     sing N N 150 
G   N1    C2     sing N N 151 
G   N1    H1     sing N N 152 
G   C2    N2     sing N N 153 
G   C2    N3     doub N N 154 
G   N2    H21    sing N N 155 
G   N2    H22    sing N N 156 
G   N3    C4     sing N N 157 
HOH O     H1     sing N N 158 
HOH O     H2     sing N N 159 
U   OP3   P      sing N N 160 
U   OP3   HOP3   sing N N 161 
U   P     OP1    doub N N 162 
U   P     OP2    sing N N 163 
U   P     "O5'"  sing N N 164 
U   OP2   HOP2   sing N N 165 
U   "O5'" "C5'"  sing N N 166 
U   "C5'" "C4'"  sing N N 167 
U   "C5'" "H5'"  sing N N 168 
U   "C5'" "H5''" sing N N 169 
U   "C4'" "O4'"  sing N N 170 
U   "C4'" "C3'"  sing N N 171 
U   "C4'" "H4'"  sing N N 172 
U   "O4'" "C1'"  sing N N 173 
U   "C3'" "O3'"  sing N N 174 
U   "C3'" "C2'"  sing N N 175 
U   "C3'" "H3'"  sing N N 176 
U   "O3'" "HO3'" sing N N 177 
U   "C2'" "O2'"  sing N N 178 
U   "C2'" "C1'"  sing N N 179 
U   "C2'" "H2'"  sing N N 180 
U   "O2'" "HO2'" sing N N 181 
U   "C1'" N1     sing N N 182 
U   "C1'" "H1'"  sing N N 183 
U   N1    C2     sing N N 184 
U   N1    C6     sing N N 185 
U   C2    O2     doub N N 186 
U   C2    N3     sing N N 187 
U   N3    C4     sing N N 188 
U   N3    H3     sing N N 189 
U   C4    O4     doub N N 190 
U   C4    C5     sing N N 191 
U   C5    C6     doub N N 192 
U   C5    H5     sing N N 193 
U   C6    H6     sing N N 194 
# 
loop_
_ndb_struct_conf_na.entry_id 
_ndb_struct_conf_na.feature 
7JJE 'double helix'         
7JJE 'a-form double helix'  
7JJE 'hairpin loop'         
7JJE 'mismatched base pair' 
7JJE 'internal loop'        
# 
loop_
_ndb_struct_na_base_pair.model_number 
_ndb_struct_na_base_pair.i_label_asym_id 
_ndb_struct_na_base_pair.i_label_comp_id 
_ndb_struct_na_base_pair.i_label_seq_id 
_ndb_struct_na_base_pair.i_symmetry 
_ndb_struct_na_base_pair.j_label_asym_id 
_ndb_struct_na_base_pair.j_label_comp_id 
_ndb_struct_na_base_pair.j_label_seq_id 
_ndb_struct_na_base_pair.j_symmetry 
_ndb_struct_na_base_pair.shear 
_ndb_struct_na_base_pair.stretch 
_ndb_struct_na_base_pair.stagger 
_ndb_struct_na_base_pair.buckle 
_ndb_struct_na_base_pair.propeller 
_ndb_struct_na_base_pair.opening 
_ndb_struct_na_base_pair.pair_number 
_ndb_struct_na_base_pair.pair_name 
_ndb_struct_na_base_pair.i_auth_asym_id 
_ndb_struct_na_base_pair.i_auth_seq_id 
_ndb_struct_na_base_pair.i_PDB_ins_code 
_ndb_struct_na_base_pair.j_auth_asym_id 
_ndb_struct_na_base_pair.j_auth_seq_id 
_ndb_struct_na_base_pair.j_PDB_ins_code 
_ndb_struct_na_base_pair.hbond_type_28 
_ndb_struct_na_base_pair.hbond_type_12 
1 A G 2  1_555 A U 26 1_555 -2.390 -0.722 0.123  0.980  -10.834 -2.461   1  A_G2648:U2672_A A 2648 ? A 2672 ? 28 1  
1 A C 3  1_555 A G 25 1_555 -0.904 0.100  0.217  0.602  -14.911 1.878    2  A_C2649:G2671_A A 2649 ? A 2671 ? 19 1  
1 A U 4  1_555 A A 24 1_555 -0.132 -0.039 -0.008 9.305  -10.298 -1.423   3  A_U2650:A2670_A A 2650 ? A 2670 ? 20 1  
1 A C 5  1_555 A G 23 1_555 0.289  -0.109 0.012  4.442  -19.190 3.204    4  A_C2651:G2669_A A 2651 ? A 2669 ? 19 1  
1 A C 6  1_555 A G 22 1_555 0.282  -0.161 0.002  -2.481 -12.093 -1.933   5  A_C2652:G2668_A A 2652 ? A 2668 ? 19 1  
1 A U 7  1_555 A C 21 1_555 5.837  -2.190 -0.313 -1.468 -12.231 -13.146  6  A_U2653:C2667_A A 2653 ? A 2667 ? ?  ?  
1 A U 10 1_555 A A 19 1_555 4.050  -1.801 -0.656 7.530  -18.494 -102.950 7  A_U2656:A2665_A A 2656 ? A 2665 ? 24 4  
1 A A 11 1_555 A G 18 1_555 -6.804 -4.231 -0.193 -1.015 7.118   -1.380   8  A_A2657:G2664_A A 2657 ? A 2664 ? 11 10 
1 A C 12 1_555 A G 17 1_555 0.109  -0.091 -0.062 8.508  -3.025  0.167    9  A_C2658:G2663_A A 2658 ? A 2663 ? 19 1  
1 A G 13 1_555 A A 16 1_555 7.201  -5.205 0.559  20.018 -5.685  -19.020  10 A_G2659:A2662_A A 2659 ? A 2662 ? ?  ?  
# 
loop_
_ndb_struct_na_base_pair_step.model_number 
_ndb_struct_na_base_pair_step.i_label_asym_id_1 
_ndb_struct_na_base_pair_step.i_label_comp_id_1 
_ndb_struct_na_base_pair_step.i_label_seq_id_1 
_ndb_struct_na_base_pair_step.i_symmetry_1 
_ndb_struct_na_base_pair_step.j_label_asym_id_1 
_ndb_struct_na_base_pair_step.j_label_comp_id_1 
_ndb_struct_na_base_pair_step.j_label_seq_id_1 
_ndb_struct_na_base_pair_step.j_symmetry_1 
_ndb_struct_na_base_pair_step.i_label_asym_id_2 
_ndb_struct_na_base_pair_step.i_label_comp_id_2 
_ndb_struct_na_base_pair_step.i_label_seq_id_2 
_ndb_struct_na_base_pair_step.i_symmetry_2 
_ndb_struct_na_base_pair_step.j_label_asym_id_2 
_ndb_struct_na_base_pair_step.j_label_comp_id_2 
_ndb_struct_na_base_pair_step.j_label_seq_id_2 
_ndb_struct_na_base_pair_step.j_symmetry_2 
_ndb_struct_na_base_pair_step.shift 
_ndb_struct_na_base_pair_step.slide 
_ndb_struct_na_base_pair_step.rise 
_ndb_struct_na_base_pair_step.tilt 
_ndb_struct_na_base_pair_step.roll 
_ndb_struct_na_base_pair_step.twist 
_ndb_struct_na_base_pair_step.x_displacement 
_ndb_struct_na_base_pair_step.y_displacement 
_ndb_struct_na_base_pair_step.helical_rise 
_ndb_struct_na_base_pair_step.inclination 
_ndb_struct_na_base_pair_step.tip 
_ndb_struct_na_base_pair_step.helical_twist 
_ndb_struct_na_base_pair_step.step_number 
_ndb_struct_na_base_pair_step.step_name 
_ndb_struct_na_base_pair_step.i_auth_asym_id_1 
_ndb_struct_na_base_pair_step.i_auth_seq_id_1 
_ndb_struct_na_base_pair_step.i_PDB_ins_code_1 
_ndb_struct_na_base_pair_step.j_auth_asym_id_1 
_ndb_struct_na_base_pair_step.j_auth_seq_id_1 
_ndb_struct_na_base_pair_step.j_PDB_ins_code_1 
_ndb_struct_na_base_pair_step.i_auth_asym_id_2 
_ndb_struct_na_base_pair_step.i_auth_seq_id_2 
_ndb_struct_na_base_pair_step.i_PDB_ins_code_2 
_ndb_struct_na_base_pair_step.j_auth_asym_id_2 
_ndb_struct_na_base_pair_step.j_auth_seq_id_2 
_ndb_struct_na_base_pair_step.j_PDB_ins_code_2 
1 A G 2  1_555 A U 26 1_555 A C 3  1_555 A G 25 1_555 -0.396 -1.217 3.182 -2.780 3.666  43.214  -1.985 0.277  3.092 4.961  3.762   
43.446  1 AA_G2648C2649:G2671U2672_AA A 2648 ? A 2672 ? A 2649 ? A 2671 ? 
1 A C 3  1_555 A G 25 1_555 A U 4  1_555 A A 24 1_555 0.162  -2.060 2.980 0.434  7.686  28.059  -5.501 -0.243 2.347 15.486 -0.874  
29.076  2 AA_C2649U2650:A2670G2671_AA A 2649 ? A 2671 ? A 2650 ? A 2670 ? 
1 A U 4  1_555 A A 24 1_555 A C 5  1_555 A G 23 1_555 0.627  -1.306 3.245 0.432  4.051  36.500  -2.610 -0.938 3.094 6.444  -0.687  
36.719  3 AA_U2650C2651:G2669A2670_AA A 2650 ? A 2670 ? A 2651 ? A 2669 ? 
1 A C 5  1_555 A G 23 1_555 A C 6  1_555 A G 22 1_555 -0.697 -1.889 3.347 -0.491 9.356  31.832  -4.799 1.143  2.708 16.614 0.871   
33.147  4 AA_C2651C2652:G2668G2669_AA A 2651 ? A 2669 ? A 2652 ? A 2668 ? 
1 A C 6  1_555 A G 22 1_555 A U 7  1_555 A C 21 1_555 -0.595 -1.012 3.452 7.023  9.060  54.777  -1.613 1.049  3.169 9.728  -7.540  
55.872  5 AA_C2652U2653:C2667G2668_AA A 2652 ? A 2668 ? A 2653 ? A 2667 ? 
1 A U 7  1_555 A C 21 1_555 A U 10 1_555 A A 19 1_555 0.444  -0.877 6.333 4.643  -2.762 31.828  -0.617 0.816  6.383 -4.992 -8.391  
32.272  6 AA_U2653U2656:A2665C2667_AA A 2653 ? A 2667 ? A 2656 ? A 2665 ? 
1 A U 10 1_555 A A 19 1_555 A A 11 1_555 A G 18 1_555 5.165  -1.464 3.564 -2.094 -1.890 -10.702 11.064 22.934 4.172 9.911  -10.980 
-11.067 7 AA_U2656A2657:G2664A2665_AA A 2656 ? A 2665 ? A 2657 ? A 2664 ? 
1 A A 11 1_555 A G 18 1_555 A C 12 1_555 A G 17 1_555 -0.062 -1.170 3.143 -3.300 2.767  59.039  -1.319 -0.097 3.090 2.804  3.344   
59.182  8 AA_A2657C2658:G2663G2664_AA A 2657 ? A 2664 ? A 2658 ? A 2663 ? 
1 A C 12 1_555 A G 17 1_555 A G 13 1_555 A A 16 1_555 -2.701 -1.380 2.959 -7.205 4.351  50.005  -1.903 2.677  3.172 5.105  8.454   
50.664  9 AA_C2658G2659:A2662G2663_AA A 2658 ? A 2663 ? A 2659 ? A 2662 ? 
# 
_pdbx_audit_support.funding_organization   'Other private' 
_pdbx_audit_support.country                'United States' 
_pdbx_audit_support.grant_number           ? 
_pdbx_audit_support.ordinal                1 
# 
_pdbx_entity_instance_feature.ordinal        1 
_pdbx_entity_instance_feature.comp_id        2SG 
_pdbx_entity_instance_feature.asym_id        ? 
_pdbx_entity_instance_feature.seq_num        ? 
_pdbx_entity_instance_feature.auth_comp_id   2SG 
_pdbx_entity_instance_feature.auth_asym_id   ? 
_pdbx_entity_instance_feature.auth_seq_num   ? 
_pdbx_entity_instance_feature.feature_type   'SUBJECT OF INVESTIGATION' 
_pdbx_entity_instance_feature.details        ? 
# 
_pdbx_entity_nonpoly.entity_id   2 
_pdbx_entity_nonpoly.name        water 
_pdbx_entity_nonpoly.comp_id     HOH 
# 
_pdbx_initial_refinement_model.id               1 
_pdbx_initial_refinement_model.entity_id_list   ? 
_pdbx_initial_refinement_model.type             'experimental model' 
_pdbx_initial_refinement_model.source_name      PDB 
_pdbx_initial_refinement_model.accession_code   3S7C 
_pdbx_initial_refinement_model.details          'PDB ID: 3S7C' 
# 
loop_
_pdbx_reflns_twin.domain_id 
_pdbx_reflns_twin.crystal_id 
_pdbx_reflns_twin.diffrn_id 
_pdbx_reflns_twin.fraction 
_pdbx_reflns_twin.operator 
_pdbx_reflns_twin.type 
_pdbx_reflns_twin.mean_F_square_over_mean_F2 
_pdbx_reflns_twin.mean_I2_over_mean_I_square 
1 1 1 0.551 'H,  K,  L'  ? ? ? 
2 1 1 0.449 '-K, -H, -L' ? ? ? 
# 
_pdbx_struct_assembly_auth_evidence.id                     1 
_pdbx_struct_assembly_auth_evidence.assembly_id            1 
_pdbx_struct_assembly_auth_evidence.experimental_support   none 
_pdbx_struct_assembly_auth_evidence.details                ? 
# 
